data_8I96
#
_entry.id   8I96
#
_cell.length_a   1.00
_cell.length_b   1.00
_cell.length_c   1.00
_cell.angle_alpha   90.00
_cell.angle_beta   90.00
_cell.angle_gamma   90.00
#
_symmetry.space_group_name_H-M   'P 1'
#
loop_
_entity.id
_entity.type
_entity.pdbx_description
1 polymer 'Toll-like receptor 7'
2 non-polymer (1S,3R)-5-[4-(8-nitroquinolin-5-yl)piperazin-1-yl]carbonyladamantan-2-one
#
_entity_poly.entity_id   1
_entity_poly.type   'polypeptide(L)'
_entity_poly.pdbx_seq_one_letter_code
;RSPWARWFPKTLPCDVTLDVSKNHVIVDCTDKHLTEIPGGIPTNTTNLTLTINHIPDISPASFHRLVHLVEIDFRCNCVP
IRLGSKSNMCPRRLQIKPRSFSGLTYLKSLYLDGNQLLEIPQGLPPSLQLLSLEANNIFSIRKEQLTELANIEILYLGQN
CYYRNPCYVSYSIEKDAFLNLTKLKVLSLKDNNVTTVPTVLPSTLTELYLYNNMIAEIQEDDFNNLNQLQILDLSGNCPR
CYNAPFPCTPCKNNSPLQIPVNAFDALTELKVLRLHSNSLQHVPPRWFKNINNLQELDLSQNFLAKEIGDAKFLHFLPNL
IQLDLSFNFELQVYRASMNLSQAFSSLKSLKILRIRGYVFKELKSFQLSPLHNLQNLEVLDLGTNFIKIANLSMFKQFKR
LKVIDLSVNKISPSGDSLVPRGSSNARTSVESYEPQVLEQLYYFRYDKYARSCRFKNKEASFTSVQESCYKYGQTLDLSK
NSIFFIKSSDFQHLSFLKCLNLSGNLISQTLNGSEFQPLAELRYLDFSNNRLDLLHSTAFEELRKLEVLDISSNSHYFQS
EGITHMLNFTKNLKVLQKLMMNDNDISSSTSRTMESESLRTLEFRGNHLDVLWRDGDNRYLQLFKNLLKLEELDISKNSL
SFLPSGVFDGMPPNLKNLSLAKNGLKSFIWEKLRYLKNLETLDLSHNQLTTVPERLSNCSRSLKNLILKNNQIRSLTKYF
LQDAFQLRYLDLSSNKIQMIQKTSFPENVLNNLKMLLLHHNRFLCTCDAVWFVWWVQHTEVTIPYLATDVTCVGPGAHKG
QSVISLDLYTCELDLTNEFLVPR
;
_entity_poly.pdbx_strand_id   B,A
#
# COMPACT_ATOMS: atom_id res chain seq x y z
N ALA A 5 25.51 -41.82 -26.25
CA ALA A 5 24.28 -41.06 -26.45
C ALA A 5 24.50 -39.94 -27.46
N ARG A 6 25.56 -39.15 -27.24
CA ARG A 6 25.88 -38.04 -28.12
C ARG A 6 27.39 -37.83 -28.13
N TRP A 7 27.95 -37.64 -29.32
CA TRP A 7 29.37 -37.39 -29.49
C TRP A 7 29.64 -36.09 -30.24
N PHE A 8 28.66 -35.19 -30.29
CA PHE A 8 28.78 -33.90 -30.97
C PHE A 8 28.54 -32.79 -29.96
N PRO A 9 29.55 -32.43 -29.17
CA PRO A 9 29.36 -31.36 -28.18
C PRO A 9 29.25 -29.98 -28.83
N LYS A 10 28.05 -29.42 -28.82
CA LYS A 10 27.79 -28.10 -29.41
C LYS A 10 27.84 -27.06 -28.30
N THR A 11 28.87 -26.23 -28.29
CA THR A 11 29.05 -25.18 -27.30
C THR A 11 28.30 -23.91 -27.65
N LEU A 12 27.33 -23.97 -28.55
CA LEU A 12 26.56 -22.80 -28.94
C LEU A 12 25.66 -22.36 -27.79
N PRO A 13 25.82 -21.14 -27.26
CA PRO A 13 24.99 -20.70 -26.13
C PRO A 13 23.60 -20.22 -26.52
N CYS A 14 23.13 -20.52 -27.73
CA CYS A 14 21.83 -20.10 -28.20
C CYS A 14 20.91 -21.31 -28.40
N ASP A 15 19.62 -21.11 -28.16
CA ASP A 15 18.65 -22.17 -28.34
C ASP A 15 18.51 -22.51 -29.83
N VAL A 16 18.36 -23.79 -30.12
CA VAL A 16 18.23 -24.28 -31.49
C VAL A 16 16.90 -25.01 -31.62
N THR A 17 16.12 -24.64 -32.62
CA THR A 17 14.84 -25.27 -32.91
C THR A 17 14.85 -25.74 -34.35
N LEU A 18 14.44 -26.99 -34.57
CA LEU A 18 14.46 -27.61 -35.89
C LEU A 18 13.03 -27.90 -36.34
N ASP A 19 12.71 -27.51 -37.58
CA ASP A 19 11.43 -27.80 -38.21
C ASP A 19 11.74 -28.33 -39.61
N VAL A 20 11.79 -29.65 -39.74
CA VAL A 20 12.16 -30.26 -41.02
C VAL A 20 11.07 -30.05 -42.06
N SER A 21 9.80 -30.08 -41.63
CA SER A 21 8.70 -29.90 -42.57
C SER A 21 8.68 -28.47 -43.12
N LYS A 22 8.98 -27.49 -42.26
CA LYS A 22 9.01 -26.10 -42.68
C LYS A 22 10.39 -25.65 -43.13
N ASN A 23 11.42 -26.50 -42.99
CA ASN A 23 12.80 -26.14 -43.29
C ASN A 23 13.21 -24.88 -42.51
N HIS A 24 13.04 -24.92 -41.20
CA HIS A 24 13.33 -23.79 -40.34
C HIS A 24 14.29 -24.21 -39.23
N VAL A 25 15.49 -23.63 -39.26
CA VAL A 25 16.46 -23.79 -38.19
C VAL A 25 16.56 -22.45 -37.48
N ILE A 26 15.93 -22.37 -36.31
CA ILE A 26 15.81 -21.12 -35.56
C ILE A 26 16.88 -21.12 -34.46
N VAL A 27 17.78 -20.15 -34.53
CA VAL A 27 18.79 -19.92 -33.51
C VAL A 27 18.40 -18.68 -32.72
N ASP A 28 18.23 -18.84 -31.41
CA ASP A 28 17.70 -17.80 -30.54
C ASP A 28 18.75 -17.45 -29.49
N CYS A 29 19.25 -16.23 -29.52
CA CYS A 29 20.22 -15.73 -28.56
C CYS A 29 19.64 -14.57 -27.75
N THR A 30 18.39 -14.71 -27.31
CA THR A 30 17.71 -13.63 -26.61
C THR A 30 18.30 -13.44 -25.23
N ASP A 31 18.68 -12.19 -24.93
CA ASP A 31 19.20 -11.80 -23.62
C ASP A 31 20.41 -12.65 -23.22
N LYS A 32 21.42 -12.66 -24.10
CA LYS A 32 22.62 -13.45 -23.88
C LYS A 32 23.87 -12.63 -23.64
N HIS A 33 23.79 -11.30 -23.80
CA HIS A 33 24.89 -10.38 -23.48
C HIS A 33 26.18 -10.72 -24.24
N LEU A 34 26.05 -11.16 -25.48
CA LEU A 34 27.22 -11.53 -26.27
C LEU A 34 27.85 -10.28 -26.88
N THR A 35 29.18 -10.26 -26.94
CA THR A 35 29.93 -9.17 -27.54
C THR A 35 30.21 -9.41 -29.03
N GLU A 36 30.39 -10.65 -29.43
CA GLU A 36 30.57 -11.03 -30.82
C GLU A 36 29.70 -12.23 -31.09
N ILE A 37 29.19 -12.35 -32.31
CA ILE A 37 28.38 -13.54 -32.62
C ILE A 37 29.24 -14.79 -32.45
N PRO A 38 28.70 -15.88 -31.93
CA PRO A 38 29.52 -17.07 -31.71
C PRO A 38 29.93 -17.71 -33.02
N GLY A 39 31.06 -18.42 -32.99
CA GLY A 39 31.55 -19.10 -34.16
C GLY A 39 30.93 -20.48 -34.34
N GLY A 40 30.89 -20.93 -35.58
CA GLY A 40 30.38 -22.25 -35.90
C GLY A 40 28.88 -22.33 -36.09
N ILE A 41 28.25 -21.31 -36.64
CA ILE A 41 26.80 -21.37 -36.88
C ILE A 41 26.52 -22.40 -37.96
N PRO A 42 25.59 -23.33 -37.75
CA PRO A 42 25.25 -24.28 -38.82
C PRO A 42 24.68 -23.55 -40.03
N THR A 43 25.12 -23.99 -41.21
CA THR A 43 24.78 -23.30 -42.45
C THR A 43 23.31 -23.45 -42.85
N ASN A 44 22.58 -24.40 -42.27
CA ASN A 44 21.18 -24.57 -42.58
C ASN A 44 20.28 -23.62 -41.81
N THR A 45 20.84 -22.64 -41.12
CA THR A 45 20.04 -21.71 -40.32
C THR A 45 19.18 -20.82 -41.22
N THR A 46 17.94 -20.59 -40.79
CA THR A 46 17.01 -19.72 -41.50
C THR A 46 16.62 -18.51 -40.68
N ASN A 47 16.26 -18.69 -39.42
CA ASN A 47 15.90 -17.60 -38.53
C ASN A 47 17.06 -17.31 -37.58
N LEU A 48 17.43 -16.05 -37.47
CA LEU A 48 18.54 -15.63 -36.61
C LEU A 48 18.10 -14.44 -35.78
N THR A 49 18.20 -14.55 -34.46
CA THR A 49 17.70 -13.53 -33.55
C THR A 49 18.82 -13.10 -32.60
N LEU A 50 19.04 -11.80 -32.51
CA LEU A 50 20.01 -11.22 -31.57
C LEU A 50 19.38 -9.98 -30.95
N THR A 51 18.82 -10.15 -29.76
CA THR A 51 18.18 -9.07 -29.01
C THR A 51 19.27 -8.25 -28.31
N ILE A 52 18.90 -7.50 -27.27
CA ILE A 52 19.81 -6.63 -26.53
C ILE A 52 21.11 -7.34 -26.20
N ASN A 53 22.23 -6.77 -26.62
CA ASN A 53 23.54 -7.37 -26.50
C ASN A 53 24.56 -6.25 -26.34
N HIS A 54 25.85 -6.57 -26.53
CA HIS A 54 26.93 -5.59 -26.55
C HIS A 54 27.78 -5.75 -27.80
N ILE A 55 27.14 -6.09 -28.92
CA ILE A 55 27.86 -6.27 -30.18
C ILE A 55 28.17 -4.90 -30.77
N PRO A 56 29.45 -4.56 -30.99
CA PRO A 56 29.78 -3.24 -31.52
C PRO A 56 29.24 -2.99 -32.93
N ASP A 57 29.56 -3.88 -33.87
CA ASP A 57 29.28 -3.60 -35.27
C ASP A 57 28.96 -4.90 -36.00
N ILE A 58 28.71 -4.77 -37.30
CA ILE A 58 28.50 -5.89 -38.21
C ILE A 58 29.45 -5.71 -39.39
N SER A 59 30.09 -6.81 -39.80
CA SER A 59 30.98 -6.85 -40.94
C SER A 59 30.47 -7.90 -41.91
N PRO A 60 30.82 -7.78 -43.20
CA PRO A 60 30.39 -8.80 -44.16
C PRO A 60 30.81 -10.21 -43.80
N ALA A 61 31.80 -10.37 -42.92
CA ALA A 61 32.23 -11.69 -42.44
C ALA A 61 31.29 -12.27 -41.40
N SER A 62 30.20 -11.59 -41.06
CA SER A 62 29.26 -12.14 -40.08
C SER A 62 28.34 -13.16 -40.72
N PHE A 63 27.73 -12.82 -41.85
CA PHE A 63 26.82 -13.71 -42.57
C PHE A 63 27.50 -14.30 -43.81
N HIS A 64 28.78 -14.65 -43.72
CA HIS A 64 29.53 -15.06 -44.90
C HIS A 64 29.14 -16.46 -45.37
N ARG A 65 29.16 -17.44 -44.46
CA ARG A 65 28.82 -18.81 -44.81
C ARG A 65 27.39 -19.18 -44.43
N LEU A 66 26.50 -18.20 -44.35
CA LEU A 66 25.08 -18.44 -44.10
C LEU A 66 24.29 -17.76 -45.22
N VAL A 67 23.83 -18.56 -46.19
CA VAL A 67 23.06 -18.03 -47.31
C VAL A 67 21.59 -18.28 -47.07
N HIS A 68 21.28 -19.38 -46.38
CA HIS A 68 19.90 -19.81 -46.18
C HIS A 68 19.17 -18.98 -45.13
N LEU A 69 19.76 -17.89 -44.66
CA LEU A 69 19.11 -17.05 -43.67
C LEU A 69 17.93 -16.31 -44.29
N VAL A 70 16.76 -16.43 -43.66
CA VAL A 70 15.56 -15.76 -44.12
C VAL A 70 15.02 -14.75 -43.12
N GLU A 71 15.63 -14.63 -41.95
CA GLU A 71 15.17 -13.70 -40.92
C GLU A 71 16.34 -13.35 -40.01
N ILE A 72 16.64 -12.06 -39.91
CA ILE A 72 17.74 -11.57 -39.07
C ILE A 72 17.17 -10.55 -38.11
N ASP A 73 17.24 -10.85 -36.81
CA ASP A 73 16.72 -9.99 -35.77
C ASP A 73 17.91 -9.39 -35.00
N PHE A 74 18.20 -8.13 -35.28
CA PHE A 74 19.31 -7.40 -34.65
C PHE A 74 18.78 -6.22 -33.84
N ARG A 75 17.71 -6.47 -33.07
CA ARG A 75 16.96 -5.39 -32.44
C ARG A 75 17.58 -4.96 -31.12
N CYS A 76 17.75 -3.64 -30.96
CA CYS A 76 17.96 -3.00 -29.66
C CYS A 76 19.25 -3.46 -28.98
N ASN A 77 20.35 -3.41 -29.73
CA ASN A 77 21.64 -3.72 -29.12
C ASN A 77 22.18 -2.54 -28.32
N CYS A 78 21.98 -1.32 -28.81
CA CYS A 78 22.33 -0.11 -28.06
C CYS A 78 21.08 0.76 -28.02
N VAL A 79 20.25 0.54 -27.00
CA VAL A 79 18.97 1.22 -26.84
C VAL A 79 19.22 2.72 -26.68
N PRO A 80 18.36 3.59 -27.21
CA PRO A 80 18.54 5.03 -27.01
C PRO A 80 18.45 5.45 -25.55
N ILE A 81 18.61 6.76 -25.32
CA ILE A 81 18.84 7.27 -23.96
C ILE A 81 17.66 6.96 -23.05
N ARG A 82 16.44 7.00 -23.57
CA ARG A 82 15.26 6.93 -22.72
C ARG A 82 14.32 5.77 -23.05
N LEU A 83 14.68 4.88 -23.97
CA LEU A 83 13.80 3.79 -24.37
C LEU A 83 14.15 2.47 -23.69
N GLY A 84 15.18 2.42 -22.86
CA GLY A 84 15.54 1.19 -22.20
C GLY A 84 16.35 1.44 -20.95
N SER A 85 16.81 0.34 -20.35
CA SER A 85 17.63 0.42 -19.14
C SER A 85 19.00 0.98 -19.46
N LYS A 86 19.48 1.89 -18.61
CA LYS A 86 20.80 2.49 -18.77
C LYS A 86 21.90 1.67 -18.10
N SER A 87 21.65 0.40 -17.82
CA SER A 87 22.67 -0.49 -17.26
C SER A 87 23.55 -1.12 -18.33
N ASN A 88 23.17 -1.00 -19.61
CA ASN A 88 23.95 -1.52 -20.73
C ASN A 88 24.14 -0.38 -21.72
N MET A 89 25.25 0.35 -21.59
CA MET A 89 25.54 1.51 -22.42
C MET A 89 26.58 1.16 -23.47
N CYS A 90 26.30 1.55 -24.71
CA CYS A 90 27.26 1.37 -25.80
C CYS A 90 28.16 2.59 -25.90
N PRO A 91 29.43 2.42 -26.29
CA PRO A 91 30.31 3.58 -26.44
C PRO A 91 29.90 4.51 -27.57
N ARG A 92 29.29 3.97 -28.62
CA ARG A 92 28.84 4.77 -29.76
C ARG A 92 27.62 4.09 -30.37
N ARG A 93 27.20 4.60 -31.53
CA ARG A 93 26.07 4.02 -32.23
C ARG A 93 26.51 2.81 -33.05
N LEU A 94 25.54 2.13 -33.65
CA LEU A 94 25.82 0.97 -34.47
C LEU A 94 26.25 1.40 -35.86
N GLN A 95 27.23 0.67 -36.42
CA GLN A 95 27.73 0.91 -37.76
C GLN A 95 27.70 -0.39 -38.55
N ILE A 96 27.41 -0.28 -39.85
CA ILE A 96 27.33 -1.43 -40.75
C ILE A 96 28.21 -1.14 -41.95
N LYS A 97 29.20 -2.02 -42.18
CA LYS A 97 30.04 -1.88 -43.35
C LYS A 97 29.23 -2.12 -44.61
N PRO A 98 29.62 -1.50 -45.74
CA PRO A 98 28.89 -1.74 -46.99
C PRO A 98 28.95 -3.21 -47.39
N ARG A 99 27.89 -3.65 -48.07
CA ARG A 99 27.75 -5.04 -48.52
C ARG A 99 27.81 -6.02 -47.35
N SER A 100 27.08 -5.72 -46.29
CA SER A 100 26.95 -6.63 -45.16
C SER A 100 25.77 -7.58 -45.29
N PHE A 101 24.84 -7.32 -46.22
CA PHE A 101 23.70 -8.18 -46.43
C PHE A 101 23.53 -8.60 -47.88
N SER A 102 24.44 -8.21 -48.77
CA SER A 102 24.31 -8.59 -50.18
C SER A 102 24.52 -10.08 -50.37
N GLY A 103 25.29 -10.73 -49.50
CA GLY A 103 25.51 -12.15 -49.58
C GLY A 103 24.37 -13.02 -49.11
N LEU A 104 23.26 -12.42 -48.67
CA LEU A 104 22.09 -13.16 -48.21
C LEU A 104 21.05 -13.14 -49.33
N THR A 105 21.20 -14.07 -50.27
CA THR A 105 20.28 -14.14 -51.40
C THR A 105 18.89 -14.62 -51.00
N TYR A 106 18.78 -15.34 -49.88
CA TYR A 106 17.50 -15.86 -49.41
C TYR A 106 16.92 -15.06 -48.25
N LEU A 107 17.45 -13.86 -47.99
CA LEU A 107 16.95 -13.06 -46.89
C LEU A 107 15.58 -12.46 -47.23
N LYS A 108 14.68 -12.50 -46.26
CA LYS A 108 13.33 -11.99 -46.45
C LYS A 108 12.84 -11.09 -45.32
N SER A 109 13.57 -11.00 -44.21
CA SER A 109 13.16 -10.17 -43.09
C SER A 109 14.39 -9.66 -42.37
N LEU A 110 14.29 -8.45 -41.82
CA LEU A 110 15.39 -7.83 -41.11
C LEU A 110 14.83 -6.86 -40.07
N TYR A 111 15.27 -7.02 -38.82
CA TYR A 111 14.84 -6.17 -37.71
C TYR A 111 16.05 -5.44 -37.16
N LEU A 112 16.07 -4.11 -37.31
CA LEU A 112 17.15 -3.27 -36.82
C LEU A 112 16.62 -2.17 -35.92
N ASP A 113 15.72 -2.52 -35.00
CA ASP A 113 15.09 -1.55 -34.13
C ASP A 113 16.00 -1.19 -32.97
N GLY A 114 15.99 0.08 -32.59
CA GLY A 114 16.68 0.54 -31.39
C GLY A 114 18.19 0.42 -31.41
N ASN A 115 18.82 0.72 -32.54
CA ASN A 115 20.26 0.62 -32.66
C ASN A 115 20.91 1.96 -33.05
N GLN A 116 20.15 3.06 -33.04
CA GLN A 116 20.68 4.40 -33.21
C GLN A 116 21.39 4.58 -34.55
N LEU A 117 20.73 4.15 -35.63
CA LEU A 117 21.27 4.37 -36.96
C LEU A 117 20.91 5.77 -37.45
N LEU A 118 21.81 6.36 -38.23
CA LEU A 118 21.58 7.69 -38.78
C LEU A 118 20.81 7.66 -40.09
N GLU A 119 21.01 6.65 -40.91
CA GLU A 119 20.31 6.52 -42.19
C GLU A 119 20.07 5.04 -42.49
N ILE A 120 19.28 4.81 -43.53
CA ILE A 120 18.94 3.43 -43.92
C ILE A 120 20.19 2.75 -44.47
N PRO A 121 20.51 1.53 -44.03
CA PRO A 121 21.70 0.84 -44.57
C PRO A 121 21.52 0.51 -46.04
N GLN A 122 22.65 0.48 -46.75
CA GLN A 122 22.68 0.17 -48.17
C GLN A 122 23.28 -1.21 -48.39
N GLY A 123 23.02 -1.77 -49.57
CA GLY A 123 23.49 -3.09 -49.91
C GLY A 123 22.57 -4.23 -49.55
N LEU A 124 21.32 -3.94 -49.19
CA LEU A 124 20.38 -4.99 -48.84
C LEU A 124 19.99 -5.79 -50.07
N PRO A 125 19.70 -7.09 -49.91
CA PRO A 125 19.36 -7.91 -51.06
C PRO A 125 17.98 -7.55 -51.59
N PRO A 126 17.72 -7.81 -52.87
CA PRO A 126 16.39 -7.49 -53.42
C PRO A 126 15.29 -8.43 -52.95
N SER A 127 15.64 -9.58 -52.38
CA SER A 127 14.64 -10.52 -51.88
C SER A 127 14.08 -10.15 -50.51
N LEU A 128 14.53 -9.03 -49.94
CA LEU A 128 14.05 -8.62 -48.62
C LEU A 128 12.60 -8.17 -48.71
N GLN A 129 11.75 -8.77 -47.89
CA GLN A 129 10.33 -8.43 -47.87
C GLN A 129 9.92 -7.64 -46.63
N LEU A 130 10.71 -7.71 -45.55
CA LEU A 130 10.43 -6.97 -44.33
C LEU A 130 11.67 -6.24 -43.88
N LEU A 131 11.50 -5.00 -43.43
CA LEU A 131 12.60 -4.20 -42.92
C LEU A 131 12.06 -3.22 -41.90
N SER A 132 12.47 -3.38 -40.65
CA SER A 132 12.02 -2.54 -39.54
C SER A 132 13.20 -1.74 -39.01
N LEU A 133 13.07 -0.41 -39.00
CA LEU A 133 14.10 0.50 -38.54
C LEU A 133 13.56 1.42 -37.47
N GLU A 134 12.85 0.86 -36.49
CA GLU A 134 12.22 1.67 -35.46
C GLU A 134 13.24 2.08 -34.40
N ALA A 135 12.87 3.10 -33.62
CA ALA A 135 13.67 3.59 -32.51
C ALA A 135 15.10 3.95 -32.93
N ASN A 136 15.23 4.48 -34.14
CA ASN A 136 16.52 4.89 -34.68
C ASN A 136 16.55 6.41 -34.83
N ASN A 137 17.67 6.91 -35.34
CA ASN A 137 17.87 8.33 -35.56
C ASN A 137 17.80 8.71 -37.04
N ILE A 138 16.96 8.00 -37.80
CA ILE A 138 16.79 8.27 -39.22
C ILE A 138 15.62 9.24 -39.37
N PHE A 139 15.95 10.52 -39.53
CA PHE A 139 14.95 11.57 -39.70
C PHE A 139 15.02 12.18 -41.09
N SER A 140 15.44 11.41 -42.08
CA SER A 140 15.54 11.89 -43.45
C SER A 140 15.33 10.72 -44.40
N ILE A 141 14.38 10.88 -45.32
CA ILE A 141 14.02 9.85 -46.29
C ILE A 141 14.28 10.38 -47.68
N ARG A 142 15.09 9.67 -48.46
CA ARG A 142 15.43 10.04 -49.82
C ARG A 142 15.05 8.91 -50.78
N LYS A 143 15.22 9.18 -52.07
CA LYS A 143 14.85 8.19 -53.09
C LYS A 143 16.02 7.27 -53.42
N GLU A 144 17.24 7.81 -53.43
CA GLU A 144 18.41 7.00 -53.79
C GLU A 144 18.67 5.91 -52.76
N GLN A 145 18.34 6.15 -51.49
CA GLN A 145 18.50 5.12 -50.46
C GLN A 145 17.33 4.16 -50.41
N LEU A 146 16.25 4.44 -51.13
CA LEU A 146 15.10 3.54 -51.22
C LEU A 146 15.02 2.82 -52.55
N THR A 147 15.89 3.17 -53.51
CA THR A 147 15.88 2.47 -54.80
C THR A 147 16.16 0.99 -54.64
N GLU A 148 16.94 0.60 -53.63
CA GLU A 148 17.27 -0.80 -53.42
C GLU A 148 16.14 -1.60 -52.81
N LEU A 149 15.12 -0.94 -52.28
CA LEU A 149 13.98 -1.60 -51.63
C LEU A 149 12.78 -1.71 -52.55
N ALA A 150 13.01 -1.90 -53.85
CA ALA A 150 11.91 -1.98 -54.81
C ALA A 150 11.02 -3.21 -54.61
N ASN A 151 11.45 -4.18 -53.81
CA ASN A 151 10.66 -5.38 -53.55
C ASN A 151 10.31 -5.52 -52.08
N ILE A 152 10.45 -4.45 -51.29
CA ILE A 152 10.08 -4.51 -49.89
C ILE A 152 8.55 -4.52 -49.75
N GLU A 153 8.07 -5.12 -48.67
CA GLU A 153 6.63 -5.23 -48.42
C GLU A 153 6.20 -4.65 -47.09
N ILE A 154 7.05 -4.70 -46.07
CA ILE A 154 6.74 -4.16 -44.75
C ILE A 154 7.90 -3.26 -44.33
N LEU A 155 7.60 -2.01 -44.00
CA LEU A 155 8.62 -1.02 -43.63
C LEU A 155 8.18 -0.34 -42.34
N TYR A 156 8.94 -0.54 -41.28
CA TYR A 156 8.67 0.05 -39.97
C TYR A 156 9.74 1.11 -39.71
N LEU A 157 9.43 2.35 -40.06
CA LEU A 157 10.32 3.49 -39.85
C LEU A 157 9.80 4.40 -38.73
N GLY A 158 9.21 3.80 -37.70
CA GLY A 158 8.58 4.56 -36.64
C GLY A 158 9.52 4.86 -35.47
N GLN A 159 9.00 5.66 -34.55
CA GLN A 159 9.69 6.01 -33.30
C GLN A 159 11.08 6.61 -33.56
N ASN A 160 11.16 7.46 -34.59
CA ASN A 160 12.45 8.05 -34.96
C ASN A 160 12.69 9.42 -34.35
N CYS A 161 11.63 10.19 -34.05
CA CYS A 161 11.81 11.52 -33.50
C CYS A 161 10.58 11.87 -32.66
N TYR A 162 10.71 11.73 -31.34
CA TYR A 162 9.67 12.13 -30.39
C TYR A 162 10.33 12.25 -29.02
N TYR A 163 9.50 12.38 -27.98
CA TYR A 163 10.03 12.75 -26.67
C TYR A 163 10.93 11.67 -26.08
N ARG A 164 10.73 10.41 -26.46
CA ARG A 164 11.59 9.35 -25.95
C ARG A 164 12.93 9.28 -26.70
N ASN A 165 12.92 9.60 -27.99
CA ASN A 165 14.14 9.61 -28.80
C ASN A 165 14.12 10.86 -29.67
N PRO A 166 14.56 11.99 -29.13
CA PRO A 166 14.44 13.25 -29.86
C PRO A 166 15.51 13.42 -30.92
N CYS A 167 15.16 14.18 -31.96
CA CYS A 167 16.09 14.56 -33.01
C CYS A 167 16.03 16.04 -33.35
N TYR A 168 15.09 16.79 -32.79
CA TYR A 168 14.98 18.24 -32.87
C TYR A 168 14.74 18.75 -34.29
N VAL A 169 14.46 17.88 -35.25
CA VAL A 169 14.22 18.26 -36.63
C VAL A 169 12.97 17.55 -37.13
N SER A 170 12.14 18.28 -37.88
CA SER A 170 10.95 17.67 -38.46
C SER A 170 11.35 16.61 -39.49
N TYR A 171 10.51 15.59 -39.61
CA TYR A 171 10.79 14.49 -40.53
C TYR A 171 10.78 14.98 -41.97
N SER A 172 11.91 14.83 -42.65
CA SER A 172 12.08 15.28 -44.02
C SER A 172 11.93 14.10 -44.97
N ILE A 173 10.92 14.14 -45.83
CA ILE A 173 10.68 13.10 -46.83
C ILE A 173 10.56 13.80 -48.19
N GLU A 174 11.45 13.43 -49.11
CA GLU A 174 11.43 14.03 -50.44
C GLU A 174 10.23 13.52 -51.24
N LYS A 175 9.86 14.30 -52.26
CA LYS A 175 8.70 13.98 -53.09
C LYS A 175 8.87 12.61 -53.75
N ASP A 176 7.83 11.77 -53.62
CA ASP A 176 7.78 10.46 -54.25
C ASP A 176 8.95 9.58 -53.79
N ALA A 177 9.15 9.53 -52.47
CA ALA A 177 10.22 8.68 -51.92
C ALA A 177 9.80 7.22 -51.90
N PHE A 178 8.54 6.95 -51.60
CA PHE A 178 8.02 5.59 -51.54
C PHE A 178 7.19 5.23 -52.77
N LEU A 179 7.22 6.06 -53.82
CA LEU A 179 6.37 5.82 -54.98
C LEU A 179 6.81 4.58 -55.74
N ASN A 180 8.12 4.42 -55.92
CA ASN A 180 8.66 3.30 -56.70
C ASN A 180 8.68 1.98 -55.94
N LEU A 181 8.06 1.92 -54.76
CA LEU A 181 7.98 0.68 -53.98
C LEU A 181 6.65 0.01 -54.34
N THR A 182 6.66 -0.67 -55.49
CA THR A 182 5.44 -1.26 -56.02
C THR A 182 4.94 -2.44 -55.19
N LYS A 183 5.80 -3.05 -54.37
CA LYS A 183 5.41 -4.18 -53.54
C LYS A 183 5.20 -3.80 -52.09
N LEU A 184 5.25 -2.51 -51.76
CA LEU A 184 5.08 -2.08 -50.37
C LEU A 184 3.62 -2.21 -49.96
N LYS A 185 3.38 -2.80 -48.78
CA LYS A 185 2.04 -3.00 -48.26
C LYS A 185 1.83 -2.39 -46.89
N VAL A 186 2.83 -2.43 -46.02
CA VAL A 186 2.74 -1.89 -44.66
C VAL A 186 3.80 -0.81 -44.51
N LEU A 187 3.40 0.35 -43.99
CA LEU A 187 4.30 1.47 -43.76
C LEU A 187 3.88 2.17 -42.49
N SER A 188 4.77 2.16 -41.48
CA SER A 188 4.49 2.75 -40.18
C SER A 188 5.49 3.88 -39.94
N LEU A 189 5.00 5.11 -39.89
CA LEU A 189 5.81 6.29 -39.63
C LEU A 189 5.45 6.91 -38.28
N LYS A 190 5.20 6.06 -37.28
CA LYS A 190 4.74 6.54 -35.98
C LYS A 190 5.87 7.21 -35.21
N ASP A 191 5.50 8.27 -34.47
CA ASP A 191 6.42 8.96 -33.56
C ASP A 191 7.68 9.41 -34.28
N ASN A 192 7.49 10.05 -35.44
CA ASN A 192 8.61 10.48 -36.27
C ASN A 192 8.65 12.00 -36.45
N ASN A 193 7.80 12.74 -35.75
CA ASN A 193 7.72 14.20 -35.90
C ASN A 193 7.42 14.59 -37.34
N VAL A 194 6.54 13.82 -37.99
CA VAL A 194 6.19 14.09 -39.38
C VAL A 194 5.25 15.28 -39.45
N THR A 195 5.53 16.18 -40.39
CA THR A 195 4.70 17.37 -40.58
C THR A 195 3.63 17.16 -41.64
N THR A 196 3.98 16.51 -42.75
CA THR A 196 3.05 16.27 -43.84
C THR A 196 3.19 14.83 -44.33
N VAL A 197 2.06 14.26 -44.74
CA VAL A 197 2.05 12.87 -45.22
C VAL A 197 2.91 12.76 -46.46
N PRO A 198 3.77 11.73 -46.57
CA PRO A 198 4.67 11.64 -47.74
C PRO A 198 3.97 11.22 -49.02
N THR A 199 3.34 12.18 -49.71
CA THR A 199 2.75 11.91 -51.01
C THR A 199 3.81 12.03 -52.10
N VAL A 200 3.75 11.13 -53.08
CA VAL A 200 2.73 10.09 -53.16
C VAL A 200 3.26 8.77 -52.62
N LEU A 201 2.38 8.03 -51.96
CA LEU A 201 2.51 6.70 -51.39
C LEU A 201 2.18 5.64 -52.44
N PRO A 202 2.74 4.44 -52.32
CA PRO A 202 2.43 3.39 -53.32
C PRO A 202 0.98 2.97 -53.26
N SER A 203 0.41 2.72 -54.44
CA SER A 203 -1.00 2.36 -54.54
C SER A 203 -1.31 0.97 -54.00
N THR A 204 -0.29 0.17 -53.69
CA THR A 204 -0.47 -1.17 -53.16
C THR A 204 -0.38 -1.21 -51.64
N LEU A 205 -0.56 -0.08 -50.98
CA LEU A 205 -0.50 -0.03 -49.53
C LEU A 205 -1.78 -0.61 -48.93
N THR A 206 -1.62 -1.38 -47.85
CA THR A 206 -2.73 -1.96 -47.12
C THR A 206 -2.83 -1.50 -45.68
N GLU A 207 -1.71 -1.13 -45.05
CA GLU A 207 -1.70 -0.65 -43.67
C GLU A 207 -0.81 0.58 -43.61
N LEU A 208 -1.38 1.70 -43.15
CA LEU A 208 -0.66 2.96 -43.07
C LEU A 208 -0.77 3.49 -41.64
N TYR A 209 0.35 3.50 -40.93
CA TYR A 209 0.39 3.93 -39.52
C TYR A 209 1.18 5.22 -39.45
N LEU A 210 0.47 6.35 -39.48
CA LEU A 210 1.07 7.67 -39.34
C LEU A 210 0.68 8.32 -38.01
N TYR A 211 0.50 7.51 -36.97
CA TYR A 211 -0.04 8.02 -35.72
C TYR A 211 1.07 8.54 -34.80
N ASN A 212 0.66 9.37 -33.84
CA ASN A 212 1.57 10.00 -32.88
C ASN A 212 2.60 10.88 -33.60
N ASN A 213 2.12 11.73 -34.49
CA ASN A 213 2.98 12.65 -35.22
C ASN A 213 2.49 14.08 -35.06
N MET A 214 3.11 15.03 -35.78
CA MET A 214 2.74 16.43 -35.72
C MET A 214 2.06 16.90 -37.00
N ILE A 215 1.32 16.01 -37.66
CA ILE A 215 0.57 16.36 -38.86
C ILE A 215 -0.61 17.21 -38.46
N ALA A 216 -0.66 18.44 -38.96
CA ALA A 216 -1.71 19.39 -38.61
C ALA A 216 -2.84 19.47 -39.62
N GLU A 217 -2.55 19.25 -40.91
CA GLU A 217 -3.55 19.36 -41.96
C GLU A 217 -3.39 18.21 -42.94
N ILE A 218 -4.54 17.66 -43.38
CA ILE A 218 -4.58 16.60 -44.37
C ILE A 218 -5.04 17.20 -45.69
N GLN A 219 -4.38 16.81 -46.77
CA GLN A 219 -4.72 17.30 -48.10
C GLN A 219 -5.76 16.40 -48.76
N GLU A 220 -6.51 16.99 -49.69
CA GLU A 220 -7.51 16.23 -50.43
C GLU A 220 -6.88 15.28 -51.45
N ASP A 221 -5.66 15.57 -51.90
CA ASP A 221 -4.93 14.69 -52.81
C ASP A 221 -3.90 13.85 -52.08
N ASP A 222 -4.18 13.50 -50.82
CA ASP A 222 -3.23 12.75 -50.00
C ASP A 222 -3.44 11.24 -50.16
N PHE A 223 -4.65 10.75 -49.87
CA PHE A 223 -5.01 9.36 -50.06
C PHE A 223 -5.76 9.14 -51.37
N ASN A 224 -5.43 9.93 -52.39
CA ASN A 224 -6.15 9.89 -53.65
C ASN A 224 -5.87 8.64 -54.47
N ASN A 225 -4.73 7.98 -54.23
CA ASN A 225 -4.36 6.79 -54.98
C ASN A 225 -4.47 5.50 -54.18
N LEU A 226 -4.58 5.59 -52.86
CA LEU A 226 -4.67 4.40 -52.01
C LEU A 226 -6.07 3.82 -52.12
N ASN A 227 -6.22 2.81 -52.98
CA ASN A 227 -7.49 2.11 -53.14
C ASN A 227 -7.51 0.74 -52.47
N GLN A 228 -6.34 0.19 -52.13
CA GLN A 228 -6.26 -1.08 -51.44
C GLN A 228 -5.94 -0.93 -49.96
N LEU A 229 -6.03 0.28 -49.42
CA LEU A 229 -5.72 0.50 -48.01
C LEU A 229 -6.83 -0.07 -47.13
N GLN A 230 -6.43 -0.74 -46.06
CA GLN A 230 -7.35 -1.35 -45.12
C GLN A 230 -7.27 -0.80 -43.71
N ILE A 231 -6.08 -0.36 -43.28
CA ILE A 231 -5.87 0.20 -41.95
C ILE A 231 -5.24 1.57 -42.09
N LEU A 232 -5.87 2.58 -41.50
CA LEU A 232 -5.38 3.96 -41.52
C LEU A 232 -5.39 4.47 -40.09
N ASP A 233 -4.21 4.76 -39.55
CA ASP A 233 -4.06 5.15 -38.15
C ASP A 233 -3.48 6.56 -38.09
N LEU A 234 -4.33 7.53 -37.73
CA LEU A 234 -3.95 8.93 -37.61
C LEU A 234 -4.16 9.44 -36.19
N SER A 235 -3.74 8.64 -35.21
CA SER A 235 -3.98 8.93 -33.80
C SER A 235 -2.85 9.76 -33.23
N GLY A 236 -3.21 10.80 -32.46
CA GLY A 236 -2.23 11.64 -31.81
C GLY A 236 -1.87 12.92 -32.54
N ASN A 237 -2.33 13.09 -33.77
CA ASN A 237 -2.10 14.34 -34.49
C ASN A 237 -3.00 15.41 -33.89
N CYS A 238 -2.40 16.50 -33.40
CA CYS A 238 -3.09 17.53 -32.65
C CYS A 238 -3.80 16.88 -31.46
N PRO A 239 -3.05 16.36 -30.48
CA PRO A 239 -3.66 15.51 -29.46
C PRO A 239 -4.34 16.32 -28.35
N ARG A 240 -5.07 15.59 -27.52
CA ARG A 240 -5.68 16.15 -26.32
C ARG A 240 -4.64 16.13 -25.20
N CYS A 241 -4.08 17.29 -24.89
CA CYS A 241 -2.93 17.39 -24.01
C CYS A 241 -3.30 17.63 -22.55
N TYR A 242 -4.59 17.78 -22.24
CA TYR A 242 -5.00 18.06 -20.87
C TYR A 242 -4.77 16.82 -20.00
N ASN A 243 -4.03 17.01 -18.91
CA ASN A 243 -3.75 15.94 -17.94
C ASN A 243 -3.09 14.74 -18.62
N ALA A 244 -2.16 15.01 -19.53
CA ALA A 244 -1.45 13.94 -20.22
C ALA A 244 -0.18 13.58 -19.47
N PRO A 245 0.02 12.32 -19.12
CA PRO A 245 1.25 11.92 -18.41
C PRO A 245 2.48 11.80 -19.29
N PHE A 246 2.41 12.29 -20.53
CA PHE A 246 3.53 12.24 -21.45
C PHE A 246 3.73 13.60 -22.10
N PRO A 247 4.97 13.95 -22.45
CA PRO A 247 5.22 15.22 -23.15
C PRO A 247 4.51 15.24 -24.50
N CYS A 248 3.55 16.15 -24.64
CA CYS A 248 2.77 16.27 -25.87
C CYS A 248 2.71 17.74 -26.27
N THR A 249 2.77 17.98 -27.57
CA THR A 249 2.71 19.34 -28.12
C THR A 249 1.41 19.52 -28.88
N PRO A 250 0.45 20.27 -28.36
CA PRO A 250 -0.82 20.45 -29.06
C PRO A 250 -0.71 21.51 -30.15
N CYS A 251 -1.71 21.53 -31.03
CA CYS A 251 -1.76 22.52 -32.08
C CYS A 251 -2.16 23.88 -31.52
N LYS A 252 -1.86 24.92 -32.29
CA LYS A 252 -2.19 26.28 -31.87
C LYS A 252 -3.69 26.51 -31.96
N ASN A 253 -4.19 27.35 -31.05
CA ASN A 253 -5.60 27.71 -30.92
C ASN A 253 -6.49 26.52 -30.62
N ASN A 254 -5.91 25.41 -30.14
CA ASN A 254 -6.65 24.20 -29.80
C ASN A 254 -7.48 23.71 -30.99
N SER A 255 -6.85 23.67 -32.16
CA SER A 255 -7.56 23.25 -33.36
C SER A 255 -7.39 21.75 -33.58
N PRO A 256 -8.45 21.07 -34.05
CA PRO A 256 -8.35 19.64 -34.32
C PRO A 256 -7.56 19.38 -35.60
N LEU A 257 -7.40 18.08 -35.91
CA LEU A 257 -6.76 17.68 -37.15
C LEU A 257 -7.63 18.05 -38.34
N GLN A 258 -7.16 18.99 -39.16
CA GLN A 258 -7.94 19.49 -40.29
C GLN A 258 -7.98 18.43 -41.37
N ILE A 259 -9.05 17.65 -41.39
CA ILE A 259 -9.27 16.61 -42.40
C ILE A 259 -10.40 17.08 -43.31
N PRO A 260 -10.19 17.17 -44.61
CA PRO A 260 -11.27 17.62 -45.51
C PRO A 260 -12.40 16.60 -45.56
N VAL A 261 -13.55 17.08 -46.05
CA VAL A 261 -14.72 16.21 -46.17
C VAL A 261 -14.48 15.16 -47.25
N ASN A 262 -13.87 15.55 -48.37
CA ASN A 262 -13.55 14.63 -49.45
C ASN A 262 -12.12 14.08 -49.31
N ALA A 263 -11.81 13.52 -48.15
CA ALA A 263 -10.49 12.96 -47.88
C ALA A 263 -10.45 11.44 -48.00
N PHE A 264 -11.41 10.75 -47.40
CA PHE A 264 -11.50 9.30 -47.51
C PHE A 264 -12.37 8.88 -48.69
N ASP A 265 -12.04 9.37 -49.88
CA ASP A 265 -12.80 9.07 -51.09
C ASP A 265 -12.26 7.82 -51.80
N ALA A 266 -10.96 7.82 -52.12
CA ALA A 266 -10.37 6.68 -52.79
C ALA A 266 -10.29 5.45 -51.89
N LEU A 267 -10.38 5.63 -50.57
CA LEU A 267 -10.36 4.51 -49.64
C LEU A 267 -11.67 3.75 -49.75
N THR A 268 -11.62 2.56 -50.34
CA THR A 268 -12.79 1.71 -50.49
C THR A 268 -12.70 0.42 -49.70
N GLU A 269 -11.51 -0.16 -49.55
CA GLU A 269 -11.31 -1.38 -48.79
C GLU A 269 -10.88 -1.10 -47.35
N LEU A 270 -11.11 0.11 -46.85
CA LEU A 270 -10.70 0.46 -45.50
C LEU A 270 -11.60 -0.23 -44.48
N LYS A 271 -10.98 -0.95 -43.55
CA LYS A 271 -11.70 -1.65 -42.49
C LYS A 271 -11.40 -1.11 -41.10
N VAL A 272 -10.23 -0.52 -40.88
CA VAL A 272 -9.85 0.02 -39.58
C VAL A 272 -9.45 1.47 -39.77
N LEU A 273 -10.08 2.37 -39.02
CA LEU A 273 -9.78 3.80 -39.08
C LEU A 273 -9.77 4.33 -37.65
N ARG A 274 -8.58 4.62 -37.12
CA ARG A 274 -8.42 5.10 -35.76
C ARG A 274 -8.07 6.58 -35.78
N LEU A 275 -8.95 7.40 -35.20
CA LEU A 275 -8.74 8.84 -35.05
C LEU A 275 -8.65 9.20 -33.57
N HIS A 276 -7.99 8.36 -32.79
CA HIS A 276 -7.91 8.57 -31.35
C HIS A 276 -7.00 9.75 -31.02
N SER A 277 -7.45 10.59 -30.09
CA SER A 277 -6.67 11.71 -29.58
C SER A 277 -6.28 12.67 -30.70
N ASN A 278 -7.29 13.22 -31.35
CA ASN A 278 -7.11 14.21 -32.41
C ASN A 278 -7.77 15.54 -32.08
N SER A 279 -8.26 15.71 -30.85
CA SER A 279 -8.94 16.93 -30.41
C SER A 279 -10.14 17.26 -31.31
N LEU A 280 -10.74 16.23 -31.90
CA LEU A 280 -11.84 16.44 -32.82
C LEU A 280 -13.09 16.91 -32.08
N GLN A 281 -13.84 17.81 -32.71
CA GLN A 281 -15.10 18.30 -32.18
C GLN A 281 -16.30 17.96 -33.04
N HIS A 282 -16.10 17.73 -34.34
CA HIS A 282 -17.17 17.35 -35.25
C HIS A 282 -16.70 16.21 -36.14
N VAL A 283 -17.59 15.25 -36.35
CA VAL A 283 -17.32 14.13 -37.25
C VAL A 283 -18.30 14.21 -38.42
N PRO A 284 -17.92 14.81 -39.54
CA PRO A 284 -18.85 14.95 -40.66
C PRO A 284 -19.17 13.60 -41.29
N PRO A 285 -20.43 13.36 -41.65
CA PRO A 285 -20.77 12.09 -42.30
C PRO A 285 -20.14 11.92 -43.67
N ARG A 286 -19.62 13.00 -44.27
CA ARG A 286 -18.97 12.90 -45.57
C ARG A 286 -17.69 12.09 -45.50
N TRP A 287 -17.05 12.00 -44.34
CA TRP A 287 -15.84 11.19 -44.20
C TRP A 287 -16.15 9.72 -44.45
N PHE A 288 -17.33 9.26 -44.05
CA PHE A 288 -17.73 7.86 -44.18
C PHE A 288 -18.66 7.62 -45.36
N LYS A 289 -18.46 8.35 -46.47
CA LYS A 289 -19.32 8.18 -47.63
C LYS A 289 -18.86 7.03 -48.51
N ASN A 290 -17.54 6.91 -48.75
CA ASN A 290 -17.02 5.89 -49.64
C ASN A 290 -16.53 4.64 -48.92
N ILE A 291 -16.25 4.72 -47.62
CA ILE A 291 -15.81 3.56 -46.86
C ILE A 291 -17.03 2.77 -46.38
N ASN A 292 -17.40 1.74 -47.13
CA ASN A 292 -18.58 0.96 -46.80
C ASN A 292 -18.26 -0.23 -45.89
N ASN A 293 -17.03 -0.73 -45.93
CA ASN A 293 -16.63 -1.91 -45.18
C ASN A 293 -15.78 -1.55 -43.96
N LEU A 294 -16.10 -0.42 -43.33
CA LEU A 294 -15.38 -0.04 -42.11
C LEU A 294 -15.85 -0.89 -40.94
N GLN A 295 -14.90 -1.51 -40.24
CA GLN A 295 -15.20 -2.40 -39.14
C GLN A 295 -14.84 -1.81 -37.78
N GLU A 296 -13.66 -1.20 -37.66
CA GLU A 296 -13.20 -0.63 -36.40
C GLU A 296 -13.04 0.87 -36.57
N LEU A 297 -13.55 1.63 -35.60
CA LEU A 297 -13.47 3.09 -35.61
C LEU A 297 -13.11 3.57 -34.20
N ASP A 298 -11.91 4.10 -34.05
CA ASP A 298 -11.44 4.63 -32.78
C ASP A 298 -11.55 6.14 -32.78
N LEU A 299 -12.26 6.69 -31.79
CA LEU A 299 -12.45 8.14 -31.67
C LEU A 299 -12.28 8.55 -30.22
N SER A 300 -11.26 8.03 -29.55
CA SER A 300 -11.06 8.29 -28.13
C SER A 300 -10.20 9.53 -27.93
N GLN A 301 -10.29 10.09 -26.71
CA GLN A 301 -9.52 11.26 -26.31
C GLN A 301 -9.77 12.46 -27.23
N ASN A 302 -11.06 12.73 -27.49
CA ASN A 302 -11.44 13.86 -28.33
C ASN A 302 -12.44 14.75 -27.58
N PHE A 303 -13.03 15.71 -28.28
CA PHE A 303 -14.04 16.60 -27.72
C PHE A 303 -15.40 16.36 -28.37
N LEU A 304 -15.73 15.09 -28.58
CA LEU A 304 -16.96 14.69 -29.27
C LEU A 304 -18.13 14.51 -28.31
N ALA A 305 -18.11 15.15 -27.14
CA ALA A 305 -19.23 15.03 -26.21
C ALA A 305 -20.51 15.56 -26.82
N LYS A 306 -20.44 16.64 -27.61
CA LYS A 306 -21.60 17.14 -28.33
C LYS A 306 -21.88 16.33 -29.60
N GLU A 307 -20.88 15.65 -30.14
CA GLU A 307 -21.08 14.84 -31.34
C GLU A 307 -21.79 13.52 -31.02
N ILE A 308 -21.48 12.93 -29.87
CA ILE A 308 -22.16 11.70 -29.46
C ILE A 308 -23.66 11.94 -29.31
N GLY A 309 -24.05 13.14 -28.90
CA GLY A 309 -25.46 13.47 -28.81
C GLY A 309 -26.16 13.50 -30.16
N ASP A 310 -25.43 13.85 -31.22
CA ASP A 310 -25.97 13.88 -32.56
C ASP A 310 -25.61 12.62 -33.35
N ALA A 311 -24.30 12.37 -33.52
CA ALA A 311 -23.77 11.14 -34.11
C ALA A 311 -24.47 10.80 -35.44
N LYS A 312 -24.37 11.73 -36.39
CA LYS A 312 -24.98 11.51 -37.69
C LYS A 312 -24.18 10.51 -38.51
N PHE A 313 -22.85 10.55 -38.42
CA PHE A 313 -21.99 9.67 -39.19
C PHE A 313 -22.26 8.20 -38.94
N LEU A 314 -22.83 7.85 -37.78
CA LEU A 314 -23.16 6.45 -37.51
C LEU A 314 -24.19 5.90 -38.48
N HIS A 315 -24.90 6.76 -39.23
CA HIS A 315 -25.82 6.28 -40.25
C HIS A 315 -25.10 5.76 -41.49
N PHE A 316 -23.78 5.95 -41.59
CA PHE A 316 -23.01 5.52 -42.75
C PHE A 316 -22.10 4.34 -42.45
N LEU A 317 -22.28 3.67 -41.31
CA LEU A 317 -21.45 2.53 -40.92
C LEU A 317 -22.35 1.35 -40.58
N PRO A 318 -22.87 0.66 -41.60
CA PRO A 318 -23.72 -0.51 -41.33
C PRO A 318 -22.93 -1.76 -40.97
N ASN A 319 -21.64 -1.82 -41.29
CA ASN A 319 -20.81 -2.98 -40.99
C ASN A 319 -19.79 -2.70 -39.89
N LEU A 320 -20.03 -1.69 -39.07
CA LEU A 320 -19.10 -1.35 -38.00
C LEU A 320 -19.11 -2.42 -36.92
N ILE A 321 -17.94 -2.95 -36.60
CA ILE A 321 -17.81 -3.97 -35.56
C ILE A 321 -17.49 -3.34 -34.20
N GLN A 322 -16.45 -2.53 -34.13
CA GLN A 322 -16.03 -1.87 -32.91
C GLN A 322 -16.22 -0.37 -33.03
N LEU A 323 -16.46 0.28 -31.90
CA LEU A 323 -16.64 1.74 -31.86
C LEU A 323 -16.13 2.22 -30.50
N ASP A 324 -14.95 2.84 -30.50
CA ASP A 324 -14.33 3.34 -29.28
C ASP A 324 -14.58 4.84 -29.19
N LEU A 325 -15.31 5.25 -28.16
CA LEU A 325 -15.62 6.65 -27.91
C LEU A 325 -15.24 7.03 -26.48
N SER A 326 -14.05 6.61 -26.04
CA SER A 326 -13.62 6.77 -24.66
C SER A 326 -12.99 8.13 -24.43
N PHE A 327 -13.23 8.68 -23.23
CA PHE A 327 -12.61 9.92 -22.77
C PHE A 327 -12.90 11.08 -23.72
N ASN A 328 -14.20 11.34 -23.90
CA ASN A 328 -14.67 12.47 -24.70
C ASN A 328 -15.33 13.54 -23.84
N PHE A 329 -15.06 13.54 -22.54
CA PHE A 329 -15.71 14.47 -21.63
C PHE A 329 -15.19 15.89 -21.84
N GLU A 330 -16.00 16.86 -21.40
CA GLU A 330 -15.61 18.26 -21.41
C GLU A 330 -15.05 18.65 -20.03
N LEU A 331 -14.19 19.66 -20.04
CA LEU A 331 -13.58 20.11 -18.79
C LEU A 331 -14.58 20.89 -17.95
N GLN A 332 -14.56 20.65 -16.64
CA GLN A 332 -15.43 21.33 -15.68
C GLN A 332 -16.91 21.14 -16.02
N VAL A 333 -17.26 19.99 -16.59
CA VAL A 333 -18.64 19.69 -16.97
C VAL A 333 -18.98 18.32 -16.39
N TYR A 334 -19.81 18.31 -15.36
CA TYR A 334 -20.33 17.07 -14.77
C TYR A 334 -21.76 16.89 -15.25
N ARG A 335 -21.94 16.03 -16.25
CA ARG A 335 -23.26 15.84 -16.84
C ARG A 335 -24.17 15.06 -15.89
N ALA A 336 -25.47 15.26 -16.06
CA ALA A 336 -26.45 14.56 -15.24
C ALA A 336 -26.89 13.23 -15.84
N SER A 337 -26.69 13.04 -17.14
CA SER A 337 -27.08 11.80 -17.79
C SER A 337 -26.27 11.64 -19.08
N MET A 338 -26.24 10.41 -19.59
CA MET A 338 -25.56 10.12 -20.83
C MET A 338 -26.52 10.32 -21.99
N ASN A 339 -26.12 11.17 -22.95
CA ASN A 339 -26.96 11.52 -24.10
C ASN A 339 -26.46 10.73 -25.31
N LEU A 340 -27.01 9.53 -25.50
CA LEU A 340 -26.70 8.71 -26.65
C LEU A 340 -27.74 8.97 -27.73
N SER A 341 -27.27 9.21 -28.96
CA SER A 341 -28.16 9.51 -30.06
C SER A 341 -28.91 8.26 -30.51
N GLN A 342 -30.02 8.48 -31.21
CA GLN A 342 -30.79 7.37 -31.74
C GLN A 342 -30.08 6.66 -32.89
N ALA A 343 -29.17 7.35 -33.57
CA ALA A 343 -28.43 6.76 -34.68
C ALA A 343 -27.57 5.58 -34.25
N PHE A 344 -27.34 5.39 -32.94
CA PHE A 344 -26.67 4.19 -32.46
C PHE A 344 -27.45 2.93 -32.80
N SER A 345 -28.74 3.05 -33.10
CA SER A 345 -29.54 1.91 -33.55
C SER A 345 -29.22 1.51 -34.99
N SER A 346 -28.44 2.31 -35.71
CA SER A 346 -28.06 2.00 -37.08
C SER A 346 -26.82 1.11 -37.17
N LEU A 347 -26.20 0.78 -36.05
CA LEU A 347 -25.03 -0.10 -36.03
C LEU A 347 -25.49 -1.55 -35.88
N LYS A 348 -25.88 -2.12 -37.02
CA LYS A 348 -26.44 -3.47 -37.01
C LYS A 348 -25.41 -4.51 -36.59
N SER A 349 -24.18 -4.40 -37.09
CA SER A 349 -23.13 -5.37 -36.83
C SER A 349 -22.23 -4.96 -35.67
N LEU A 350 -22.69 -4.06 -34.81
CA LEU A 350 -21.87 -3.62 -33.68
C LEU A 350 -21.77 -4.72 -32.64
N LYS A 351 -20.54 -4.96 -32.17
CA LYS A 351 -20.28 -5.97 -31.14
C LYS A 351 -19.75 -5.35 -29.86
N ILE A 352 -18.72 -4.53 -29.94
CA ILE A 352 -18.11 -3.88 -28.79
C ILE A 352 -18.40 -2.39 -28.86
N LEU A 353 -18.76 -1.80 -27.71
CA LEU A 353 -19.06 -0.38 -27.62
C LEU A 353 -18.52 0.13 -26.28
N ARG A 354 -17.39 0.81 -26.31
CA ARG A 354 -16.74 1.35 -25.12
C ARG A 354 -16.98 2.85 -25.06
N ILE A 355 -17.75 3.30 -24.07
CA ILE A 355 -18.10 4.71 -23.92
C ILE A 355 -17.53 5.22 -22.61
N ARG A 356 -16.36 4.69 -22.22
CA ARG A 356 -15.69 5.14 -21.01
C ARG A 356 -15.33 6.63 -21.12
N GLY A 357 -14.90 7.19 -19.99
CA GLY A 357 -14.50 8.59 -19.97
C GLY A 357 -15.59 9.56 -20.35
N TYR A 358 -16.85 9.14 -20.32
CA TYR A 358 -18.00 9.99 -20.62
C TYR A 358 -18.72 10.39 -19.35
N VAL A 359 -17.96 10.73 -18.31
CA VAL A 359 -18.43 10.88 -16.93
C VAL A 359 -19.75 11.65 -16.86
N PHE A 360 -20.71 11.07 -16.13
CA PHE A 360 -22.00 11.69 -15.90
C PHE A 360 -22.45 11.30 -14.50
N LYS A 361 -23.69 11.68 -14.15
CA LYS A 361 -24.19 11.50 -12.78
C LYS A 361 -25.02 10.23 -12.64
N GLU A 362 -26.09 10.10 -13.42
CA GLU A 362 -27.05 9.02 -13.26
C GLU A 362 -27.21 8.28 -14.58
N LEU A 363 -27.23 6.94 -14.51
CA LEU A 363 -27.46 6.08 -15.67
C LEU A 363 -28.86 5.47 -15.50
N LYS A 364 -29.83 6.03 -16.23
CA LYS A 364 -31.21 5.59 -16.12
C LYS A 364 -31.47 4.45 -17.10
N SER A 365 -32.73 4.02 -17.19
CA SER A 365 -33.07 2.88 -18.04
C SER A 365 -33.14 3.27 -19.51
N PHE A 366 -33.91 4.31 -19.82
CA PHE A 366 -34.14 4.71 -21.21
C PHE A 366 -32.95 5.42 -21.84
N GLN A 367 -31.83 5.54 -21.12
CA GLN A 367 -30.64 6.14 -21.71
C GLN A 367 -29.95 5.19 -22.68
N LEU A 368 -30.10 3.89 -22.48
CA LEU A 368 -29.55 2.87 -23.37
C LEU A 368 -30.59 2.30 -24.32
N SER A 369 -31.64 3.08 -24.62
CA SER A 369 -32.69 2.57 -25.50
C SER A 369 -32.24 2.35 -26.94
N PRO A 370 -31.32 3.13 -27.53
CA PRO A 370 -30.87 2.79 -28.88
C PRO A 370 -30.15 1.45 -28.97
N LEU A 371 -29.57 0.98 -27.87
CA LEU A 371 -28.86 -0.29 -27.84
C LEU A 371 -29.77 -1.46 -27.49
N HIS A 372 -31.08 -1.23 -27.41
CA HIS A 372 -32.02 -2.28 -27.03
C HIS A 372 -32.36 -3.22 -28.18
N ASN A 373 -31.80 -3.02 -29.36
CA ASN A 373 -32.11 -3.86 -30.51
C ASN A 373 -30.87 -4.34 -31.26
N LEU A 374 -29.68 -4.05 -30.75
CA LEU A 374 -28.44 -4.53 -31.37
C LEU A 374 -28.26 -6.00 -31.02
N GLN A 375 -28.62 -6.87 -31.97
CA GLN A 375 -28.58 -8.31 -31.71
C GLN A 375 -27.15 -8.82 -31.58
N ASN A 376 -26.19 -8.16 -32.22
CA ASN A 376 -24.80 -8.59 -32.18
C ASN A 376 -24.00 -7.91 -31.08
N LEU A 377 -24.62 -7.04 -30.29
CA LEU A 377 -23.91 -6.35 -29.23
C LEU A 377 -23.55 -7.33 -28.12
N GLU A 378 -22.26 -7.43 -27.81
CA GLU A 378 -21.76 -8.33 -26.77
C GLU A 378 -21.16 -7.59 -25.58
N VAL A 379 -20.21 -6.70 -25.82
CA VAL A 379 -19.53 -5.96 -24.77
C VAL A 379 -20.12 -4.57 -24.68
N LEU A 380 -20.36 -4.09 -23.46
CA LEU A 380 -20.88 -2.75 -23.19
C LEU A 380 -20.04 -2.16 -22.06
N ASP A 381 -19.00 -1.42 -22.43
CA ASP A 381 -18.08 -0.85 -21.45
C ASP A 381 -18.59 0.52 -21.00
N LEU A 382 -18.71 0.70 -19.69
CA LEU A 382 -19.16 1.96 -19.11
C LEU A 382 -18.34 2.33 -17.89
N GLY A 383 -17.09 1.91 -17.83
CA GLY A 383 -16.24 2.21 -16.71
C GLY A 383 -15.67 3.62 -16.77
N THR A 384 -15.14 4.05 -15.63
CA THR A 384 -14.53 5.37 -15.47
C THR A 384 -15.52 6.47 -15.87
N ASN A 385 -16.75 6.37 -15.34
CA ASN A 385 -17.80 7.33 -15.61
C ASN A 385 -18.32 8.01 -14.36
N PHE A 386 -17.94 7.55 -13.17
CA PHE A 386 -18.36 8.15 -11.90
C PHE A 386 -19.88 8.22 -11.80
N ILE A 387 -20.55 7.14 -12.19
CA ILE A 387 -22.01 7.07 -12.09
C ILE A 387 -22.40 6.93 -10.62
N LYS A 388 -23.50 7.57 -10.24
CA LYS A 388 -23.98 7.54 -8.87
C LYS A 388 -25.22 6.67 -8.70
N ILE A 389 -26.27 6.92 -9.48
CA ILE A 389 -27.52 6.17 -9.39
C ILE A 389 -27.65 5.33 -10.65
N ALA A 390 -27.75 4.01 -10.48
CA ALA A 390 -27.88 3.10 -11.62
C ALA A 390 -28.60 1.84 -11.12
N ASN A 391 -29.89 1.75 -11.43
CA ASN A 391 -30.68 0.57 -11.07
C ASN A 391 -30.25 -0.61 -11.93
N LEU A 392 -29.72 -1.65 -11.29
CA LEU A 392 -29.22 -2.80 -12.04
C LEU A 392 -30.33 -3.58 -12.71
N SER A 393 -31.57 -3.48 -12.20
CA SER A 393 -32.69 -4.22 -12.79
C SER A 393 -32.91 -3.83 -14.26
N MET A 394 -32.55 -2.60 -14.63
CA MET A 394 -32.70 -2.17 -16.01
C MET A 394 -31.85 -3.00 -16.97
N PHE A 395 -30.86 -3.74 -16.45
CA PHE A 395 -30.06 -4.63 -17.27
C PHE A 395 -30.74 -5.96 -17.56
N LYS A 396 -32.01 -6.10 -17.19
CA LYS A 396 -32.76 -7.31 -17.53
C LYS A 396 -33.10 -7.39 -19.01
N GLN A 397 -32.82 -6.34 -19.77
CA GLN A 397 -33.04 -6.35 -21.21
C GLN A 397 -31.79 -6.73 -22.01
N PHE A 398 -30.60 -6.52 -21.45
CA PHE A 398 -29.36 -6.90 -22.11
C PHE A 398 -28.92 -8.30 -21.72
N LYS A 399 -29.83 -9.27 -21.89
CA LYS A 399 -29.50 -10.65 -21.58
C LYS A 399 -28.63 -11.29 -22.66
N ARG A 400 -28.82 -10.90 -23.92
CA ARG A 400 -28.03 -11.44 -25.01
C ARG A 400 -26.57 -10.99 -24.97
N LEU A 401 -26.25 -9.98 -24.15
CA LEU A 401 -24.90 -9.47 -24.07
C LEU A 401 -23.99 -10.48 -23.38
N LYS A 402 -22.69 -10.18 -23.36
CA LYS A 402 -21.69 -11.03 -22.73
C LYS A 402 -20.92 -10.33 -21.63
N VAL A 403 -20.61 -9.04 -21.79
CA VAL A 403 -19.86 -8.27 -20.81
C VAL A 403 -20.64 -7.00 -20.53
N ILE A 404 -20.95 -6.75 -19.26
CA ILE A 404 -21.61 -5.51 -18.83
C ILE A 404 -20.66 -4.85 -17.85
N ASP A 405 -19.84 -3.92 -18.36
CA ASP A 405 -18.81 -3.28 -17.53
C ASP A 405 -19.44 -2.18 -16.70
N LEU A 406 -19.33 -2.32 -15.38
CA LEU A 406 -19.82 -1.37 -14.39
C LEU A 406 -18.70 -1.01 -13.43
N SER A 407 -17.59 -0.57 -14.00
CA SER A 407 -16.31 -0.42 -13.31
C SER A 407 -16.30 0.78 -12.38
N VAL A 408 -15.10 1.30 -12.08
CA VAL A 408 -14.77 2.07 -10.88
C VAL A 408 -15.75 3.18 -10.53
N ASN A 409 -16.74 3.42 -11.40
CA ASN A 409 -17.83 4.34 -11.10
C ASN A 409 -18.44 4.04 -9.72
N LYS A 410 -19.11 5.03 -9.14
CA LYS A 410 -19.45 4.98 -7.72
C LYS A 410 -20.90 4.58 -7.47
N ILE A 411 -21.40 3.61 -8.24
CA ILE A 411 -22.77 3.11 -8.05
C ILE A 411 -22.91 2.54 -6.64
N SER A 412 -24.00 2.89 -5.98
CA SER A 412 -24.30 2.47 -4.62
C SER A 412 -25.67 1.82 -4.58
N PRO A 413 -25.94 0.99 -3.56
CA PRO A 413 -27.27 0.37 -3.40
C PRO A 413 -28.39 1.39 -3.26
N TYR A 446 -0.56 6.49 -24.86
CA TYR A 446 0.17 7.13 -25.94
C TYR A 446 0.43 6.16 -27.09
N ASP A 447 1.41 5.28 -26.90
CA ASP A 447 1.78 4.28 -27.89
C ASP A 447 1.56 2.91 -27.25
N LYS A 448 0.40 2.32 -27.52
CA LYS A 448 0.06 1.00 -27.02
C LYS A 448 0.63 -0.12 -27.88
N TYR A 449 1.15 0.20 -29.07
CA TYR A 449 1.81 -0.77 -29.92
C TYR A 449 3.32 -0.79 -29.73
N ALA A 450 3.79 -0.40 -28.54
CA ALA A 450 5.23 -0.32 -28.28
C ALA A 450 5.83 -1.70 -28.09
N ARG A 451 6.38 -2.27 -29.16
CA ARG A 451 7.09 -3.55 -29.09
C ARG A 451 8.47 -3.26 -28.48
N SER A 452 8.53 -3.29 -27.16
CA SER A 452 9.75 -2.95 -26.45
C SER A 452 10.83 -4.02 -26.67
N CYS A 453 12.05 -3.68 -26.29
CA CYS A 453 13.18 -4.58 -26.45
C CYS A 453 13.04 -5.82 -25.57
N SER A 468 -10.87 -15.76 -16.57
CA SER A 468 -11.66 -14.75 -15.91
C SER A 468 -13.13 -15.14 -15.87
N CYS A 469 -14.01 -14.20 -16.25
CA CYS A 469 -15.44 -14.42 -16.25
C CYS A 469 -16.06 -14.44 -17.65
N TYR A 470 -15.31 -14.05 -18.68
CA TYR A 470 -15.86 -14.01 -20.02
C TYR A 470 -16.08 -15.40 -20.62
N LYS A 471 -15.57 -16.45 -19.97
CA LYS A 471 -15.74 -17.81 -20.45
C LYS A 471 -16.94 -18.51 -19.85
N TYR A 472 -17.58 -17.92 -18.84
CA TYR A 472 -18.73 -18.54 -18.18
C TYR A 472 -20.07 -18.05 -18.71
N GLY A 473 -20.10 -16.89 -19.37
CA GLY A 473 -21.35 -16.37 -19.90
C GLY A 473 -21.56 -14.91 -19.59
N GLN A 474 -22.78 -14.55 -19.19
CA GLN A 474 -23.08 -13.17 -18.84
C GLN A 474 -22.28 -12.74 -17.61
N THR A 475 -21.71 -11.54 -17.68
CA THR A 475 -20.85 -11.03 -16.62
C THR A 475 -21.27 -9.62 -16.25
N LEU A 476 -21.45 -9.38 -14.95
CA LEU A 476 -21.74 -8.05 -14.42
C LEU A 476 -20.56 -7.63 -13.56
N ASP A 477 -19.71 -6.76 -14.10
CA ASP A 477 -18.47 -6.35 -13.43
C ASP A 477 -18.75 -5.09 -12.62
N LEU A 478 -19.20 -5.29 -11.38
CA LEU A 478 -19.48 -4.19 -10.45
C LEU A 478 -18.28 -3.90 -9.55
N SER A 479 -17.07 -4.16 -10.02
CA SER A 479 -15.89 -4.05 -9.19
C SER A 479 -15.52 -2.58 -8.95
N LYS A 480 -14.96 -2.32 -7.77
CA LYS A 480 -14.48 -0.99 -7.38
C LYS A 480 -15.59 0.06 -7.41
N ASN A 481 -16.79 -0.32 -7.01
CA ASN A 481 -17.91 0.61 -6.92
C ASN A 481 -18.05 1.08 -5.47
N SER A 482 -19.13 1.81 -5.19
CA SER A 482 -19.41 2.34 -3.85
C SER A 482 -20.50 1.54 -3.15
N ILE A 483 -20.52 0.23 -3.39
CA ILE A 483 -21.48 -0.66 -2.75
C ILE A 483 -20.90 -1.12 -1.42
N PHE A 484 -21.58 -0.79 -0.32
CA PHE A 484 -21.10 -1.17 1.01
C PHE A 484 -21.98 -2.21 1.69
N PHE A 485 -23.10 -2.59 1.09
CA PHE A 485 -23.93 -3.68 1.61
C PHE A 485 -24.78 -4.23 0.47
N ILE A 486 -25.11 -5.51 0.59
CA ILE A 486 -25.76 -6.26 -0.48
C ILE A 486 -27.22 -6.50 -0.09
N LYS A 487 -28.13 -6.07 -0.95
CA LYS A 487 -29.56 -6.30 -0.77
C LYS A 487 -30.05 -7.33 -1.78
N SER A 488 -31.12 -8.04 -1.41
CA SER A 488 -31.70 -9.03 -2.31
C SER A 488 -32.46 -8.37 -3.46
N SER A 489 -33.05 -7.19 -3.21
CA SER A 489 -33.82 -6.51 -4.24
C SER A 489 -32.94 -5.80 -5.26
N ASP A 490 -31.67 -5.57 -4.96
CA ASP A 490 -30.79 -4.90 -5.90
C ASP A 490 -30.46 -5.79 -7.08
N PHE A 491 -30.17 -7.06 -6.84
CA PHE A 491 -29.83 -8.01 -7.87
C PHE A 491 -31.06 -8.73 -8.45
N GLN A 492 -32.25 -8.18 -8.25
CA GLN A 492 -33.45 -8.76 -8.82
C GLN A 492 -33.45 -8.59 -10.33
N HIS A 493 -34.19 -9.48 -11.01
CA HIS A 493 -34.29 -9.50 -12.47
C HIS A 493 -32.93 -9.76 -13.13
N LEU A 494 -31.98 -10.31 -12.39
CA LEU A 494 -30.65 -10.62 -12.89
C LEU A 494 -30.33 -12.10 -12.70
N SER A 495 -31.32 -12.96 -12.90
CA SER A 495 -31.10 -14.39 -12.76
C SER A 495 -30.23 -14.96 -13.88
N PHE A 496 -30.20 -14.30 -15.03
CA PHE A 496 -29.39 -14.76 -16.16
C PHE A 496 -27.90 -14.58 -15.93
N LEU A 497 -27.50 -13.92 -14.85
CA LEU A 497 -26.09 -13.61 -14.62
C LEU A 497 -25.31 -14.88 -14.31
N LYS A 498 -24.28 -15.16 -15.11
CA LYS A 498 -23.34 -16.23 -14.82
C LYS A 498 -22.13 -15.76 -14.03
N CYS A 499 -21.98 -14.45 -13.83
CA CYS A 499 -20.86 -13.89 -13.11
C CYS A 499 -21.32 -12.65 -12.36
N LEU A 500 -20.56 -12.30 -11.32
CA LEU A 500 -20.79 -11.07 -10.57
C LEU A 500 -19.47 -10.68 -9.91
N ASN A 501 -18.85 -9.62 -10.43
CA ASN A 501 -17.57 -9.14 -9.91
C ASN A 501 -17.85 -8.03 -8.92
N LEU A 502 -17.54 -8.27 -7.64
CA LEU A 502 -17.68 -7.28 -6.58
C LEU A 502 -16.34 -6.99 -5.92
N SER A 503 -15.28 -6.94 -6.72
CA SER A 503 -13.93 -6.76 -6.20
C SER A 503 -13.69 -5.29 -5.86
N GLY A 504 -13.15 -5.03 -4.68
CA GLY A 504 -12.79 -3.68 -4.28
C GLY A 504 -13.92 -2.83 -3.75
N ASN A 505 -15.13 -3.38 -3.63
CA ASN A 505 -16.25 -2.59 -3.14
C ASN A 505 -16.17 -2.33 -1.63
N LEU A 506 -15.33 -3.07 -0.91
CA LEU A 506 -15.15 -2.92 0.54
C LEU A 506 -16.50 -3.06 1.26
N ILE A 507 -17.08 -4.25 1.11
CA ILE A 507 -18.39 -4.55 1.70
C ILE A 507 -18.16 -5.20 3.06
N SER A 508 -18.64 -4.54 4.11
CA SER A 508 -18.60 -5.07 5.48
C SER A 508 -20.00 -5.62 5.78
N GLN A 509 -20.15 -6.93 5.69
CA GLN A 509 -21.45 -7.55 5.86
C GLN A 509 -21.28 -8.98 6.35
N THR A 510 -22.21 -9.42 7.20
CA THR A 510 -22.26 -10.79 7.69
C THR A 510 -23.33 -11.52 6.90
N LEU A 511 -22.90 -12.31 5.92
CA LEU A 511 -23.84 -13.00 5.05
C LEU A 511 -24.44 -14.21 5.77
N ASN A 512 -25.78 -14.28 5.77
CA ASN A 512 -26.50 -15.37 6.40
C ASN A 512 -27.25 -16.24 5.39
N GLY A 513 -27.03 -16.02 4.10
CA GLY A 513 -27.67 -16.82 3.08
C GLY A 513 -28.93 -16.23 2.50
N SER A 514 -29.05 -14.90 2.45
CA SER A 514 -30.23 -14.27 1.89
C SER A 514 -29.89 -13.05 1.03
N GLU A 515 -28.63 -12.88 0.62
CA GLU A 515 -28.21 -11.71 -0.14
C GLU A 515 -28.35 -11.94 -1.65
N PHE A 516 -27.66 -12.95 -2.18
CA PHE A 516 -27.69 -13.24 -3.61
C PHE A 516 -28.80 -14.24 -3.96
N GLN A 517 -30.02 -13.94 -3.53
CA GLN A 517 -31.13 -14.86 -3.77
C GLN A 517 -31.56 -14.89 -5.23
N PRO A 518 -31.77 -13.75 -5.91
CA PRO A 518 -32.18 -13.83 -7.33
C PRO A 518 -31.13 -14.43 -8.25
N LEU A 519 -29.86 -14.49 -7.81
CA LEU A 519 -28.79 -15.05 -8.63
C LEU A 519 -28.85 -16.58 -8.54
N ALA A 520 -29.80 -17.15 -9.28
CA ALA A 520 -29.99 -18.59 -9.26
C ALA A 520 -29.01 -19.31 -10.20
N GLU A 521 -28.65 -18.68 -11.32
CA GLU A 521 -27.75 -19.28 -12.29
C GLU A 521 -26.32 -18.78 -12.15
N LEU A 522 -25.96 -18.23 -11.01
CA LEU A 522 -24.62 -17.70 -10.80
C LEU A 522 -23.62 -18.86 -10.69
N ARG A 523 -22.59 -18.84 -11.55
CA ARG A 523 -21.56 -19.85 -11.54
C ARG A 523 -20.21 -19.32 -11.07
N TYR A 524 -20.07 -18.01 -10.87
CA TYR A 524 -18.81 -17.41 -10.48
C TYR A 524 -19.11 -16.12 -9.73
N LEU A 525 -18.56 -16.00 -8.51
CA LEU A 525 -18.76 -14.82 -7.69
C LEU A 525 -17.40 -14.33 -7.22
N ASP A 526 -17.04 -13.12 -7.62
CA ASP A 526 -15.78 -12.49 -7.22
C ASP A 526 -16.07 -11.51 -6.10
N PHE A 527 -15.69 -11.88 -4.88
CA PHE A 527 -15.89 -11.05 -3.70
C PHE A 527 -14.56 -10.63 -3.07
N SER A 528 -13.55 -10.39 -3.91
CA SER A 528 -12.24 -10.05 -3.42
C SER A 528 -12.18 -8.59 -2.97
N ASN A 529 -11.16 -8.28 -2.17
CA ASN A 529 -10.91 -6.92 -1.68
C ASN A 529 -12.15 -6.35 -0.99
N ASN A 530 -12.64 -7.08 0.00
CA ASN A 530 -13.79 -6.66 0.79
C ASN A 530 -13.52 -7.00 2.25
N ARG A 531 -14.56 -6.92 3.07
CA ARG A 531 -14.47 -7.26 4.50
C ARG A 531 -15.58 -8.26 4.80
N LEU A 532 -15.29 -9.54 4.58
CA LEU A 532 -16.27 -10.61 4.78
C LEU A 532 -16.22 -11.09 6.22
N ASP A 533 -17.40 -11.28 6.80
CA ASP A 533 -17.54 -11.78 8.17
C ASP A 533 -18.19 -13.16 8.10
N LEU A 534 -17.36 -14.20 8.18
CA LEU A 534 -17.84 -15.59 8.12
C LEU A 534 -18.29 -16.04 9.50
N LEU A 535 -19.43 -15.49 9.93
CA LEU A 535 -20.01 -15.84 11.21
C LEU A 535 -20.99 -17.01 11.13
N HIS A 536 -21.60 -17.24 9.97
CA HIS A 536 -22.55 -18.31 9.79
C HIS A 536 -22.05 -19.28 8.73
N SER A 537 -22.37 -20.56 8.90
CA SER A 537 -22.06 -21.57 7.91
C SER A 537 -23.01 -21.54 6.72
N THR A 538 -24.07 -20.73 6.79
CA THR A 538 -25.04 -20.62 5.71
C THR A 538 -24.67 -19.56 4.68
N ALA A 539 -23.40 -19.15 4.63
CA ALA A 539 -22.98 -18.16 3.65
C ALA A 539 -22.96 -18.77 2.26
N PHE A 540 -23.50 -18.03 1.29
CA PHE A 540 -23.56 -18.46 -0.11
C PHE A 540 -24.33 -19.77 -0.26
N GLU A 541 -25.32 -20.00 0.59
CA GLU A 541 -26.10 -21.24 0.50
C GLU A 541 -27.13 -21.18 -0.62
N GLU A 542 -27.62 -20.00 -0.96
CA GLU A 542 -28.62 -19.85 -2.01
C GLU A 542 -28.02 -19.90 -3.41
N LEU A 543 -26.70 -19.78 -3.53
CA LEU A 543 -26.02 -19.91 -4.82
C LEU A 543 -25.86 -21.40 -5.12
N ARG A 544 -26.94 -21.98 -5.63
CA ARG A 544 -26.99 -23.42 -5.85
C ARG A 544 -26.04 -23.83 -6.97
N LYS A 545 -26.05 -23.11 -8.09
CA LYS A 545 -25.22 -23.44 -9.25
C LYS A 545 -23.83 -22.79 -9.17
N LEU A 546 -23.41 -22.35 -8.00
CA LEU A 546 -22.11 -21.71 -7.87
C LEU A 546 -21.00 -22.73 -8.04
N GLU A 547 -20.07 -22.43 -8.96
CA GLU A 547 -18.92 -23.30 -9.21
C GLU A 547 -17.60 -22.72 -8.75
N VAL A 548 -17.40 -21.41 -8.88
CA VAL A 548 -16.18 -20.74 -8.45
C VAL A 548 -16.55 -19.63 -7.49
N LEU A 549 -15.82 -19.55 -6.38
CA LEU A 549 -16.04 -18.53 -5.35
C LEU A 549 -14.71 -17.91 -4.97
N ASP A 550 -14.62 -16.60 -5.09
CA ASP A 550 -13.40 -15.85 -4.77
C ASP A 550 -13.73 -14.87 -3.63
N ILE A 551 -13.26 -15.20 -2.43
CA ILE A 551 -13.46 -14.35 -1.26
C ILE A 551 -12.11 -13.87 -0.76
N SER A 552 -11.17 -13.69 -1.68
CA SER A 552 -9.81 -13.31 -1.32
C SER A 552 -9.76 -11.88 -0.79
N SER A 553 -8.62 -11.54 -0.18
CA SER A 553 -8.33 -10.19 0.29
C SER A 553 -9.42 -9.66 1.22
N ASN A 554 -9.96 -10.56 2.05
CA ASN A 554 -10.97 -10.20 3.05
C ASN A 554 -10.41 -10.34 4.46
N SER A 555 -9.15 -9.95 4.65
CA SER A 555 -8.44 -10.19 5.90
C SER A 555 -8.90 -9.30 7.05
N HIS A 556 -9.81 -8.35 6.80
CA HIS A 556 -10.21 -7.43 7.87
C HIS A 556 -10.78 -8.17 9.06
N TYR A 557 -11.88 -8.90 8.86
CA TYR A 557 -12.51 -9.62 9.97
C TYR A 557 -11.80 -10.92 10.31
N PHE A 558 -11.03 -11.48 9.37
CA PHE A 558 -10.29 -12.70 9.66
C PHE A 558 -9.06 -12.43 10.52
N GLN A 559 -8.55 -11.20 10.54
CA GLN A 559 -7.43 -10.88 11.40
C GLN A 559 -7.84 -10.80 12.87
N SER A 560 -9.12 -10.55 13.14
CA SER A 560 -9.59 -10.49 14.52
C SER A 560 -9.57 -11.88 15.15
N GLU A 561 -9.26 -11.92 16.44
CA GLU A 561 -9.14 -13.16 17.19
C GLU A 561 -10.29 -13.28 18.18
N GLY A 562 -10.94 -14.44 18.19
CA GLY A 562 -12.01 -14.74 19.12
C GLY A 562 -13.37 -14.88 18.46
N ILE A 563 -13.64 -14.10 17.40
CA ILE A 563 -14.92 -14.18 16.72
C ILE A 563 -15.00 -15.48 15.93
N THR A 564 -16.23 -15.89 15.63
CA THR A 564 -16.44 -17.15 14.93
C THR A 564 -16.03 -17.04 13.47
N HIS A 565 -15.43 -18.11 12.95
CA HIS A 565 -15.02 -18.20 11.55
C HIS A 565 -15.42 -19.59 11.05
N MET A 566 -16.63 -19.69 10.50
CA MET A 566 -17.16 -20.97 10.03
C MET A 566 -16.60 -21.25 8.65
N LEU A 567 -15.52 -22.05 8.62
CA LEU A 567 -14.90 -22.44 7.36
C LEU A 567 -15.61 -23.59 6.68
N ASN A 568 -16.64 -24.16 7.30
CA ASN A 568 -17.41 -25.24 6.71
C ASN A 568 -18.61 -24.74 5.89
N PHE A 569 -18.55 -23.49 5.42
CA PHE A 569 -19.63 -22.92 4.63
C PHE A 569 -19.75 -23.53 3.24
N THR A 570 -18.78 -24.34 2.83
CA THR A 570 -18.80 -24.97 1.51
C THR A 570 -19.56 -26.29 1.51
N LYS A 571 -20.16 -26.69 2.64
CA LYS A 571 -20.90 -27.94 2.67
C LYS A 571 -22.20 -27.82 1.90
N ASN A 572 -22.83 -26.65 1.93
CA ASN A 572 -24.08 -26.43 1.20
C ASN A 572 -23.87 -26.14 -0.28
N LEU A 573 -22.62 -25.98 -0.72
CA LEU A 573 -22.31 -25.76 -2.13
C LEU A 573 -22.09 -27.12 -2.78
N LYS A 574 -23.05 -27.55 -3.60
CA LYS A 574 -23.03 -28.89 -4.15
C LYS A 574 -22.19 -29.01 -5.42
N VAL A 575 -22.05 -27.93 -6.19
CA VAL A 575 -21.32 -27.97 -7.45
C VAL A 575 -20.14 -26.99 -7.44
N LEU A 576 -19.68 -26.58 -6.26
CA LEU A 576 -18.52 -25.70 -6.19
C LEU A 576 -17.28 -26.44 -6.65
N GLN A 577 -16.58 -25.86 -7.63
CA GLN A 577 -15.39 -26.48 -8.21
C GLN A 577 -14.10 -25.80 -7.81
N LYS A 578 -14.11 -24.49 -7.58
CA LYS A 578 -12.90 -23.75 -7.24
C LYS A 578 -13.24 -22.75 -6.14
N LEU A 579 -12.37 -22.67 -5.14
CA LEU A 579 -12.54 -21.75 -4.01
C LEU A 579 -11.24 -20.99 -3.81
N MET A 580 -11.27 -19.68 -4.02
CA MET A 580 -10.11 -18.81 -3.82
C MET A 580 -10.35 -17.94 -2.60
N MET A 581 -9.64 -18.23 -1.51
CA MET A 581 -9.72 -17.45 -0.28
C MET A 581 -8.32 -17.06 0.18
N ASN A 582 -7.45 -16.74 -0.77
CA ASN A 582 -6.07 -16.43 -0.45
C ASN A 582 -5.93 -14.98 0.01
N ASP A 583 -4.80 -14.71 0.67
CA ASP A 583 -4.51 -13.38 1.21
C ASP A 583 -5.60 -12.92 2.17
N ASN A 584 -6.06 -13.84 3.03
CA ASN A 584 -7.12 -13.54 4.00
C ASN A 584 -6.63 -13.52 5.43
N ASP A 585 -5.37 -13.88 5.70
CA ASP A 585 -4.80 -13.87 7.04
C ASP A 585 -5.67 -14.66 8.02
N ILE A 586 -6.19 -15.79 7.55
CA ILE A 586 -7.07 -16.63 8.36
C ILE A 586 -6.24 -17.19 9.53
N SER A 587 -6.58 -16.76 10.75
CA SER A 587 -5.83 -17.15 11.94
C SER A 587 -6.61 -18.05 12.88
N SER A 588 -7.93 -18.13 12.77
CA SER A 588 -8.74 -18.95 13.66
C SER A 588 -9.97 -19.44 12.90
N SER A 589 -10.59 -20.48 13.43
CA SER A 589 -11.79 -21.05 12.83
C SER A 589 -12.57 -21.82 13.88
N THR A 590 -13.84 -21.48 14.04
CA THR A 590 -14.68 -22.20 14.99
C THR A 590 -14.93 -23.63 14.52
N SER A 591 -15.32 -23.79 13.25
CA SER A 591 -15.51 -25.12 12.70
C SER A 591 -14.17 -25.85 12.57
N ARG A 592 -14.19 -27.16 12.82
CA ARG A 592 -12.95 -27.92 12.84
C ARG A 592 -12.53 -28.40 11.46
N THR A 593 -13.49 -28.69 10.58
CA THR A 593 -13.17 -29.26 9.29
C THR A 593 -13.91 -28.50 8.18
N MET A 594 -13.48 -28.75 6.95
CA MET A 594 -14.13 -28.19 5.76
C MET A 594 -14.62 -29.35 4.90
N GLU A 595 -15.88 -29.28 4.48
CA GLU A 595 -16.53 -30.38 3.77
C GLU A 595 -17.08 -29.87 2.44
N SER A 596 -17.04 -30.73 1.42
CA SER A 596 -17.55 -30.39 0.10
C SER A 596 -17.65 -31.66 -0.74
N GLU A 597 -18.76 -31.80 -1.45
CA GLU A 597 -18.97 -32.92 -2.36
C GLU A 597 -18.25 -32.75 -3.70
N SER A 598 -17.88 -31.52 -4.06
CA SER A 598 -17.37 -31.27 -5.40
C SER A 598 -16.14 -30.37 -5.47
N LEU A 599 -15.67 -29.80 -4.36
CA LEU A 599 -14.54 -28.89 -4.42
C LEU A 599 -13.28 -29.61 -4.90
N ARG A 600 -12.69 -29.11 -5.99
CA ARG A 600 -11.49 -29.69 -6.56
C ARG A 600 -10.27 -28.79 -6.48
N THR A 601 -10.47 -27.47 -6.49
CA THR A 601 -9.38 -26.51 -6.40
C THR A 601 -9.60 -25.60 -5.20
N LEU A 602 -8.54 -25.40 -4.41
CA LEU A 602 -8.60 -24.56 -3.22
C LEU A 602 -7.29 -23.80 -3.10
N GLU A 603 -7.38 -22.47 -3.17
CA GLU A 603 -6.22 -21.60 -3.01
C GLU A 603 -6.26 -20.99 -1.62
N PHE A 604 -5.30 -21.39 -0.78
CA PHE A 604 -5.27 -20.95 0.61
C PHE A 604 -3.93 -20.27 0.92
N ARG A 605 -3.48 -19.40 0.02
CA ARG A 605 -2.19 -18.75 0.18
C ARG A 605 -2.33 -17.43 0.93
N GLY A 606 -1.20 -16.95 1.46
CA GLY A 606 -1.21 -15.69 2.18
C GLY A 606 -2.08 -15.69 3.43
N ASN A 607 -2.22 -16.84 4.07
CA ASN A 607 -3.01 -16.98 5.29
C ASN A 607 -2.09 -17.39 6.44
N HIS A 608 -2.68 -17.72 7.57
CA HIS A 608 -1.93 -18.14 8.76
C HIS A 608 -2.33 -19.57 9.11
N LEU A 609 -1.69 -20.53 8.45
CA LEU A 609 -1.76 -21.92 8.88
C LEU A 609 -0.70 -22.25 9.92
N ASP A 610 0.24 -21.34 10.14
CA ASP A 610 1.25 -21.51 11.17
C ASP A 610 0.67 -21.40 12.58
N VAL A 611 -0.44 -20.68 12.73
CA VAL A 611 -1.16 -20.67 14.00
C VAL A 611 -2.18 -21.80 14.08
N LEU A 612 -2.77 -22.22 12.96
CA LEU A 612 -3.76 -23.28 12.99
C LEU A 612 -3.12 -24.64 13.24
N TRP A 613 -1.89 -24.84 12.76
CA TRP A 613 -1.14 -26.08 12.97
C TRP A 613 -0.05 -25.90 14.02
N ARG A 614 -0.33 -25.13 15.06
CA ARG A 614 0.64 -24.88 16.11
C ARG A 614 1.00 -26.16 16.85
N ASP A 615 2.07 -26.09 17.63
CA ASP A 615 2.54 -27.24 18.40
C ASP A 615 1.50 -27.65 19.43
N GLY A 616 1.16 -28.95 19.44
CA GLY A 616 0.21 -29.48 20.39
C GLY A 616 -1.25 -29.25 20.05
N ASP A 617 -1.54 -28.43 19.05
CA ASP A 617 -2.92 -28.09 18.69
C ASP A 617 -3.37 -29.06 17.59
N ASN A 618 -3.89 -30.21 18.01
CA ASN A 618 -4.33 -31.27 17.12
C ASN A 618 -5.76 -31.09 16.63
N ARG A 619 -6.30 -29.88 16.72
CA ARG A 619 -7.69 -29.66 16.30
C ARG A 619 -7.79 -29.50 14.78
N TYR A 620 -7.03 -28.56 14.21
CA TYR A 620 -7.13 -28.21 12.81
C TYR A 620 -6.16 -29.02 11.93
N LEU A 621 -5.77 -30.21 12.36
CA LEU A 621 -4.89 -31.03 11.53
C LEU A 621 -5.62 -31.54 10.30
N GLN A 622 -6.83 -32.07 10.48
CA GLN A 622 -7.65 -32.55 9.37
C GLN A 622 -8.60 -31.48 8.86
N LEU A 623 -8.02 -30.31 8.50
CA LEU A 623 -8.85 -29.21 8.04
C LEU A 623 -9.36 -29.45 6.62
N PHE A 624 -8.58 -30.12 5.78
CA PHE A 624 -8.95 -30.42 4.40
C PHE A 624 -9.18 -31.90 4.16
N LYS A 625 -9.44 -32.68 5.22
CA LYS A 625 -9.60 -34.12 5.05
C LYS A 625 -10.95 -34.47 4.43
N ASN A 626 -12.00 -33.72 4.77
CA ASN A 626 -13.33 -34.01 4.27
C ASN A 626 -13.55 -33.54 2.83
N LEU A 627 -12.61 -32.77 2.28
CA LEU A 627 -12.69 -32.36 0.87
C LEU A 627 -12.28 -33.55 0.02
N LEU A 628 -13.28 -34.37 -0.35
CA LEU A 628 -13.00 -35.63 -1.02
C LEU A 628 -12.46 -35.40 -2.43
N LYS A 629 -13.15 -34.58 -3.23
CA LYS A 629 -12.77 -34.35 -4.61
C LYS A 629 -11.65 -33.33 -4.78
N LEU A 630 -11.02 -32.90 -3.68
CA LEU A 630 -9.96 -31.90 -3.78
C LEU A 630 -8.74 -32.49 -4.48
N GLU A 631 -8.29 -31.81 -5.54
CA GLU A 631 -7.12 -32.23 -6.29
C GLU A 631 -6.06 -31.15 -6.44
N GLU A 632 -6.37 -29.89 -6.14
CA GLU A 632 -5.44 -28.78 -6.33
C GLU A 632 -5.42 -27.94 -5.06
N LEU A 633 -4.38 -28.10 -4.26
CA LEU A 633 -4.21 -27.35 -3.02
C LEU A 633 -3.08 -26.34 -3.18
N ASP A 634 -3.30 -25.12 -2.71
CA ASP A 634 -2.38 -24.01 -2.86
C ASP A 634 -2.08 -23.37 -1.50
N ILE A 635 -1.73 -24.19 -0.52
CA ILE A 635 -1.43 -23.69 0.82
C ILE A 635 0.01 -23.19 0.85
N SER A 636 0.22 -21.94 0.43
CA SER A 636 1.54 -21.36 0.32
C SER A 636 1.56 -20.01 1.05
N LYS A 637 2.76 -19.46 1.22
CA LYS A 637 2.95 -18.17 1.87
C LYS A 637 2.26 -18.11 3.24
N ASN A 638 2.10 -19.27 3.88
CA ASN A 638 1.36 -19.37 5.13
C ASN A 638 2.27 -19.30 6.36
N SER A 639 3.50 -18.81 6.19
CA SER A 639 4.47 -18.67 7.28
C SER A 639 4.74 -20.00 7.99
N LEU A 640 4.53 -21.11 7.30
CA LEU A 640 4.71 -22.43 7.91
C LEU A 640 6.20 -22.70 8.08
N SER A 641 6.66 -22.68 9.33
CA SER A 641 8.05 -23.00 9.62
C SER A 641 8.32 -24.49 9.65
N PHE A 642 7.30 -25.30 9.92
CA PHE A 642 7.45 -26.75 9.95
C PHE A 642 6.06 -27.38 9.88
N LEU A 643 5.98 -28.52 9.21
CA LEU A 643 4.73 -29.26 9.12
C LEU A 643 4.68 -30.30 10.23
N PRO A 644 3.73 -30.20 11.17
CA PRO A 644 3.66 -31.19 12.26
C PRO A 644 3.29 -32.56 11.72
N SER A 645 3.95 -33.59 12.24
CA SER A 645 3.73 -34.96 11.78
C SER A 645 2.30 -35.39 12.07
N GLY A 646 1.59 -35.78 11.01
CA GLY A 646 0.21 -36.23 11.17
C GLY A 646 -0.77 -35.41 10.36
N VAL A 647 -0.36 -34.21 9.95
CA VAL A 647 -1.24 -33.35 9.16
C VAL A 647 -1.50 -33.95 7.79
N PHE A 648 -0.52 -34.70 7.24
CA PHE A 648 -0.72 -35.34 5.95
C PHE A 648 -1.76 -36.44 6.02
N ASP A 649 -2.02 -37.01 7.20
CA ASP A 649 -3.10 -37.97 7.36
C ASP A 649 -4.46 -37.31 7.26
N GLY A 650 -4.53 -35.99 7.44
CA GLY A 650 -5.78 -35.26 7.28
C GLY A 650 -5.86 -34.54 5.96
N MET A 651 -5.21 -35.09 4.94
CA MET A 651 -5.18 -34.53 3.61
C MET A 651 -6.18 -35.23 2.71
N PRO A 652 -6.67 -34.57 1.66
CA PRO A 652 -7.60 -35.22 0.75
C PRO A 652 -6.93 -36.39 0.06
N PRO A 653 -7.64 -37.53 -0.06
CA PRO A 653 -7.02 -38.68 -0.73
C PRO A 653 -6.86 -38.50 -2.22
N ASN A 654 -7.66 -37.64 -2.83
CA ASN A 654 -7.62 -37.41 -4.27
C ASN A 654 -6.74 -36.23 -4.66
N LEU A 655 -5.85 -35.79 -3.76
CA LEU A 655 -5.02 -34.63 -4.02
C LEU A 655 -3.97 -34.94 -5.09
N LYS A 656 -3.78 -34.00 -6.01
CA LYS A 656 -2.79 -34.17 -7.07
C LYS A 656 -1.83 -32.99 -7.13
N ASN A 657 -2.31 -31.79 -6.81
CA ASN A 657 -1.54 -30.56 -6.91
C ASN A 657 -1.38 -29.96 -5.52
N LEU A 658 -0.16 -29.99 -5.00
CA LEU A 658 0.16 -29.38 -3.71
C LEU A 658 1.20 -28.29 -3.90
N SER A 659 0.96 -27.14 -3.27
CA SER A 659 1.84 -25.98 -3.37
C SER A 659 2.21 -25.50 -1.98
N LEU A 660 3.50 -25.46 -1.70
CA LEU A 660 4.04 -25.02 -0.42
C LEU A 660 5.14 -23.97 -0.65
N ALA A 661 4.85 -22.99 -1.49
CA ALA A 661 5.85 -22.02 -1.91
C ALA A 661 5.86 -20.81 -0.99
N LYS A 662 7.06 -20.22 -0.84
CA LYS A 662 7.24 -18.99 -0.05
C LYS A 662 6.72 -19.14 1.38
N ASN A 663 6.80 -20.36 1.93
CA ASN A 663 6.31 -20.61 3.27
C ASN A 663 7.38 -20.38 4.33
N GLY A 664 8.51 -21.07 4.21
CA GLY A 664 9.56 -20.97 5.19
C GLY A 664 9.82 -22.30 5.89
N LEU A 665 9.56 -23.40 5.19
CA LEU A 665 9.74 -24.73 5.75
C LEU A 665 11.20 -24.98 6.12
N LYS A 666 11.47 -25.07 7.42
CA LYS A 666 12.84 -25.34 7.87
C LYS A 666 13.23 -26.80 7.70
N SER A 667 12.27 -27.72 7.89
CA SER A 667 12.54 -29.15 7.74
C SER A 667 11.24 -29.81 7.30
N PHE A 668 11.13 -30.09 6.00
CA PHE A 668 9.95 -30.73 5.42
C PHE A 668 10.21 -32.22 5.31
N ILE A 669 9.46 -33.02 6.05
CA ILE A 669 9.63 -34.46 6.01
C ILE A 669 9.17 -35.01 4.67
N TRP A 670 9.74 -36.14 4.26
CA TRP A 670 9.43 -36.75 2.98
C TRP A 670 8.80 -38.13 3.08
N GLU A 671 9.02 -38.86 4.17
CA GLU A 671 8.42 -40.18 4.31
C GLU A 671 6.91 -40.12 4.46
N LYS A 672 6.37 -38.99 4.87
CA LYS A 672 4.92 -38.82 5.01
C LYS A 672 4.21 -38.65 3.67
N LEU A 673 4.96 -38.61 2.56
CA LEU A 673 4.34 -38.46 1.25
C LEU A 673 3.73 -39.76 0.74
N ARG A 674 3.99 -40.89 1.40
CA ARG A 674 3.36 -42.14 1.00
C ARG A 674 1.85 -42.10 1.23
N TYR A 675 1.39 -41.27 2.18
CA TYR A 675 -0.04 -41.13 2.42
C TYR A 675 -0.73 -40.41 1.27
N LEU A 676 0.01 -39.67 0.45
CA LEU A 676 -0.54 -39.00 -0.72
C LEU A 676 -0.18 -39.84 -1.95
N LYS A 677 -1.00 -40.83 -2.24
CA LYS A 677 -0.75 -41.76 -3.34
C LYS A 677 -1.19 -41.22 -4.69
N ASN A 678 -1.71 -39.99 -4.74
CA ASN A 678 -2.10 -39.36 -5.99
C ASN A 678 -1.37 -38.05 -6.24
N LEU A 679 -0.43 -37.67 -5.38
CA LEU A 679 0.29 -36.42 -5.55
C LEU A 679 1.24 -36.50 -6.74
N GLU A 680 1.19 -35.46 -7.58
CA GLU A 680 2.01 -35.43 -8.80
C GLU A 680 2.78 -34.13 -9.01
N THR A 681 2.39 -33.03 -8.37
CA THR A 681 2.96 -31.71 -8.62
C THR A 681 3.31 -31.03 -7.31
N LEU A 682 4.07 -31.73 -6.46
CA LEU A 682 4.56 -31.13 -5.22
C LEU A 682 5.39 -29.89 -5.52
N ASP A 683 5.06 -28.78 -4.88
CA ASP A 683 5.69 -27.49 -5.13
C ASP A 683 6.32 -26.99 -3.83
N LEU A 684 7.65 -26.99 -3.78
CA LEU A 684 8.41 -26.53 -2.62
C LEU A 684 9.37 -25.41 -3.01
N SER A 685 8.94 -24.55 -3.93
CA SER A 685 9.78 -23.47 -4.40
C SER A 685 9.84 -22.35 -3.36
N HIS A 686 10.92 -21.58 -3.42
CA HIS A 686 11.13 -20.41 -2.56
C HIS A 686 11.00 -20.78 -1.08
N ASN A 687 11.56 -21.93 -0.70
CA ASN A 687 11.53 -22.41 0.66
C ASN A 687 12.95 -22.45 1.23
N GLN A 688 13.06 -22.82 2.50
CA GLN A 688 14.33 -22.89 3.20
C GLN A 688 14.64 -24.31 3.65
N LEU A 689 14.32 -25.29 2.81
CA LEU A 689 14.66 -26.67 3.11
C LEU A 689 16.17 -26.86 3.09
N THR A 690 16.63 -27.95 3.72
CA THR A 690 18.05 -28.24 3.83
C THR A 690 18.44 -29.58 3.22
N THR A 691 17.62 -30.62 3.40
CA THR A 691 17.97 -31.97 2.99
C THR A 691 16.91 -32.52 2.07
N VAL A 692 17.36 -33.11 0.95
CA VAL A 692 16.47 -33.74 -0.02
C VAL A 692 16.13 -35.14 0.49
N PRO A 693 15.07 -35.79 -0.02
CA PRO A 693 14.68 -37.09 0.54
C PRO A 693 15.75 -38.16 0.33
N GLU A 694 15.64 -39.22 1.12
CA GLU A 694 16.59 -40.33 1.04
C GLU A 694 16.50 -41.04 -0.31
N ARG A 695 15.32 -41.56 -0.62
CA ARG A 695 15.06 -42.27 -1.87
C ARG A 695 13.69 -41.86 -2.37
N LEU A 696 13.63 -41.25 -3.56
CA LEU A 696 12.36 -40.81 -4.11
C LEU A 696 11.44 -41.98 -4.44
N SER A 697 12.00 -43.17 -4.68
CA SER A 697 11.15 -44.33 -4.92
C SER A 697 10.37 -44.72 -3.67
N ASN A 698 11.03 -44.72 -2.51
CA ASN A 698 10.34 -45.00 -1.25
C ASN A 698 9.52 -43.81 -0.77
N CYS A 699 9.70 -42.63 -1.35
CA CYS A 699 8.95 -41.46 -0.93
C CYS A 699 7.55 -41.45 -1.54
N SER A 700 7.46 -41.48 -2.86
CA SER A 700 6.18 -41.45 -3.55
C SER A 700 6.27 -42.27 -4.82
N ARG A 701 5.12 -42.80 -5.26
CA ARG A 701 5.01 -43.60 -6.47
C ARG A 701 4.37 -42.84 -7.62
N SER A 702 3.76 -41.68 -7.36
CA SER A 702 3.11 -40.91 -8.41
C SER A 702 3.64 -39.48 -8.53
N LEU A 703 4.64 -39.10 -7.75
CA LEU A 703 5.19 -37.75 -7.83
C LEU A 703 6.05 -37.61 -9.07
N LYS A 704 5.75 -36.61 -9.89
CA LYS A 704 6.47 -36.42 -11.15
C LYS A 704 6.82 -34.98 -11.46
N ASN A 705 6.47 -34.03 -10.61
CA ASN A 705 6.70 -32.61 -10.89
C ASN A 705 7.32 -31.92 -9.67
N LEU A 706 8.38 -32.51 -9.14
CA LEU A 706 9.08 -31.91 -8.01
C LEU A 706 9.61 -30.53 -8.39
N ILE A 707 9.33 -29.55 -7.53
CA ILE A 707 9.73 -28.17 -7.75
C ILE A 707 10.41 -27.69 -6.47
N LEU A 708 11.72 -27.44 -6.55
CA LEU A 708 12.52 -26.98 -5.42
C LEU A 708 13.28 -25.72 -5.77
N LYS A 709 12.60 -24.77 -6.42
CA LYS A 709 13.25 -23.54 -6.84
C LYS A 709 13.58 -22.66 -5.64
N ASN A 710 14.70 -21.95 -5.72
CA ASN A 710 15.12 -20.98 -4.70
C ASN A 710 15.25 -21.64 -3.33
N ASN A 711 15.71 -22.88 -3.31
CA ASN A 711 15.90 -23.61 -2.07
C ASN A 711 17.34 -23.44 -1.58
N GLN A 712 17.65 -24.06 -0.44
CA GLN A 712 19.00 -24.03 0.14
C GLN A 712 19.46 -25.48 0.31
N ILE A 713 19.99 -26.04 -0.77
CA ILE A 713 20.49 -27.42 -0.79
C ILE A 713 21.95 -27.38 -1.21
N ARG A 714 22.82 -28.01 -0.42
CA ARG A 714 24.25 -27.97 -0.66
C ARG A 714 24.80 -29.21 -1.36
N SER A 715 24.11 -30.34 -1.28
CA SER A 715 24.55 -31.57 -1.91
C SER A 715 23.39 -32.55 -1.97
N LEU A 716 23.22 -33.20 -3.12
CA LEU A 716 22.21 -34.23 -3.27
C LEU A 716 22.70 -35.53 -2.65
N THR A 717 21.79 -36.50 -2.53
CA THR A 717 22.15 -37.80 -2.00
C THR A 717 22.78 -38.65 -3.10
N LYS A 718 23.04 -39.91 -2.79
CA LYS A 718 23.69 -40.84 -3.70
C LYS A 718 22.76 -41.95 -4.19
N TYR A 719 21.50 -41.96 -3.77
CA TYR A 719 20.46 -42.77 -4.41
C TYR A 719 19.16 -41.98 -4.50
N PHE A 720 19.25 -40.72 -4.93
CA PHE A 720 18.07 -39.85 -4.95
C PHE A 720 17.05 -40.33 -5.97
N LEU A 721 17.43 -40.37 -7.25
CA LEU A 721 16.53 -40.76 -8.32
C LEU A 721 16.60 -42.26 -8.64
N GLN A 722 16.93 -43.08 -7.65
CA GLN A 722 16.99 -44.53 -7.85
C GLN A 722 15.58 -45.10 -7.86
N ASP A 723 15.25 -45.82 -8.94
CA ASP A 723 13.98 -46.53 -9.13
C ASP A 723 12.77 -45.60 -9.16
N ALA A 724 12.96 -44.30 -9.35
CA ALA A 724 11.85 -43.36 -9.43
C ALA A 724 11.54 -43.07 -10.90
N PHE A 725 11.01 -44.10 -11.57
CA PHE A 725 10.83 -44.03 -13.02
C PHE A 725 9.70 -43.09 -13.40
N GLN A 726 8.68 -42.96 -12.55
CA GLN A 726 7.52 -42.15 -12.89
C GLN A 726 7.80 -40.65 -12.91
N LEU A 727 8.99 -40.22 -12.50
CA LEU A 727 9.31 -38.81 -12.50
C LEU A 727 9.40 -38.26 -13.92
N ARG A 728 8.88 -37.05 -14.12
CA ARG A 728 8.88 -36.43 -15.45
C ARG A 728 9.20 -34.94 -15.40
N TYR A 729 9.55 -34.39 -14.24
CA TYR A 729 9.76 -32.96 -14.09
C TYR A 729 10.48 -32.67 -12.77
N LEU A 730 11.61 -31.96 -12.84
CA LEU A 730 12.41 -31.69 -11.66
C LEU A 730 12.98 -30.28 -11.76
N ASP A 731 12.91 -29.54 -10.66
CA ASP A 731 13.43 -28.17 -10.60
C ASP A 731 14.41 -28.07 -9.44
N LEU A 732 15.61 -27.55 -9.72
CA LEU A 732 16.63 -27.29 -8.72
C LEU A 732 17.33 -25.98 -9.00
N SER A 733 16.56 -24.95 -9.35
CA SER A 733 17.13 -23.65 -9.69
C SER A 733 17.36 -22.82 -8.44
N SER A 734 18.34 -21.92 -8.53
CA SER A 734 18.74 -21.01 -7.44
C SER A 734 18.99 -21.80 -6.15
N ASN A 735 19.93 -22.73 -6.24
CA ASN A 735 20.32 -23.57 -5.11
C ASN A 735 21.78 -23.29 -4.74
N LYS A 736 22.28 -24.05 -3.77
CA LYS A 736 23.65 -23.93 -3.29
C LYS A 736 24.43 -25.22 -3.44
N ILE A 737 23.97 -26.14 -4.30
CA ILE A 737 24.62 -27.43 -4.42
C ILE A 737 26.02 -27.28 -4.98
N GLN A 738 26.87 -28.26 -4.70
CA GLN A 738 28.28 -28.23 -5.12
C GLN A 738 28.60 -29.26 -6.18
N MET A 739 28.15 -30.50 -6.02
CA MET A 739 28.43 -31.56 -6.97
C MET A 739 27.25 -32.49 -7.08
N ILE A 740 27.13 -33.15 -8.23
CA ILE A 740 26.13 -34.18 -8.47
C ILE A 740 26.81 -35.34 -9.19
N GLN A 741 26.81 -36.50 -8.56
CA GLN A 741 27.51 -37.68 -9.07
C GLN A 741 26.59 -38.49 -9.97
N LYS A 742 27.04 -39.70 -10.33
CA LYS A 742 26.32 -40.54 -11.28
C LYS A 742 25.42 -41.57 -10.59
N THR A 743 25.82 -42.06 -9.42
CA THR A 743 25.08 -43.12 -8.75
C THR A 743 23.65 -42.70 -8.41
N SER A 744 23.38 -41.40 -8.32
CA SER A 744 22.04 -40.90 -8.06
C SER A 744 21.34 -40.43 -9.33
N PHE A 745 22.06 -40.26 -10.43
CA PHE A 745 21.50 -39.80 -11.70
C PHE A 745 21.84 -40.78 -12.82
N PRO A 746 21.21 -41.93 -12.84
CA PRO A 746 21.44 -42.88 -13.93
C PRO A 746 20.57 -42.56 -15.15
N GLU A 747 20.97 -43.12 -16.29
CA GLU A 747 20.30 -42.77 -17.54
C GLU A 747 18.92 -43.41 -17.65
N ASN A 748 18.68 -44.49 -16.91
CA ASN A 748 17.35 -45.10 -16.87
C ASN A 748 16.27 -44.13 -16.39
N VAL A 749 16.65 -43.15 -15.57
CA VAL A 749 15.69 -42.20 -15.02
C VAL A 749 15.84 -40.86 -15.75
N LEU A 750 17.05 -40.54 -16.20
CA LEU A 750 17.27 -39.27 -16.91
C LEU A 750 16.72 -39.30 -18.33
N ASN A 751 16.52 -40.49 -18.91
CA ASN A 751 16.09 -40.55 -20.31
C ASN A 751 14.64 -40.11 -20.50
N ASN A 752 13.83 -40.09 -19.44
CA ASN A 752 12.41 -39.78 -19.56
C ASN A 752 12.03 -38.39 -19.08
N LEU A 753 12.89 -37.71 -18.33
CA LEU A 753 12.55 -36.39 -17.80
C LEU A 753 12.44 -35.38 -18.93
N LYS A 754 11.31 -34.67 -18.97
CA LYS A 754 11.09 -33.70 -20.02
C LYS A 754 11.83 -32.39 -19.75
N MET A 755 11.86 -31.96 -18.50
CA MET A 755 12.50 -30.71 -18.12
C MET A 755 13.31 -30.91 -16.85
N LEU A 756 14.42 -30.17 -16.77
CA LEU A 756 15.33 -30.29 -15.63
C LEU A 756 16.13 -28.99 -15.53
N LEU A 757 15.88 -28.21 -14.48
CA LEU A 757 16.44 -26.88 -14.34
C LEU A 757 17.48 -26.88 -13.22
N LEU A 758 18.73 -26.63 -13.57
CA LEU A 758 19.86 -26.63 -12.64
C LEU A 758 20.74 -25.41 -12.85
N HIS A 759 20.13 -24.24 -12.90
CA HIS A 759 20.84 -22.99 -13.16
C HIS A 759 20.86 -22.13 -11.90
N HIS A 760 21.72 -21.11 -11.94
CA HIS A 760 21.84 -20.10 -10.88
C HIS A 760 22.24 -20.72 -9.54
N ASN A 761 23.14 -21.70 -9.56
CA ASN A 761 23.62 -22.37 -8.37
C ASN A 761 25.13 -22.23 -8.25
N ARG A 762 25.72 -22.98 -7.32
CA ARG A 762 27.12 -22.82 -6.92
C ARG A 762 27.96 -24.03 -7.30
N PHE A 763 27.78 -24.53 -8.52
CA PHE A 763 28.54 -25.67 -9.02
C PHE A 763 30.04 -25.40 -8.93
N LEU A 764 30.76 -26.27 -8.21
CA LEU A 764 32.22 -26.23 -8.17
C LEU A 764 32.74 -27.19 -9.24
N CYS A 765 33.35 -26.63 -10.28
CA CYS A 765 33.75 -27.40 -11.46
C CYS A 765 35.23 -27.78 -11.38
N THR A 766 35.53 -28.73 -10.49
CA THR A 766 36.86 -29.29 -10.35
C THR A 766 36.83 -30.73 -10.88
N CYS A 767 37.96 -31.44 -10.78
CA CYS A 767 38.05 -32.82 -11.26
C CYS A 767 37.30 -33.81 -10.38
N ASP A 768 36.46 -33.32 -9.46
CA ASP A 768 35.71 -34.17 -8.55
C ASP A 768 34.51 -34.82 -9.22
N ALA A 769 33.96 -34.23 -10.28
CA ALA A 769 32.74 -34.73 -10.92
C ALA A 769 32.93 -34.83 -12.43
N VAL A 770 34.00 -35.49 -12.87
CA VAL A 770 34.31 -35.58 -14.29
C VAL A 770 33.14 -36.18 -15.07
N TRP A 771 32.46 -37.16 -14.49
CA TRP A 771 31.31 -37.76 -15.16
C TRP A 771 30.24 -36.70 -15.44
N PHE A 772 29.99 -35.83 -14.46
CA PHE A 772 29.09 -34.70 -14.67
C PHE A 772 29.45 -33.94 -15.93
N VAL A 773 30.74 -33.68 -16.14
CA VAL A 773 31.21 -33.10 -17.40
C VAL A 773 30.73 -33.95 -18.57
N TRP A 774 31.16 -35.22 -18.58
CA TRP A 774 30.72 -36.13 -19.64
C TRP A 774 29.21 -36.30 -19.66
N TRP A 775 28.51 -35.87 -18.62
CA TRP A 775 27.06 -35.93 -18.60
C TRP A 775 26.40 -34.62 -19.02
N VAL A 776 27.09 -33.49 -18.87
CA VAL A 776 26.44 -32.22 -19.14
C VAL A 776 26.51 -31.85 -20.62
N GLN A 777 27.58 -32.23 -21.31
CA GLN A 777 27.76 -31.86 -22.71
C GLN A 777 27.62 -33.04 -23.66
N HIS A 778 27.17 -34.20 -23.16
CA HIS A 778 26.96 -35.37 -24.01
C HIS A 778 25.60 -36.01 -23.79
N THR A 779 24.68 -35.34 -23.10
CA THR A 779 23.34 -35.85 -22.86
C THR A 779 22.32 -34.84 -23.36
N GLU A 780 21.23 -35.36 -23.93
CA GLU A 780 20.19 -34.53 -24.51
C GLU A 780 19.04 -34.24 -23.55
N VAL A 781 19.31 -34.25 -22.24
CA VAL A 781 18.31 -33.83 -21.28
C VAL A 781 18.14 -32.32 -21.38
N THR A 782 16.89 -31.86 -21.32
CA THR A 782 16.58 -30.45 -21.56
C THR A 782 16.97 -29.63 -20.33
N ILE A 783 18.03 -28.85 -20.46
CA ILE A 783 18.48 -27.95 -19.40
C ILE A 783 18.52 -26.53 -19.95
N PRO A 784 17.56 -25.68 -19.62
CA PRO A 784 17.57 -24.31 -20.15
C PRO A 784 18.65 -23.48 -19.49
N TYR A 785 19.12 -22.47 -20.24
CA TYR A 785 20.18 -21.57 -19.80
C TYR A 785 21.42 -22.36 -19.38
N LEU A 786 21.76 -23.39 -20.15
CA LEU A 786 22.85 -24.30 -19.82
C LEU A 786 24.22 -23.70 -20.11
N ALA A 787 24.29 -22.53 -20.74
CA ALA A 787 25.57 -21.95 -21.12
C ALA A 787 25.82 -20.54 -20.60
N THR A 788 24.83 -19.90 -19.97
CA THR A 788 24.99 -18.52 -19.52
C THR A 788 24.68 -18.33 -18.04
N ASP A 789 23.69 -19.04 -17.51
CA ASP A 789 23.26 -18.84 -16.12
C ASP A 789 23.92 -19.82 -15.15
N VAL A 790 24.00 -21.10 -15.51
CA VAL A 790 24.67 -22.09 -14.67
C VAL A 790 26.17 -21.99 -14.95
N THR A 791 26.90 -21.37 -14.03
CA THR A 791 28.32 -21.12 -14.19
C THR A 791 29.11 -21.93 -13.16
N CYS A 792 30.43 -21.75 -13.19
CA CYS A 792 31.35 -22.40 -12.27
C CYS A 792 31.98 -21.33 -11.38
N VAL A 793 31.81 -21.49 -10.06
CA VAL A 793 32.35 -20.52 -9.11
C VAL A 793 33.81 -20.80 -8.75
N GLY A 794 34.41 -21.86 -9.29
CA GLY A 794 35.79 -22.16 -9.04
C GLY A 794 36.29 -23.31 -9.90
N PRO A 795 37.54 -23.75 -9.65
CA PRO A 795 38.45 -23.15 -8.68
C PRO A 795 39.44 -22.16 -9.30
N GLY A 796 39.52 -20.96 -8.73
CA GLY A 796 40.48 -19.97 -9.18
C GLY A 796 40.26 -19.49 -10.60
N ALA A 797 41.12 -19.93 -11.52
CA ALA A 797 41.02 -19.52 -12.91
C ALA A 797 39.80 -20.08 -13.62
N HIS A 798 39.09 -21.03 -13.00
CA HIS A 798 37.90 -21.64 -13.59
C HIS A 798 36.61 -20.98 -13.09
N LYS A 799 36.67 -19.70 -12.75
CA LYS A 799 35.50 -18.99 -12.25
C LYS A 799 34.69 -18.42 -13.40
N GLY A 800 33.36 -18.49 -13.27
CA GLY A 800 32.47 -17.97 -14.28
C GLY A 800 32.39 -18.78 -15.54
N GLN A 801 33.01 -19.96 -15.59
CA GLN A 801 32.97 -20.78 -16.78
C GLN A 801 31.65 -21.54 -16.88
N SER A 802 31.17 -21.68 -18.11
CA SER A 802 29.98 -22.49 -18.38
C SER A 802 30.33 -23.97 -18.31
N VAL A 803 29.42 -24.76 -17.75
CA VAL A 803 29.64 -26.20 -17.64
C VAL A 803 29.58 -26.88 -19.01
N ILE A 804 28.97 -26.23 -20.00
CA ILE A 804 28.82 -26.86 -21.30
C ILE A 804 30.15 -26.87 -22.06
N SER A 805 31.03 -25.91 -21.78
CA SER A 805 32.33 -25.82 -22.44
C SER A 805 33.47 -26.28 -21.55
N LEU A 806 33.24 -27.28 -20.71
CA LEU A 806 34.24 -27.75 -19.75
C LEU A 806 35.11 -28.82 -20.39
N ASP A 807 36.43 -28.65 -20.28
CA ASP A 807 37.39 -29.63 -20.79
C ASP A 807 38.63 -29.58 -19.89
N LEU A 808 38.69 -30.48 -18.91
CA LEU A 808 39.88 -30.59 -18.06
C LEU A 808 40.74 -31.75 -18.57
N TYR A 809 41.74 -31.40 -19.38
CA TYR A 809 42.64 -32.41 -19.93
C TYR A 809 43.61 -32.95 -18.90
N THR A 810 43.87 -32.20 -17.83
CA THR A 810 44.82 -32.60 -16.80
C THR A 810 44.19 -33.47 -15.72
N CYS A 811 43.08 -34.15 -16.02
CA CYS A 811 42.43 -35.02 -15.03
C CYS A 811 42.99 -36.44 -15.07
N GLU A 812 43.11 -37.03 -16.26
CA GLU A 812 43.58 -38.41 -16.41
C GLU A 812 44.74 -38.50 -17.39
N LEU A 813 45.75 -37.63 -17.23
CA LEU A 813 46.95 -37.74 -18.04
C LEU A 813 47.75 -38.98 -17.64
N ALA B 5 33.85 18.27 40.13
CA ALA B 5 32.47 18.53 39.73
C ALA B 5 31.49 17.72 40.56
N ARG B 6 31.74 16.41 40.66
CA ARG B 6 30.89 15.50 41.40
C ARG B 6 31.73 14.37 41.96
N TRP B 7 31.51 14.04 43.24
CA TRP B 7 32.21 12.95 43.91
C TRP B 7 31.24 11.93 44.49
N PHE B 8 29.99 11.91 44.02
CA PHE B 8 28.95 10.99 44.49
C PHE B 8 28.47 10.17 43.30
N PRO B 9 29.18 9.12 42.92
CA PRO B 9 28.74 8.30 41.78
C PRO B 9 27.52 7.46 42.12
N LYS B 10 26.37 7.82 41.56
CA LYS B 10 25.12 7.11 41.80
C LYS B 10 24.89 6.14 40.64
N THR B 11 25.02 4.85 40.93
CA THR B 11 24.84 3.80 39.92
C THR B 11 23.37 3.40 39.75
N LEU B 12 22.45 4.22 40.21
CA LEU B 12 21.03 3.91 40.09
C LEU B 12 20.60 4.00 38.63
N PRO B 13 20.10 2.92 38.02
CA PRO B 13 19.71 2.96 36.62
C PRO B 13 18.36 3.58 36.35
N CYS B 14 17.78 4.29 37.31
CA CYS B 14 16.47 4.90 37.16
C CYS B 14 16.59 6.42 37.18
N ASP B 15 15.71 7.09 36.43
CA ASP B 15 15.71 8.54 36.39
C ASP B 15 15.26 9.10 37.73
N VAL B 16 15.89 10.20 38.14
CA VAL B 16 15.61 10.86 39.41
C VAL B 16 15.17 12.29 39.12
N THR B 17 14.02 12.68 39.68
CA THR B 17 13.51 14.03 39.54
C THR B 17 13.25 14.60 40.93
N LEU B 18 13.72 15.82 41.16
CA LEU B 18 13.63 16.48 42.47
C LEU B 18 12.73 17.70 42.37
N ASP B 19 11.79 17.80 43.30
CA ASP B 19 10.90 18.96 43.43
C ASP B 19 10.90 19.36 44.89
N VAL B 20 11.76 20.33 45.24
CA VAL B 20 11.90 20.73 46.63
C VAL B 20 10.65 21.45 47.12
N SER B 21 10.01 22.24 46.26
CA SER B 21 8.82 22.97 46.66
C SER B 21 7.66 22.01 46.92
N LYS B 22 7.54 20.96 46.11
CA LYS B 22 6.49 19.97 46.30
C LYS B 22 6.92 18.80 47.18
N ASN B 23 8.19 18.74 47.57
CA ASN B 23 8.74 17.61 48.33
C ASN B 23 8.49 16.30 47.58
N HIS B 24 8.90 16.24 46.32
CA HIS B 24 8.69 15.07 45.48
C HIS B 24 10.01 14.58 44.92
N VAL B 25 10.41 13.38 45.31
CA VAL B 25 11.56 12.69 44.74
C VAL B 25 11.01 11.53 43.92
N ILE B 26 11.00 11.69 42.60
CA ILE B 26 10.40 10.73 41.69
C ILE B 26 11.50 9.87 41.11
N VAL B 27 11.43 8.57 41.37
CA VAL B 27 12.33 7.58 40.80
C VAL B 27 11.57 6.80 39.74
N ASP B 28 12.08 6.82 38.51
CA ASP B 28 11.38 6.26 37.35
C ASP B 28 12.24 5.17 36.75
N CYS B 29 11.74 3.93 36.79
CA CYS B 29 12.42 2.78 36.21
C CYS B 29 11.60 2.18 35.07
N THR B 30 11.05 3.04 34.21
CA THR B 30 10.17 2.57 33.14
C THR B 30 10.96 1.83 32.08
N ASP B 31 10.51 0.61 31.77
CA ASP B 31 11.10 -0.22 30.72
C ASP B 31 12.59 -0.45 30.96
N LYS B 32 12.91 -0.97 32.14
CA LYS B 32 14.29 -1.20 32.53
C LYS B 32 14.66 -2.67 32.68
N HIS B 33 13.68 -3.57 32.59
CA HIS B 33 13.91 -5.03 32.59
C HIS B 33 14.68 -5.50 33.82
N LEU B 34 14.41 -4.89 34.97
CA LEU B 34 15.10 -5.27 36.20
C LEU B 34 14.46 -6.51 36.81
N THR B 35 15.29 -7.38 37.37
CA THR B 35 14.82 -8.59 38.05
C THR B 35 14.59 -8.37 39.53
N GLU B 36 15.37 -7.51 40.16
CA GLU B 36 15.19 -7.13 41.56
C GLU B 36 15.31 -5.61 41.64
N ILE B 37 14.59 -5.02 42.57
CA ILE B 37 14.72 -3.56 42.72
C ILE B 37 16.16 -3.22 43.08
N PRO B 38 16.73 -2.13 42.58
CA PRO B 38 18.12 -1.83 42.88
C PRO B 38 18.31 -1.42 44.33
N GLY B 39 19.51 -1.65 44.85
CA GLY B 39 19.82 -1.28 46.20
C GLY B 39 20.25 0.17 46.33
N GLY B 40 20.04 0.73 47.52
CA GLY B 40 20.45 2.09 47.81
C GLY B 40 19.47 3.16 47.42
N ILE B 41 18.17 2.90 47.52
CA ILE B 41 17.17 3.93 47.18
C ILE B 41 17.26 5.05 48.21
N PRO B 42 17.35 6.31 47.81
CA PRO B 42 17.33 7.39 48.79
C PRO B 42 16.02 7.42 49.56
N THR B 43 16.13 7.64 50.87
CA THR B 43 14.98 7.53 51.77
C THR B 43 13.97 8.67 51.57
N ASN B 44 14.35 9.76 50.91
CA ASN B 44 13.43 10.87 50.68
C ASN B 44 12.51 10.63 49.49
N THR B 45 12.50 9.43 48.92
CA THR B 45 11.69 9.14 47.74
C THR B 45 10.20 9.19 48.09
N THR B 46 9.41 9.76 47.19
CA THR B 46 7.97 9.84 47.35
C THR B 46 7.22 9.06 46.27
N ASN B 47 7.59 9.24 45.01
CA ASN B 47 6.99 8.53 43.89
C ASN B 47 7.92 7.42 43.43
N LEU B 48 7.38 6.22 43.28
CA LEU B 48 8.16 5.05 42.87
C LEU B 48 7.40 4.33 41.76
N THR B 49 8.06 4.14 40.61
CA THR B 49 7.42 3.57 39.44
C THR B 49 8.23 2.38 38.95
N LEU B 50 7.55 1.25 38.74
CA LEU B 50 8.17 0.05 38.19
C LEU B 50 7.18 -0.55 37.18
N THR B 51 7.40 -0.25 35.90
CA THR B 51 6.56 -0.74 34.83
C THR B 51 7.00 -2.17 34.48
N ILE B 52 6.67 -2.64 33.28
CA ILE B 52 6.97 -3.99 32.82
C ILE B 52 8.42 -4.37 33.13
N ASN B 53 8.60 -5.46 33.86
CA ASN B 53 9.91 -5.90 34.35
C ASN B 53 9.89 -7.42 34.43
N HIS B 54 10.85 -7.99 35.14
CA HIS B 54 10.91 -9.42 35.43
C HIS B 54 11.09 -9.66 36.93
N ILE B 55 10.46 -8.83 37.74
CA ILE B 55 10.56 -8.98 39.20
C ILE B 55 9.64 -10.09 39.65
N PRO B 56 10.16 -11.14 40.28
CA PRO B 56 9.30 -12.27 40.70
C PRO B 56 8.25 -11.89 41.73
N ASP B 57 8.67 -11.29 42.84
CA ASP B 57 7.77 -11.08 43.97
C ASP B 57 8.12 -9.80 44.70
N ILE B 58 7.37 -9.53 45.78
CA ILE B 58 7.63 -8.43 46.69
C ILE B 58 7.67 -9.01 48.11
N SER B 59 8.65 -8.54 48.88
CA SER B 59 8.80 -8.93 50.27
C SER B 59 8.79 -7.66 51.13
N PRO B 60 8.44 -7.78 52.41
CA PRO B 60 8.46 -6.59 53.28
C PRO B 60 9.80 -5.88 53.32
N ALA B 61 10.89 -6.55 52.93
CA ALA B 61 12.20 -5.92 52.87
C ALA B 61 12.39 -5.04 51.64
N SER B 62 11.36 -4.88 50.81
CA SER B 62 11.49 -4.01 49.63
C SER B 62 11.31 -2.55 50.01
N PHE B 63 10.26 -2.24 50.76
CA PHE B 63 9.98 -0.87 51.20
C PHE B 63 10.33 -0.68 52.68
N HIS B 64 11.42 -1.28 53.14
CA HIS B 64 11.72 -1.29 54.57
C HIS B 64 12.20 0.08 55.05
N ARG B 65 13.21 0.65 54.39
CA ARG B 65 13.75 1.94 54.79
C ARG B 65 13.21 3.09 53.94
N LEU B 66 12.02 2.94 53.37
CA LEU B 66 11.34 4.00 52.63
C LEU B 66 9.96 4.19 53.25
N VAL B 67 9.82 5.22 54.07
CA VAL B 67 8.53 5.51 54.72
C VAL B 67 7.84 6.63 53.97
N HIS B 68 8.61 7.54 53.38
CA HIS B 68 8.08 8.72 52.73
C HIS B 68 7.48 8.44 51.36
N LEU B 69 7.33 7.17 51.00
CA LEU B 69 6.73 6.83 49.71
C LEU B 69 5.25 7.14 49.72
N VAL B 70 4.80 7.90 48.71
CA VAL B 70 3.40 8.26 48.57
C VAL B 70 2.78 7.71 47.29
N GLU B 71 3.55 7.04 46.44
CA GLU B 71 3.04 6.49 45.19
C GLU B 71 3.92 5.33 44.76
N ILE B 72 3.32 4.16 44.59
CA ILE B 72 4.03 2.96 44.19
C ILE B 72 3.36 2.42 42.93
N ASP B 73 4.11 2.40 41.82
CA ASP B 73 3.61 1.93 40.53
C ASP B 73 4.29 0.60 40.20
N PHE B 74 3.54 -0.49 40.38
CA PHE B 74 4.02 -1.84 40.12
C PHE B 74 3.21 -2.48 39.01
N ARG B 75 2.99 -1.74 37.94
CA ARG B 75 2.04 -2.13 36.91
C ARG B 75 2.66 -3.07 35.88
N CYS B 76 1.97 -4.17 35.60
CA CYS B 76 2.19 -4.99 34.40
C CYS B 76 3.59 -5.60 34.35
N ASN B 77 3.99 -6.23 35.45
CA ASN B 77 5.26 -6.95 35.44
C ASN B 77 5.15 -8.29 34.74
N CYS B 78 4.03 -8.99 34.92
CA CYS B 78 3.75 -10.23 34.20
C CYS B 78 2.38 -10.07 33.54
N VAL B 79 2.39 -9.52 32.32
CA VAL B 79 1.17 -9.21 31.58
C VAL B 79 0.41 -10.50 31.31
N PRO B 80 -0.92 -10.50 31.32
CA PRO B 80 -1.67 -11.72 30.99
C PRO B 80 -1.44 -12.20 29.56
N ILE B 81 -2.10 -13.31 29.21
CA ILE B 81 -1.77 -14.04 27.99
C ILE B 81 -1.97 -13.18 26.75
N ARG B 82 -3.00 -12.33 26.74
CA ARG B 82 -3.40 -11.64 25.53
C ARG B 82 -3.37 -10.11 25.64
N LEU B 83 -2.91 -9.55 26.75
CA LEU B 83 -2.91 -8.11 26.94
C LEU B 83 -1.57 -7.45 26.66
N GLY B 84 -0.54 -8.23 26.30
CA GLY B 84 0.76 -7.65 26.04
C GLY B 84 1.61 -8.57 25.18
N SER B 85 2.85 -8.15 24.97
CA SER B 85 3.79 -8.92 24.18
C SER B 85 4.18 -10.20 24.92
N LYS B 86 4.25 -11.31 24.19
CA LYS B 86 4.64 -12.59 24.75
C LYS B 86 6.15 -12.82 24.69
N SER B 87 6.92 -11.75 24.54
CA SER B 87 8.38 -11.84 24.56
C SER B 87 8.95 -11.79 25.97
N ASN B 88 8.14 -11.43 26.96
CA ASN B 88 8.56 -11.40 28.36
C ASN B 88 7.55 -12.21 29.17
N MET B 89 7.85 -13.49 29.37
CA MET B 89 6.95 -14.40 30.05
C MET B 89 7.44 -14.66 31.47
N CYS B 90 6.53 -14.58 32.44
CA CYS B 90 6.85 -14.90 33.82
C CYS B 90 6.60 -16.39 34.08
N PRO B 91 7.39 -17.03 34.95
CA PRO B 91 7.14 -18.44 35.24
C PRO B 91 5.83 -18.68 35.98
N ARG B 92 5.38 -17.72 36.78
CA ARG B 92 4.13 -17.85 37.51
C ARG B 92 3.54 -16.45 37.70
N ARG B 93 2.49 -16.37 38.51
CA ARG B 93 1.86 -15.10 38.80
C ARG B 93 2.63 -14.37 39.91
N LEU B 94 2.21 -13.14 40.17
CA LEU B 94 2.84 -12.32 41.20
C LEU B 94 2.30 -12.72 42.58
N GLN B 95 3.19 -12.72 43.57
CA GLN B 95 2.84 -13.03 44.95
C GLN B 95 3.37 -11.92 45.86
N ILE B 96 2.61 -11.62 46.91
CA ILE B 96 2.96 -10.58 47.87
C ILE B 96 2.88 -11.17 49.26
N LYS B 97 4.01 -11.14 49.98
CA LYS B 97 4.01 -11.62 51.35
C LYS B 97 3.16 -10.70 52.22
N PRO B 98 2.57 -11.25 53.30
CA PRO B 98 1.77 -10.40 54.20
C PRO B 98 2.62 -9.29 54.81
N ARG B 99 1.96 -8.16 55.08
CA ARG B 99 2.60 -6.97 55.64
C ARG B 99 3.74 -6.47 54.76
N SER B 100 3.48 -6.37 53.46
CA SER B 100 4.43 -5.79 52.53
C SER B 100 4.22 -4.30 52.33
N PHE B 101 3.10 -3.75 52.77
CA PHE B 101 2.83 -2.33 52.66
C PHE B 101 2.44 -1.67 53.97
N SER B 102 2.43 -2.43 55.08
CA SER B 102 2.05 -1.84 56.36
C SER B 102 3.09 -0.84 56.85
N GLY B 103 4.35 -1.01 56.46
CA GLY B 103 5.40 -0.09 56.83
C GLY B 103 5.40 1.23 56.09
N LEU B 104 4.46 1.44 55.17
CA LEU B 104 4.36 2.69 54.41
C LEU B 104 3.24 3.53 55.02
N THR B 105 3.59 4.27 56.07
CA THR B 105 2.60 5.09 56.76
C THR B 105 2.18 6.30 55.94
N TYR B 106 3.00 6.73 54.98
CA TYR B 106 2.69 7.88 54.14
C TYR B 106 2.24 7.48 52.74
N LEU B 107 1.90 6.21 52.52
CA LEU B 107 1.47 5.77 51.21
C LEU B 107 0.07 6.29 50.91
N LYS B 108 -0.12 6.76 49.67
CA LYS B 108 -1.41 7.29 49.24
C LYS B 108 -1.88 6.78 47.89
N SER B 109 -1.04 6.05 47.15
CA SER B 109 -1.43 5.53 45.85
C SER B 109 -0.67 4.24 45.58
N LEU B 110 -1.32 3.33 44.86
CA LEU B 110 -0.73 2.03 44.54
C LEU B 110 -1.33 1.52 43.25
N TYR B 111 -0.46 1.16 42.30
CA TYR B 111 -0.87 0.65 41.00
C TYR B 111 -0.34 -0.78 40.85
N LEU B 112 -1.26 -1.75 40.79
CA LEU B 112 -0.93 -3.15 40.64
C LEU B 112 -1.65 -3.76 39.44
N ASP B 113 -1.64 -3.05 38.31
CA ASP B 113 -2.35 -3.49 37.12
C ASP B 113 -1.54 -4.53 36.36
N GLY B 114 -2.25 -5.53 35.82
CA GLY B 114 -1.63 -6.50 34.93
C GLY B 114 -0.58 -7.40 35.55
N ASN B 115 -0.81 -7.86 36.78
CA ASN B 115 0.15 -8.71 37.47
C ASN B 115 -0.44 -10.06 37.86
N GLN B 116 -1.66 -10.38 37.39
CA GLN B 116 -2.26 -11.70 37.54
C GLN B 116 -2.44 -12.08 39.01
N LEU B 117 -3.00 -11.17 39.81
CA LEU B 117 -3.31 -11.48 41.19
C LEU B 117 -4.66 -12.21 41.29
N LEU B 118 -4.75 -13.11 42.25
CA LEU B 118 -5.99 -13.86 42.46
C LEU B 118 -6.98 -13.12 43.35
N GLU B 119 -6.49 -12.38 44.34
CA GLU B 119 -7.36 -11.63 45.25
C GLU B 119 -6.67 -10.34 45.65
N ILE B 120 -7.42 -9.48 46.33
CA ILE B 120 -6.89 -8.18 46.76
C ILE B 120 -5.85 -8.41 47.86
N PRO B 121 -4.66 -7.79 47.77
CA PRO B 121 -3.66 -7.97 48.82
C PRO B 121 -4.12 -7.39 50.14
N GLN B 122 -3.65 -7.99 51.22
CA GLN B 122 -3.97 -7.56 52.57
C GLN B 122 -2.76 -6.91 53.22
N GLY B 123 -3.02 -6.13 54.26
CA GLY B 123 -1.97 -5.41 54.96
C GLY B 123 -1.70 -4.02 54.46
N LEU B 124 -2.56 -3.47 53.60
CA LEU B 124 -2.34 -2.13 53.07
C LEU B 124 -2.54 -1.10 54.18
N PRO B 125 -1.82 0.03 54.11
CA PRO B 125 -1.94 1.04 55.15
C PRO B 125 -3.27 1.76 55.04
N PRO B 126 -3.78 2.31 56.14
CA PRO B 126 -5.06 3.03 56.09
C PRO B 126 -4.98 4.38 55.37
N SER B 127 -3.78 4.91 55.16
CA SER B 127 -3.61 6.18 54.47
C SER B 127 -3.69 6.06 52.96
N LEU B 128 -3.92 4.85 52.43
CA LEU B 128 -3.98 4.66 50.99
C LEU B 128 -5.25 5.29 50.44
N GLN B 129 -5.10 6.17 49.46
CA GLN B 129 -6.23 6.84 48.83
C GLN B 129 -6.54 6.33 47.43
N LEU B 130 -5.57 5.70 46.76
CA LEU B 130 -5.76 5.16 45.43
C LEU B 130 -5.25 3.72 45.39
N LEU B 131 -6.02 2.86 44.72
CA LEU B 131 -5.63 1.46 44.56
C LEU B 131 -6.23 0.94 43.27
N SER B 132 -5.36 0.58 42.32
CA SER B 132 -5.79 0.09 41.01
C SER B 132 -5.33 -1.36 40.87
N LEU B 133 -6.29 -2.25 40.61
CA LEU B 133 -6.03 -3.67 40.44
C LEU B 133 -6.58 -4.18 39.12
N GLU B 134 -6.31 -3.44 38.04
CA GLU B 134 -6.83 -3.78 36.73
C GLU B 134 -6.03 -4.92 36.11
N ALA B 135 -6.64 -5.55 35.10
CA ALA B 135 -6.01 -6.62 34.31
C ALA B 135 -5.49 -7.75 35.20
N ASN B 136 -6.21 -8.04 36.28
CA ASN B 136 -5.86 -9.11 37.20
C ASN B 136 -6.89 -10.23 37.12
N ASN B 137 -6.69 -11.26 37.94
CA ASN B 137 -7.57 -12.41 38.00
C ASN B 137 -8.43 -12.41 39.26
N ILE B 138 -8.82 -11.22 39.73
CA ILE B 138 -9.64 -11.08 40.92
C ILE B 138 -11.09 -11.01 40.45
N PHE B 139 -11.79 -12.15 40.54
CA PHE B 139 -13.19 -12.24 40.14
C PHE B 139 -14.09 -12.53 41.34
N SER B 140 -13.69 -12.08 42.52
CA SER B 140 -14.46 -12.29 43.73
C SER B 140 -14.20 -11.14 44.69
N ILE B 141 -15.28 -10.49 45.14
CA ILE B 141 -15.20 -9.35 46.03
C ILE B 141 -15.93 -9.69 47.33
N ARG B 142 -15.24 -9.58 48.45
CA ARG B 142 -15.78 -9.86 49.76
C ARG B 142 -15.65 -8.64 50.66
N LYS B 143 -16.23 -8.74 51.86
CA LYS B 143 -16.21 -7.62 52.79
C LYS B 143 -14.98 -7.65 53.68
N GLU B 144 -14.54 -8.85 54.08
CA GLU B 144 -13.39 -8.95 54.98
C GLU B 144 -12.10 -8.48 54.32
N GLN B 145 -11.99 -8.63 53.00
CA GLN B 145 -10.82 -8.14 52.29
C GLN B 145 -10.92 -6.66 51.94
N LEU B 146 -12.08 -6.05 52.13
CA LEU B 146 -12.27 -4.63 51.90
C LEU B 146 -12.38 -3.83 53.19
N THR B 147 -12.40 -4.51 54.35
CA THR B 147 -12.46 -3.78 55.61
C THR B 147 -11.24 -2.90 55.82
N GLU B 148 -10.08 -3.28 55.25
CA GLU B 148 -8.87 -2.49 55.41
C GLU B 148 -8.85 -1.25 54.53
N LEU B 149 -9.74 -1.16 53.56
CA LEU B 149 -9.78 -0.02 52.63
C LEU B 149 -10.86 0.98 53.01
N ALA B 150 -11.08 1.18 54.31
CA ALA B 150 -12.11 2.11 54.77
C ALA B 150 -11.81 3.56 54.44
N ASN B 151 -10.58 3.89 54.03
CA ASN B 151 -10.21 5.25 53.66
C ASN B 151 -9.78 5.35 52.20
N ILE B 152 -10.09 4.34 51.38
CA ILE B 152 -9.75 4.42 49.97
C ILE B 152 -10.67 5.41 49.27
N GLU B 153 -10.18 6.00 48.19
CA GLU B 153 -10.94 6.98 47.42
C GLU B 153 -11.09 6.63 45.95
N ILE B 154 -10.12 5.95 45.35
CA ILE B 154 -10.17 5.55 43.95
C ILE B 154 -9.83 4.06 43.88
N LEU B 155 -10.73 3.28 43.28
CA LEU B 155 -10.57 1.83 43.19
C LEU B 155 -10.80 1.41 41.74
N TYR B 156 -9.77 0.89 41.10
CA TYR B 156 -9.83 0.43 39.72
C TYR B 156 -9.72 -1.09 39.72
N LEU B 157 -10.88 -1.76 39.74
CA LEU B 157 -10.96 -3.21 39.72
C LEU B 157 -11.45 -3.72 38.36
N GLY B 158 -11.05 -3.05 37.29
CA GLY B 158 -11.54 -3.36 35.96
C GLY B 158 -10.69 -4.38 35.23
N GLN B 159 -11.19 -4.77 34.05
CA GLN B 159 -10.48 -5.67 33.13
C GLN B 159 -10.09 -6.99 33.81
N ASN B 160 -10.98 -7.52 34.66
CA ASN B 160 -10.68 -8.73 35.40
C ASN B 160 -11.18 -10.00 34.72
N CYS B 161 -12.26 -9.92 33.94
CA CYS B 161 -12.80 -11.11 33.29
C CYS B 161 -13.50 -10.69 32.00
N TYR B 162 -12.82 -10.87 30.87
CA TYR B 162 -13.39 -10.64 29.55
C TYR B 162 -12.52 -11.37 28.54
N TYR B 163 -12.74 -11.09 27.24
CA TYR B 163 -12.13 -11.91 26.20
C TYR B 163 -10.61 -11.79 26.18
N ARG B 164 -10.06 -10.66 26.64
CA ARG B 164 -8.60 -10.53 26.68
C ARG B 164 -7.99 -11.24 27.88
N ASN B 165 -8.69 -11.26 29.01
CA ASN B 165 -8.22 -11.94 30.22
C ASN B 165 -9.38 -12.73 30.80
N PRO B 166 -9.63 -13.94 30.31
CA PRO B 166 -10.82 -14.68 30.73
C PRO B 166 -10.64 -15.34 32.09
N CYS B 167 -11.78 -15.51 32.77
CA CYS B 167 -11.82 -16.23 34.04
C CYS B 167 -12.96 -17.24 34.10
N TYR B 168 -13.85 -17.26 33.11
CA TYR B 168 -14.90 -18.26 32.93
C TYR B 168 -15.94 -18.26 34.04
N VAL B 169 -15.92 -17.28 34.94
CA VAL B 169 -16.86 -17.19 36.06
C VAL B 169 -17.40 -15.78 36.12
N SER B 170 -18.70 -15.65 36.37
CA SER B 170 -19.31 -14.34 36.54
C SER B 170 -18.74 -13.65 37.78
N TYR B 171 -18.67 -12.32 37.73
CA TYR B 171 -18.12 -11.55 38.84
C TYR B 171 -19.01 -11.69 40.07
N SER B 172 -18.43 -12.21 41.15
CA SER B 172 -19.16 -12.44 42.39
C SER B 172 -18.84 -11.33 43.38
N ILE B 173 -19.85 -10.56 43.76
CA ILE B 173 -19.72 -9.49 44.75
C ILE B 173 -20.77 -9.70 45.82
N GLU B 174 -20.32 -9.88 47.06
CA GLU B 174 -21.24 -10.10 48.16
C GLU B 174 -21.98 -8.82 48.51
N LYS B 175 -23.13 -8.99 49.18
CA LYS B 175 -23.99 -7.86 49.53
C LYS B 175 -23.24 -6.86 50.40
N ASP B 176 -23.32 -5.59 50.02
CA ASP B 176 -22.72 -4.48 50.77
C ASP B 176 -21.22 -4.66 50.94
N ALA B 177 -20.55 -4.97 49.82
CA ALA B 177 -19.10 -5.13 49.86
C ALA B 177 -18.39 -3.78 49.90
N PHE B 178 -18.92 -2.79 49.19
CA PHE B 178 -18.35 -1.45 49.14
C PHE B 178 -19.11 -0.45 49.99
N LEU B 179 -20.04 -0.92 50.83
CA LEU B 179 -20.89 -0.01 51.59
C LEU B 179 -20.08 0.73 52.65
N ASN B 180 -19.19 0.03 53.34
CA ASN B 180 -18.42 0.62 54.43
C ASN B 180 -17.25 1.47 53.94
N LEU B 181 -17.16 1.73 52.64
CA LEU B 181 -16.10 2.58 52.10
C LEU B 181 -16.64 4.01 52.01
N THR B 182 -16.65 4.68 53.16
CA THR B 182 -17.25 6.00 53.26
C THR B 182 -16.49 7.07 52.50
N LYS B 183 -15.22 6.83 52.17
CA LYS B 183 -14.40 7.79 51.45
C LYS B 183 -14.22 7.42 49.98
N LEU B 184 -14.91 6.39 49.50
CA LEU B 184 -14.77 5.97 48.11
C LEU B 184 -15.47 6.96 47.19
N LYS B 185 -14.79 7.36 46.12
CA LYS B 185 -15.34 8.30 45.16
C LYS B 185 -15.33 7.78 43.73
N VAL B 186 -14.32 7.02 43.33
CA VAL B 186 -14.21 6.47 41.99
C VAL B 186 -14.17 4.95 42.09
N LEU B 187 -14.99 4.29 41.29
CA LEU B 187 -15.05 2.83 41.26
C LEU B 187 -15.29 2.38 39.82
N SER B 188 -14.32 1.66 39.25
CA SER B 188 -14.39 1.20 37.87
C SER B 188 -14.38 -0.33 37.86
N LEU B 189 -15.50 -0.92 37.46
CA LEU B 189 -15.63 -2.37 37.35
C LEU B 189 -15.76 -2.80 35.89
N LYS B 190 -14.98 -2.17 35.01
CA LYS B 190 -15.08 -2.41 33.59
C LYS B 190 -14.49 -3.77 33.21
N ASP B 191 -15.13 -4.42 32.23
CA ASP B 191 -14.66 -5.67 31.65
C ASP B 191 -14.40 -6.72 32.73
N ASN B 192 -15.39 -6.90 33.61
CA ASN B 192 -15.27 -7.82 34.73
C ASN B 192 -16.31 -8.94 34.69
N ASN B 193 -17.08 -9.04 33.60
CA ASN B 193 -18.13 -10.04 33.49
C ASN B 193 -19.14 -9.91 34.62
N VAL B 194 -19.46 -8.67 34.99
CA VAL B 194 -20.40 -8.43 36.08
C VAL B 194 -21.82 -8.68 35.59
N THR B 195 -22.60 -9.38 36.42
CA THR B 195 -23.98 -9.68 36.09
C THR B 195 -24.95 -8.68 36.68
N THR B 196 -24.72 -8.25 37.91
CA THR B 196 -25.59 -7.29 38.59
C THR B 196 -24.75 -6.24 39.30
N VAL B 197 -25.27 -5.02 39.33
CA VAL B 197 -24.54 -3.91 39.97
C VAL B 197 -24.39 -4.19 41.46
N PRO B 198 -23.21 -3.99 42.04
CA PRO B 198 -23.02 -4.32 43.46
C PRO B 198 -23.69 -3.36 44.41
N THR B 199 -24.98 -3.55 44.66
CA THR B 199 -25.70 -2.77 45.65
C THR B 199 -25.50 -3.38 47.03
N VAL B 200 -25.34 -2.52 48.04
CA VAL B 200 -25.34 -1.07 47.88
C VAL B 200 -23.93 -0.52 47.79
N LEU B 201 -23.77 0.51 46.96
CA LEU B 201 -22.59 1.31 46.70
C LEU B 201 -22.51 2.47 47.69
N PRO B 202 -21.31 2.99 47.98
CA PRO B 202 -21.21 4.10 48.93
C PRO B 202 -21.85 5.37 48.38
N SER B 203 -22.52 6.10 49.26
CA SER B 203 -23.24 7.31 48.87
C SER B 203 -22.32 8.45 48.48
N THR B 204 -21.01 8.33 48.71
CA THR B 204 -20.05 9.37 48.36
C THR B 204 -19.38 9.10 47.01
N LEU B 205 -19.98 8.27 46.17
CA LEU B 205 -19.43 7.97 44.86
C LEU B 205 -19.63 9.15 43.92
N THR B 206 -18.60 9.44 43.12
CA THR B 206 -18.67 10.49 42.12
C THR B 206 -18.47 9.99 40.69
N GLU B 207 -17.74 8.89 40.50
CA GLU B 207 -17.53 8.31 39.18
C GLU B 207 -17.74 6.81 39.27
N LEU B 208 -18.65 6.29 38.47
CA LEU B 208 -18.99 4.85 38.48
C LEU B 208 -18.85 4.32 37.06
N TYR B 209 -17.85 3.48 36.84
CA TYR B 209 -17.56 2.92 35.52
C TYR B 209 -17.87 1.42 35.56
N LEU B 210 -19.08 1.06 35.13
CA LEU B 210 -19.51 -0.33 35.03
C LEU B 210 -19.67 -0.76 33.58
N TYR B 211 -18.86 -0.20 32.68
CA TYR B 211 -19.07 -0.43 31.26
C TYR B 211 -18.33 -1.67 30.78
N ASN B 212 -18.76 -2.17 29.62
CA ASN B 212 -18.23 -3.37 29.00
C ASN B 212 -18.39 -4.59 29.92
N ASN B 213 -19.62 -4.77 30.42
CA ASN B 213 -19.94 -5.91 31.28
C ASN B 213 -21.13 -6.66 30.72
N MET B 214 -21.63 -7.65 31.47
CA MET B 214 -22.76 -8.46 31.05
C MET B 214 -24.00 -8.16 31.89
N ILE B 215 -24.15 -6.92 32.34
CA ILE B 215 -25.33 -6.51 33.09
C ILE B 215 -26.52 -6.42 32.13
N ALA B 216 -27.55 -7.22 32.39
CA ALA B 216 -28.71 -7.28 31.51
C ALA B 216 -29.88 -6.45 31.99
N GLU B 217 -30.04 -6.28 33.30
CA GLU B 217 -31.17 -5.54 33.85
C GLU B 217 -30.70 -4.65 34.98
N ILE B 218 -31.25 -3.43 35.02
CA ILE B 218 -30.97 -2.45 36.07
C ILE B 218 -32.17 -2.40 36.99
N GLN B 219 -31.90 -2.37 38.30
CA GLN B 219 -32.95 -2.31 39.30
C GLN B 219 -33.30 -0.86 39.63
N GLU B 220 -34.53 -0.65 40.10
CA GLU B 220 -34.97 0.68 40.50
C GLU B 220 -34.33 1.12 41.81
N ASP B 221 -33.91 0.19 42.66
CA ASP B 221 -33.21 0.48 43.90
C ASP B 221 -31.70 0.32 43.76
N ASP B 222 -31.16 0.57 42.56
CA ASP B 222 -29.74 0.39 42.29
C ASP B 222 -28.95 1.66 42.59
N PHE B 223 -29.30 2.76 41.93
CA PHE B 223 -28.69 4.07 42.18
C PHE B 223 -29.55 4.91 43.11
N ASN B 224 -30.25 4.27 44.04
CA ASN B 224 -31.17 4.97 44.91
C ASN B 224 -30.48 5.83 45.97
N ASN B 225 -29.22 5.55 46.28
CA ASN B 225 -28.49 6.30 47.29
C ASN B 225 -27.41 7.20 46.72
N LEU B 226 -27.03 7.00 45.46
CA LEU B 226 -25.98 7.81 44.83
C LEU B 226 -26.55 9.18 44.49
N ASN B 227 -26.31 10.15 45.36
CA ASN B 227 -26.75 11.53 45.12
C ASN B 227 -25.61 12.44 44.72
N GLN B 228 -24.36 12.04 44.93
CA GLN B 228 -23.20 12.81 44.54
C GLN B 228 -22.51 12.27 43.29
N LEU B 229 -23.16 11.35 42.58
CA LEU B 229 -22.57 10.77 41.39
C LEU B 229 -22.57 11.78 40.25
N GLN B 230 -21.45 11.83 39.53
CA GLN B 230 -21.29 12.75 38.41
C GLN B 230 -21.06 12.06 37.07
N ILE B 231 -20.41 10.90 37.08
CA ILE B 231 -20.12 10.15 35.86
C ILE B 231 -20.67 8.74 36.03
N LEU B 232 -21.51 8.32 35.09
CA LEU B 232 -22.09 6.98 35.10
C LEU B 232 -21.89 6.38 33.71
N ASP B 233 -21.11 5.31 33.64
CA ASP B 233 -20.73 4.71 32.36
C ASP B 233 -21.25 3.28 32.31
N LEU B 234 -22.29 3.06 31.51
CA LEU B 234 -22.92 1.76 31.33
C LEU B 234 -22.84 1.31 29.88
N SER B 235 -21.66 1.47 29.27
CA SER B 235 -21.48 1.19 27.85
C SER B 235 -21.07 -0.26 27.64
N GLY B 236 -21.68 -0.90 26.65
CA GLY B 236 -21.34 -2.27 26.31
C GLY B 236 -22.22 -3.34 26.91
N ASN B 237 -23.12 -2.98 27.83
CA ASN B 237 -24.06 -3.93 28.38
C ASN B 237 -25.13 -4.23 27.33
N CYS B 238 -25.25 -5.51 26.96
CA CYS B 238 -26.09 -5.93 25.83
C CYS B 238 -25.66 -5.17 24.58
N PRO B 239 -24.46 -5.43 24.06
CA PRO B 239 -23.89 -4.56 23.02
C PRO B 239 -24.45 -4.88 21.64
N ARG B 240 -24.12 -4.00 20.70
CA ARG B 240 -24.42 -4.19 19.29
C ARG B 240 -23.30 -5.03 18.68
N CYS B 241 -23.58 -6.31 18.44
CA CYS B 241 -22.56 -7.27 18.07
C CYS B 241 -22.40 -7.43 16.56
N TYR B 242 -23.21 -6.75 15.76
CA TYR B 242 -23.12 -6.89 14.31
C TYR B 242 -21.83 -6.26 13.79
N ASN B 243 -21.04 -7.06 13.06
CA ASN B 243 -19.79 -6.60 12.45
C ASN B 243 -18.83 -6.04 13.51
N ALA B 244 -18.77 -6.70 14.66
CA ALA B 244 -17.88 -6.27 15.72
C ALA B 244 -16.52 -6.95 15.59
N PRO B 245 -15.42 -6.21 15.53
CA PRO B 245 -14.10 -6.82 15.42
C PRO B 245 -13.56 -7.40 16.72
N PHE B 246 -14.39 -7.53 17.75
CA PHE B 246 -14.00 -8.08 19.03
C PHE B 246 -15.02 -9.12 19.48
N PRO B 247 -14.58 -10.13 20.23
CA PRO B 247 -15.51 -11.13 20.77
C PRO B 247 -16.51 -10.47 21.72
N CYS B 248 -17.78 -10.49 21.34
CA CYS B 248 -18.84 -9.88 22.13
C CYS B 248 -20.00 -10.87 22.26
N THR B 249 -20.62 -10.89 23.43
CA THR B 249 -21.75 -11.77 23.69
C THR B 249 -23.01 -10.93 23.86
N PRO B 250 -23.93 -10.94 22.89
CA PRO B 250 -25.14 -10.13 23.01
C PRO B 250 -26.18 -10.83 23.88
N CYS B 251 -27.19 -10.05 24.28
CA CYS B 251 -28.27 -10.59 25.08
C CYS B 251 -29.22 -11.41 24.20
N LYS B 252 -29.99 -12.26 24.86
CA LYS B 252 -30.94 -13.12 24.16
C LYS B 252 -32.10 -12.29 23.60
N ASN B 253 -32.62 -12.73 22.46
CA ASN B 253 -33.72 -12.09 21.75
C ASN B 253 -33.40 -10.67 21.31
N ASN B 254 -32.11 -10.30 21.27
CA ASN B 254 -31.67 -8.97 20.86
C ASN B 254 -32.35 -7.89 21.69
N SER B 255 -32.35 -8.08 23.01
CA SER B 255 -33.01 -7.12 23.88
C SER B 255 -32.00 -6.08 24.38
N PRO B 256 -32.42 -4.83 24.50
CA PRO B 256 -31.52 -3.79 25.01
C PRO B 256 -31.34 -3.91 26.52
N LEU B 257 -30.51 -3.01 27.05
CA LEU B 257 -30.30 -2.95 28.49
C LEU B 257 -31.57 -2.46 29.18
N GLN B 258 -32.20 -3.35 29.96
CA GLN B 258 -33.47 -3.03 30.61
C GLN B 258 -33.21 -2.04 31.75
N ILE B 259 -33.40 -0.77 31.47
CA ILE B 259 -33.26 0.31 32.46
C ILE B 259 -34.65 0.85 32.77
N PRO B 260 -35.08 0.84 34.03
CA PRO B 260 -36.41 1.35 34.36
C PRO B 260 -36.51 2.85 34.12
N VAL B 261 -37.75 3.32 34.05
CA VAL B 261 -37.99 4.75 33.84
C VAL B 261 -37.56 5.55 35.07
N ASN B 262 -37.85 5.02 36.26
CA ASN B 262 -37.45 5.66 37.51
C ASN B 262 -36.13 5.12 38.03
N ALA B 263 -35.11 5.14 37.17
CA ALA B 263 -33.78 4.65 37.52
C ALA B 263 -32.81 5.76 37.89
N PHE B 264 -32.75 6.82 37.08
CA PHE B 264 -31.88 7.96 37.36
C PHE B 264 -32.63 9.03 38.16
N ASP B 265 -33.19 8.63 39.30
CA ASP B 265 -33.95 9.54 40.14
C ASP B 265 -33.07 10.22 41.18
N ALA B 266 -32.35 9.42 41.97
CA ALA B 266 -31.47 9.98 42.99
C ALA B 266 -30.27 10.70 42.40
N LEU B 267 -29.93 10.41 41.13
CA LEU B 267 -28.83 11.08 40.47
C LEU B 267 -29.22 12.53 40.17
N THR B 268 -28.65 13.47 40.92
CA THR B 268 -28.90 14.88 40.72
C THR B 268 -27.69 15.67 40.24
N GLU B 269 -26.49 15.28 40.65
CA GLU B 269 -25.27 15.93 40.22
C GLU B 269 -24.61 15.22 39.04
N LEU B 270 -25.36 14.40 38.31
CA LEU B 270 -24.80 13.67 37.19
C LEU B 270 -24.54 14.61 36.02
N LYS B 271 -23.31 14.59 35.51
CA LYS B 271 -22.91 15.41 34.39
C LYS B 271 -22.53 14.62 33.15
N VAL B 272 -22.06 13.38 33.32
CA VAL B 272 -21.67 12.52 32.20
C VAL B 272 -22.44 11.21 32.31
N LEU B 273 -23.14 10.85 31.24
CA LEU B 273 -23.91 9.60 31.19
C LEU B 273 -23.71 8.98 29.81
N ARG B 274 -22.93 7.90 29.75
CA ARG B 274 -22.60 7.23 28.50
C ARG B 274 -23.35 5.91 28.42
N LEU B 275 -24.23 5.79 27.44
CA LEU B 275 -24.98 4.57 27.17
C LEU B 275 -24.59 4.01 25.80
N HIS B 276 -23.32 4.08 25.47
CA HIS B 276 -22.84 3.65 24.17
C HIS B 276 -22.89 2.13 24.03
N SER B 277 -23.38 1.66 22.88
CA SER B 277 -23.41 0.24 22.55
C SER B 277 -24.22 -0.56 23.58
N ASN B 278 -25.49 -0.19 23.69
CA ASN B 278 -26.42 -0.89 24.57
C ASN B 278 -27.60 -1.49 23.81
N SER B 279 -27.56 -1.48 22.48
CA SER B 279 -28.63 -2.01 21.64
C SER B 279 -29.96 -1.33 21.94
N LEU B 280 -29.91 -0.07 22.40
CA LEU B 280 -31.13 0.64 22.78
C LEU B 280 -31.95 0.99 21.55
N GLN B 281 -33.28 0.91 21.70
CA GLN B 281 -34.21 1.29 20.64
C GLN B 281 -35.09 2.47 21.02
N HIS B 282 -35.32 2.70 22.31
CA HIS B 282 -36.12 3.83 22.78
C HIS B 282 -35.41 4.50 23.95
N VAL B 283 -35.44 5.83 23.95
CA VAL B 283 -34.87 6.61 25.04
C VAL B 283 -36.00 7.38 25.71
N PRO B 284 -36.59 6.86 26.78
CA PRO B 284 -37.72 7.54 27.43
C PRO B 284 -37.27 8.84 28.07
N PRO B 285 -38.08 9.90 27.95
CA PRO B 285 -37.72 11.17 28.61
C PRO B 285 -37.74 11.08 30.12
N ARG B 286 -38.34 10.04 30.70
CA ARG B 286 -38.35 9.88 32.16
C ARG B 286 -36.96 9.63 32.71
N TRP B 287 -36.04 9.10 31.91
CA TRP B 287 -34.67 8.89 32.38
C TRP B 287 -34.00 10.22 32.72
N PHE B 288 -34.32 11.28 31.96
CA PHE B 288 -33.70 12.58 32.13
C PHE B 288 -34.61 13.55 32.89
N LYS B 289 -35.38 13.06 33.86
CA LYS B 289 -36.28 13.93 34.61
C LYS B 289 -35.56 14.61 35.77
N ASN B 290 -34.73 13.88 36.50
CA ASN B 290 -34.06 14.43 37.68
C ASN B 290 -32.64 14.92 37.40
N ILE B 291 -32.02 14.48 36.31
CA ILE B 291 -30.68 14.93 35.97
C ILE B 291 -30.76 16.23 35.18
N ASN B 292 -30.61 17.35 35.88
CA ASN B 292 -30.74 18.66 35.23
C ASN B 292 -29.42 19.18 34.72
N ASN B 293 -28.30 18.76 35.31
CA ASN B 293 -26.97 19.25 34.97
C ASN B 293 -26.19 18.24 34.13
N LEU B 294 -26.88 17.52 33.26
CA LEU B 294 -26.20 16.58 32.37
C LEU B 294 -25.50 17.32 31.25
N GLN B 295 -24.21 17.06 31.09
CA GLN B 295 -23.39 17.75 30.09
C GLN B 295 -23.02 16.87 28.91
N GLU B 296 -22.61 15.62 29.16
CA GLU B 296 -22.19 14.70 28.11
C GLU B 296 -23.14 13.51 28.09
N LEU B 297 -23.59 13.14 26.89
CA LEU B 297 -24.50 12.01 26.72
C LEU B 297 -24.04 11.21 25.51
N ASP B 298 -23.55 9.99 25.75
CA ASP B 298 -23.10 9.11 24.69
C ASP B 298 -24.17 8.05 24.42
N LEU B 299 -24.61 7.96 23.17
CA LEU B 299 -25.62 7.00 22.75
C LEU B 299 -25.23 6.35 21.44
N SER B 300 -23.96 5.97 21.32
CA SER B 300 -23.46 5.42 20.07
C SER B 300 -23.64 3.91 20.02
N GLN B 301 -23.60 3.37 18.80
CA GLN B 301 -23.72 1.94 18.54
C GLN B 301 -25.02 1.37 19.10
N ASN B 302 -26.12 2.04 18.80
CA ASN B 302 -27.44 1.59 19.23
C ASN B 302 -28.37 1.47 18.03
N PHE B 303 -29.66 1.25 18.30
CA PHE B 303 -30.68 1.16 17.27
C PHE B 303 -31.65 2.33 17.37
N LEU B 304 -31.13 3.53 17.63
CA LEU B 304 -31.93 4.72 17.83
C LEU B 304 -32.20 5.48 16.54
N ALA B 305 -32.16 4.81 15.38
CA ALA B 305 -32.45 5.48 14.12
C ALA B 305 -33.86 6.04 14.11
N LYS B 306 -34.81 5.31 14.68
CA LYS B 306 -36.17 5.82 14.81
C LYS B 306 -36.32 6.79 15.97
N GLU B 307 -35.43 6.72 16.96
CA GLU B 307 -35.51 7.64 18.10
C GLU B 307 -34.98 9.02 17.73
N ILE B 308 -33.94 9.08 16.90
CA ILE B 308 -33.42 10.37 16.45
C ILE B 308 -34.49 11.15 15.70
N GLY B 309 -35.38 10.45 14.98
CA GLY B 309 -36.47 11.13 14.31
C GLY B 309 -37.47 11.76 15.26
N ASP B 310 -37.62 11.20 16.45
CA ASP B 310 -38.51 11.74 17.47
C ASP B 310 -37.75 12.55 18.51
N ALA B 311 -36.81 11.91 19.21
CA ALA B 311 -35.89 12.57 20.14
C ALA B 311 -36.63 13.47 21.12
N LYS B 312 -37.55 12.86 21.89
CA LYS B 312 -38.30 13.63 22.87
C LYS B 312 -37.44 13.98 24.08
N PHE B 313 -36.57 13.06 24.50
CA PHE B 313 -35.74 13.27 25.68
C PHE B 313 -34.85 14.49 25.57
N LEU B 314 -34.53 14.94 24.36
CA LEU B 314 -33.74 16.16 24.18
C LEU B 314 -34.41 17.40 24.75
N HIS B 315 -35.72 17.33 25.03
CA HIS B 315 -36.41 18.44 25.68
C HIS B 315 -36.08 18.55 27.16
N PHE B 316 -35.38 17.57 27.73
CA PHE B 316 -35.05 17.56 29.14
C PHE B 316 -33.57 17.79 29.42
N LEU B 317 -32.81 18.23 28.41
CA LEU B 317 -31.37 18.47 28.55
C LEU B 317 -31.06 19.88 28.07
N PRO B 318 -31.34 20.88 28.90
CA PRO B 318 -31.01 22.27 28.50
C PRO B 318 -29.54 22.63 28.68
N ASN B 319 -28.78 21.87 29.46
CA ASN B 319 -27.37 22.14 29.70
C ASN B 319 -26.46 21.10 29.05
N LEU B 320 -26.97 20.38 28.05
CA LEU B 320 -26.17 19.34 27.40
C LEU B 320 -25.07 19.98 26.57
N ILE B 321 -23.83 19.55 26.80
CA ILE B 321 -22.68 20.06 26.07
C ILE B 321 -22.37 19.18 24.87
N GLN B 322 -22.19 17.88 25.08
CA GLN B 322 -21.88 16.94 24.03
C GLN B 322 -23.03 15.96 23.84
N LEU B 323 -23.18 15.47 22.61
CA LEU B 323 -24.22 14.50 22.29
C LEU B 323 -23.69 13.60 21.18
N ASP B 324 -23.32 12.37 21.54
CA ASP B 324 -22.78 11.41 20.59
C ASP B 324 -23.89 10.44 20.19
N LEU B 325 -24.24 10.46 18.91
CA LEU B 325 -25.26 9.58 18.33
C LEU B 325 -24.71 8.84 17.12
N SER B 326 -23.49 8.31 17.25
CA SER B 326 -22.79 7.70 16.14
C SER B 326 -23.18 6.24 15.97
N PHE B 327 -23.24 5.81 14.71
CA PHE B 327 -23.46 4.41 14.34
C PHE B 327 -24.79 3.89 14.91
N ASN B 328 -25.87 4.58 14.53
CA ASN B 328 -27.22 4.16 14.91
C ASN B 328 -28.02 3.68 13.70
N PHE B 329 -27.35 3.30 12.62
CA PHE B 329 -28.03 2.89 11.40
C PHE B 329 -28.69 1.53 11.58
N GLU B 330 -29.67 1.28 10.72
CA GLU B 330 -30.34 -0.01 10.66
C GLU B 330 -29.72 -0.88 9.57
N LEU B 331 -29.82 -2.19 9.74
CA LEU B 331 -29.24 -3.11 8.79
C LEU B 331 -30.07 -3.17 7.51
N GLN B 332 -29.39 -3.20 6.37
CA GLN B 332 -30.03 -3.28 5.06
C GLN B 332 -31.00 -2.13 4.82
N VAL B 333 -30.70 -0.96 5.38
CA VAL B 333 -31.54 0.23 5.24
C VAL B 333 -30.64 1.37 4.79
N TYR B 334 -30.78 1.78 3.53
CA TYR B 334 -30.07 2.93 2.98
C TYR B 334 -31.07 4.08 2.89
N ARG B 335 -31.02 4.99 3.87
CA ARG B 335 -31.97 6.09 3.92
C ARG B 335 -31.68 7.11 2.83
N ALA B 336 -32.72 7.84 2.43
CA ALA B 336 -32.59 8.87 1.42
C ALA B 336 -32.22 10.23 2.00
N SER B 337 -32.48 10.45 3.28
CA SER B 337 -32.17 11.72 3.92
C SER B 337 -32.05 11.50 5.42
N MET B 338 -31.41 12.48 6.08
CA MET B 338 -31.26 12.44 7.53
C MET B 338 -32.46 13.10 8.19
N ASN B 339 -33.13 12.36 9.08
CA ASN B 339 -34.34 12.83 9.75
C ASN B 339 -33.97 13.27 11.16
N LEU B 340 -33.61 14.54 11.29
CA LEU B 340 -33.32 15.12 12.60
C LEU B 340 -34.58 15.78 13.15
N SER B 341 -34.91 15.48 14.39
CA SER B 341 -36.11 16.02 15.01
C SER B 341 -35.95 17.50 15.32
N GLN B 342 -37.08 18.18 15.49
CA GLN B 342 -37.06 19.59 15.85
C GLN B 342 -36.58 19.82 17.27
N ALA B 343 -36.71 18.81 18.14
CA ALA B 343 -36.26 18.94 19.53
C ALA B 343 -34.77 19.19 19.65
N PHE B 344 -34.00 18.97 18.58
CA PHE B 344 -32.59 19.35 18.58
C PHE B 344 -32.40 20.85 18.79
N SER B 345 -33.43 21.65 18.54
CA SER B 345 -33.37 23.07 18.82
C SER B 345 -33.46 23.40 20.30
N SER B 346 -33.74 22.40 21.14
CA SER B 346 -33.83 22.59 22.58
C SER B 346 -32.48 22.46 23.28
N LEU B 347 -31.42 22.13 22.54
CA LEU B 347 -30.09 22.00 23.12
C LEU B 347 -29.38 23.35 23.02
N LYS B 348 -29.69 24.21 24.00
CA LYS B 348 -29.17 25.58 23.98
C LYS B 348 -27.65 25.59 24.15
N SER B 349 -27.12 24.79 25.07
CA SER B 349 -25.70 24.78 25.38
C SER B 349 -24.93 23.71 24.61
N LEU B 350 -25.49 23.21 23.51
CA LEU B 350 -24.82 22.17 22.74
C LEU B 350 -23.62 22.75 22.00
N LYS B 351 -22.49 22.07 22.08
CA LYS B 351 -21.27 22.48 21.40
C LYS B 351 -20.83 21.48 20.34
N ILE B 352 -20.73 20.20 20.69
CA ILE B 352 -20.31 19.14 19.77
C ILE B 352 -21.51 18.24 19.50
N LEU B 353 -21.69 17.87 18.23
CA LEU B 353 -22.77 17.00 17.81
C LEU B 353 -22.23 16.06 16.72
N ARG B 354 -21.97 14.81 17.09
CA ARG B 354 -21.44 13.82 16.18
C ARG B 354 -22.57 12.85 15.81
N ILE B 355 -22.97 12.88 14.54
CA ILE B 355 -24.05 12.04 14.05
C ILE B 355 -23.51 11.08 13.00
N ARG B 356 -22.26 10.64 13.18
CA ARG B 356 -21.65 9.69 12.26
C ARG B 356 -22.43 8.36 12.28
N GLY B 357 -22.10 7.50 11.34
CA GLY B 357 -22.74 6.20 11.25
C GLY B 357 -24.24 6.24 11.03
N TYR B 358 -24.76 7.38 10.58
CA TYR B 358 -26.18 7.56 10.29
C TYR B 358 -26.42 7.52 8.78
N VAL B 359 -25.74 6.62 8.08
CA VAL B 359 -25.63 6.60 6.63
C VAL B 359 -26.95 6.89 5.93
N PHE B 360 -26.92 7.83 4.99
CA PHE B 360 -28.08 8.19 4.18
C PHE B 360 -27.57 8.56 2.79
N LYS B 361 -28.48 9.02 1.94
CA LYS B 361 -28.16 9.28 0.54
C LYS B 361 -27.82 10.74 0.27
N GLU B 362 -28.73 11.66 0.59
CA GLU B 362 -28.58 13.07 0.25
C GLU B 362 -28.71 13.92 1.49
N LEU B 363 -27.81 14.90 1.62
CA LEU B 363 -27.85 15.88 2.71
C LEU B 363 -28.29 17.21 2.12
N LYS B 364 -29.57 17.55 2.31
CA LYS B 364 -30.14 18.76 1.74
C LYS B 364 -29.94 19.93 2.72
N SER B 365 -30.50 21.09 2.38
CA SER B 365 -30.31 22.28 3.18
C SER B 365 -31.18 22.27 4.44
N PHE B 366 -32.48 22.05 4.27
CA PHE B 366 -33.43 22.12 5.37
C PHE B 366 -33.35 20.91 6.30
N GLN B 367 -32.44 19.97 6.07
CA GLN B 367 -32.29 18.84 6.96
C GLN B 367 -31.59 19.25 8.26
N LEU B 368 -30.76 20.28 8.22
CA LEU B 368 -30.08 20.79 9.41
C LEU B 368 -30.75 22.05 9.94
N SER B 369 -32.05 22.22 9.70
CA SER B 369 -32.74 23.42 10.17
C SER B 369 -32.86 23.51 11.69
N PRO B 370 -33.00 22.42 12.45
CA PRO B 370 -33.01 22.58 13.92
C PRO B 370 -31.70 23.11 14.48
N LEU B 371 -30.58 22.90 13.78
CA LEU B 371 -29.28 23.38 14.21
C LEU B 371 -28.97 24.79 13.72
N HIS B 372 -29.94 25.46 13.10
CA HIS B 372 -29.72 26.80 12.56
C HIS B 372 -29.76 27.90 13.60
N ASN B 373 -29.99 27.56 14.88
CA ASN B 373 -30.09 28.56 15.93
C ASN B 373 -29.26 28.22 17.16
N LEU B 374 -28.47 27.15 17.11
CA LEU B 374 -27.60 26.79 18.23
C LEU B 374 -26.39 27.71 18.21
N GLN B 375 -26.41 28.74 19.06
CA GLN B 375 -25.34 29.73 19.07
C GLN B 375 -24.02 29.16 19.57
N ASN B 376 -24.08 28.13 20.43
CA ASN B 376 -22.88 27.54 21.00
C ASN B 376 -22.38 26.34 20.21
N LEU B 377 -23.05 25.97 19.12
CA LEU B 377 -22.63 24.83 18.32
C LEU B 377 -21.32 25.16 17.59
N GLU B 378 -20.31 24.34 17.82
CA GLU B 378 -19.00 24.52 17.21
C GLU B 378 -18.63 23.40 16.25
N VAL B 379 -18.69 22.15 16.71
CA VAL B 379 -18.33 20.99 15.90
C VAL B 379 -19.60 20.33 15.37
N LEU B 380 -19.58 19.95 14.10
CA LEU B 380 -20.69 19.27 13.45
C LEU B 380 -20.10 18.10 12.66
N ASP B 381 -20.05 16.92 13.28
CA ASP B 381 -19.46 15.75 12.66
C ASP B 381 -20.51 15.00 11.85
N LEU B 382 -20.20 14.75 10.57
CA LEU B 382 -21.10 14.02 9.68
C LEU B 382 -20.32 13.02 8.82
N GLY B 383 -19.21 12.51 9.33
CA GLY B 383 -18.42 11.55 8.59
C GLY B 383 -19.01 10.15 8.65
N THR B 384 -18.50 9.30 7.75
CA THR B 384 -18.92 7.91 7.64
C THR B 384 -20.43 7.80 7.46
N ASN B 385 -20.95 8.59 6.52
CA ASN B 385 -22.38 8.60 6.21
C ASN B 385 -22.68 8.26 4.76
N PHE B 386 -21.66 8.17 3.90
CA PHE B 386 -21.84 7.80 2.49
C PHE B 386 -22.84 8.73 1.79
N ILE B 387 -22.72 10.03 2.07
CA ILE B 387 -23.58 11.02 1.42
C ILE B 387 -23.17 11.15 -0.05
N LYS B 388 -24.16 11.33 -0.91
CA LYS B 388 -23.93 11.47 -2.34
C LYS B 388 -24.09 12.90 -2.84
N ILE B 389 -25.24 13.52 -2.59
CA ILE B 389 -25.52 14.88 -3.03
C ILE B 389 -25.54 15.77 -1.80
N ALA B 390 -24.68 16.79 -1.80
CA ALA B 390 -24.61 17.72 -0.68
C ALA B 390 -24.06 19.05 -1.22
N ASN B 391 -24.96 20.01 -1.41
CA ASN B 391 -24.56 21.34 -1.87
C ASN B 391 -23.84 22.06 -0.75
N LEU B 392 -22.55 22.40 -0.96
CA LEU B 392 -21.77 23.04 0.08
C LEU B 392 -22.24 24.45 0.38
N SER B 393 -22.92 25.10 -0.57
CA SER B 393 -23.38 26.46 -0.34
C SER B 393 -24.34 26.55 0.83
N MET B 394 -25.07 25.47 1.12
CA MET B 394 -25.98 25.46 2.26
C MET B 394 -25.25 25.66 3.58
N PHE B 395 -23.92 25.49 3.60
CA PHE B 395 -23.13 25.74 4.80
C PHE B 395 -22.83 27.22 5.00
N LYS B 396 -23.41 28.10 4.19
CA LYS B 396 -23.23 29.54 4.40
C LYS B 396 -23.97 30.05 5.62
N GLN B 397 -24.78 29.21 6.27
CA GLN B 397 -25.47 29.58 7.49
C GLN B 397 -24.71 29.17 8.75
N PHE B 398 -23.87 28.15 8.68
CA PHE B 398 -23.07 27.71 9.82
C PHE B 398 -21.71 28.40 9.85
N LYS B 399 -21.73 29.74 9.80
CA LYS B 399 -20.48 30.49 9.86
C LYS B 399 -19.92 30.57 11.26
N ARG B 400 -20.79 30.61 12.28
CA ARG B 400 -20.35 30.65 13.66
C ARG B 400 -19.68 29.36 14.11
N LEU B 401 -19.81 28.27 13.34
CA LEU B 401 -19.24 27.00 13.73
C LEU B 401 -17.72 27.05 13.60
N LYS B 402 -17.07 25.97 14.03
CA LYS B 402 -15.62 25.85 13.98
C LYS B 402 -15.16 24.65 13.17
N VAL B 403 -15.85 23.53 13.25
CA VAL B 403 -15.50 22.31 12.52
C VAL B 403 -16.74 21.84 11.77
N ILE B 404 -16.62 21.66 10.46
CA ILE B 404 -17.68 21.11 9.63
C ILE B 404 -17.11 19.84 9.00
N ASP B 405 -17.39 18.69 9.63
CA ASP B 405 -16.82 17.43 9.19
C ASP B 405 -17.62 16.88 8.01
N LEU B 406 -16.96 16.72 6.88
CA LEU B 406 -17.51 16.18 5.64
C LEU B 406 -16.65 15.04 5.14
N SER B 407 -16.43 14.07 6.03
CA SER B 407 -15.44 13.01 5.89
C SER B 407 -15.86 11.98 4.85
N VAL B 408 -15.31 10.77 4.96
CA VAL B 408 -15.13 9.79 3.88
C VAL B 408 -16.37 9.56 3.02
N ASN B 409 -17.50 10.16 3.39
CA ASN B 409 -18.69 10.14 2.55
C ASN B 409 -18.36 10.56 1.11
N LYS B 410 -19.21 10.17 0.17
CA LYS B 410 -18.86 10.22 -1.25
C LYS B 410 -19.44 11.43 -1.97
N ILE B 411 -19.43 12.58 -1.32
CA ILE B 411 -19.91 13.81 -1.94
C ILE B 411 -19.09 14.11 -3.19
N SER B 412 -19.77 14.47 -4.28
CA SER B 412 -19.16 14.77 -5.56
C SER B 412 -19.61 16.14 -6.03
N PRO B 413 -18.85 16.77 -6.94
CA PRO B 413 -19.24 18.08 -7.50
C PRO B 413 -20.59 18.03 -8.21
N TYR B 446 -14.21 -0.62 21.42
CA TYR B 446 -14.57 -1.41 22.59
C TYR B 446 -14.20 -0.68 23.88
N ASP B 447 -12.92 -0.71 24.22
CA ASP B 447 -12.40 -0.06 25.41
C ASP B 447 -11.40 1.00 24.96
N LYS B 448 -11.87 2.24 24.84
CA LYS B 448 -11.04 3.37 24.46
C LYS B 448 -10.26 3.95 25.64
N TYR B 449 -10.59 3.56 26.87
CA TYR B 449 -9.86 3.98 28.06
C TYR B 449 -8.79 2.96 28.46
N ALA B 450 -8.28 2.19 27.51
CA ALA B 450 -7.30 1.15 27.81
C ALA B 450 -5.93 1.75 28.08
N ARG B 451 -5.61 1.98 29.35
CA ARG B 451 -4.29 2.44 29.76
C ARG B 451 -3.35 1.23 29.69
N SER B 452 -2.78 1.01 28.51
CA SER B 452 -1.93 -0.15 28.29
C SER B 452 -0.62 -0.02 29.07
N CYS B 453 0.10 -1.13 29.15
CA CYS B 453 1.37 -1.19 29.87
C CYS B 453 2.42 -0.32 29.20
N SER B 468 -3.10 21.31 13.28
CA SER B 468 -4.04 20.97 12.22
C SER B 468 -4.72 22.22 11.67
N CYS B 469 -6.05 22.16 11.54
CA CYS B 469 -6.84 23.26 11.02
C CYS B 469 -7.77 23.89 12.05
N TYR B 470 -7.93 23.27 13.22
CA TYR B 470 -8.84 23.81 14.23
C TYR B 470 -8.29 25.07 14.89
N LYS B 471 -7.03 25.42 14.66
CA LYS B 471 -6.43 26.61 15.24
C LYS B 471 -6.52 27.83 14.33
N TYR B 472 -6.93 27.65 13.07
CA TYR B 472 -7.01 28.76 12.13
C TYR B 472 -8.41 29.35 12.01
N GLY B 473 -9.45 28.63 12.43
CA GLY B 473 -10.80 29.13 12.35
C GLY B 473 -11.77 28.13 11.76
N GLN B 474 -12.64 28.61 10.87
CA GLN B 474 -13.62 27.73 10.22
C GLN B 474 -12.91 26.71 9.35
N THR B 475 -13.33 25.45 9.45
CA THR B 475 -12.71 24.34 8.74
C THR B 475 -13.76 23.52 8.03
N LEU B 476 -13.54 23.26 6.74
CA LEU B 476 -14.40 22.39 5.94
C LEU B 476 -13.57 21.17 5.56
N ASP B 477 -13.80 20.05 6.24
CA ASP B 477 -13.00 18.84 6.05
C ASP B 477 -13.69 17.96 5.01
N LEU B 478 -13.38 18.21 3.74
CA LEU B 478 -13.92 17.43 2.63
C LEU B 478 -12.99 16.31 2.22
N SER B 479 -12.21 15.77 3.17
CA SER B 479 -11.20 14.78 2.85
C SER B 479 -11.82 13.43 2.55
N LYS B 480 -11.18 12.69 1.65
CA LYS B 480 -11.58 11.33 1.28
C LYS B 480 -13.01 11.28 0.71
N ASN B 481 -13.39 12.30 -0.06
CA ASN B 481 -14.69 12.30 -0.71
C ASN B 481 -14.53 11.83 -2.16
N SER B 482 -15.60 11.96 -2.95
CA SER B 482 -15.61 11.55 -4.34
C SER B 482 -15.52 12.75 -5.28
N ILE B 483 -14.77 13.76 -4.88
CA ILE B 483 -14.56 14.95 -5.70
C ILE B 483 -13.36 14.71 -6.60
N PHE B 484 -13.60 14.72 -7.92
CA PHE B 484 -12.53 14.49 -8.89
C PHE B 484 -12.16 15.73 -9.69
N PHE B 485 -12.86 16.84 -9.52
CA PHE B 485 -12.49 18.11 -10.14
C PHE B 485 -13.12 19.24 -9.36
N ILE B 486 -12.45 20.40 -9.39
CA ILE B 486 -12.80 21.55 -8.56
C ILE B 486 -13.44 22.61 -9.44
N LYS B 487 -14.65 23.03 -9.07
CA LYS B 487 -15.35 24.11 -9.75
C LYS B 487 -15.38 25.35 -8.87
N SER B 488 -15.47 26.52 -9.52
CA SER B 488 -15.55 27.77 -8.77
C SER B 488 -16.92 27.95 -8.13
N SER B 489 -17.97 27.43 -8.75
CA SER B 489 -19.32 27.59 -8.21
C SER B 489 -19.61 26.65 -7.06
N ASP B 490 -18.81 25.59 -6.88
CA ASP B 490 -19.04 24.66 -5.79
C ASP B 490 -18.71 25.29 -4.44
N PHE B 491 -17.59 26.01 -4.37
CA PHE B 491 -17.15 26.65 -3.14
C PHE B 491 -17.70 28.06 -2.99
N GLN B 492 -18.75 28.41 -3.72
CA GLN B 492 -19.37 29.72 -3.57
C GLN B 492 -20.06 29.82 -2.22
N HIS B 493 -20.23 31.07 -1.75
CA HIS B 493 -20.83 31.37 -0.46
C HIS B 493 -20.05 30.77 0.70
N LEU B 494 -18.78 30.46 0.48
CA LEU B 494 -17.90 29.89 1.49
C LEU B 494 -16.65 30.74 1.67
N SER B 495 -16.81 32.06 1.62
CA SER B 495 -15.68 32.95 1.78
C SER B 495 -15.17 32.98 3.22
N PHE B 496 -16.02 32.65 4.18
CA PHE B 496 -15.63 32.64 5.59
C PHE B 496 -14.71 31.48 5.93
N LEU B 497 -14.44 30.57 5.00
CA LEU B 497 -13.65 29.39 5.31
C LEU B 497 -12.19 29.76 5.50
N LYS B 498 -11.65 29.41 6.67
CA LYS B 498 -10.23 29.55 6.94
C LYS B 498 -9.45 28.29 6.62
N CYS B 499 -10.13 27.20 6.30
CA CYS B 499 -9.48 25.93 5.98
C CYS B 499 -10.31 25.19 4.93
N LEU B 500 -9.64 24.28 4.23
CA LEU B 500 -10.31 23.41 3.27
C LEU B 500 -9.47 22.15 3.13
N ASN B 501 -9.95 21.04 3.68
CA ASN B 501 -9.24 19.77 3.63
C ASN B 501 -9.76 18.97 2.45
N LEU B 502 -8.91 18.76 1.44
CA LEU B 502 -9.24 17.94 0.28
C LEU B 502 -8.29 16.76 0.15
N SER B 503 -7.95 16.15 1.28
CA SER B 503 -7.00 15.05 1.30
C SER B 503 -7.68 13.76 0.86
N GLY B 504 -7.04 13.03 -0.06
CA GLY B 504 -7.53 11.73 -0.48
C GLY B 504 -8.61 11.75 -1.53
N ASN B 505 -9.00 12.93 -2.02
CA ASN B 505 -10.05 13.02 -3.03
C ASN B 505 -9.59 12.53 -4.40
N LEU B 506 -8.27 12.42 -4.61
CA LEU B 506 -7.71 11.97 -5.89
C LEU B 506 -8.20 12.84 -7.05
N ILE B 507 -7.86 14.12 -6.96
CA ILE B 507 -8.28 15.11 -7.95
C ILE B 507 -7.19 15.24 -9.01
N SER B 508 -7.53 14.90 -10.25
CA SER B 508 -6.64 15.06 -11.38
C SER B 508 -7.06 16.32 -12.13
N GLN B 509 -6.33 17.41 -11.89
CA GLN B 509 -6.71 18.70 -12.47
C GLN B 509 -5.46 19.56 -12.63
N THR B 510 -5.45 20.37 -13.69
CA THR B 510 -4.40 21.33 -13.94
C THR B 510 -4.92 22.70 -13.52
N LEU B 511 -4.50 23.16 -12.35
CA LEU B 511 -4.99 24.42 -11.81
C LEU B 511 -4.32 25.60 -12.52
N ASN B 512 -5.14 26.52 -13.03
CA ASN B 512 -4.66 27.70 -13.72
C ASN B 512 -4.96 28.99 -12.95
N GLY B 513 -5.45 28.88 -11.73
CA GLY B 513 -5.74 30.06 -10.94
C GLY B 513 -7.17 30.54 -10.98
N SER B 514 -8.14 29.64 -11.18
CA SER B 514 -9.54 30.02 -11.21
C SER B 514 -10.44 29.04 -10.49
N GLU B 515 -9.90 28.15 -9.66
CA GLU B 515 -10.69 27.13 -8.99
C GLU B 515 -11.21 27.63 -7.63
N PHE B 516 -10.30 28.00 -6.74
CA PHE B 516 -10.69 28.45 -5.40
C PHE B 516 -10.88 29.97 -5.35
N GLN B 517 -11.71 30.48 -6.27
CA GLN B 517 -11.92 31.93 -6.34
C GLN B 517 -12.74 32.46 -5.17
N PRO B 518 -13.89 31.86 -4.81
CA PRO B 518 -14.65 32.41 -3.66
C PRO B 518 -13.92 32.30 -2.33
N LEU B 519 -12.90 31.45 -2.23
CA LEU B 519 -12.14 31.29 -0.98
C LEU B 519 -11.16 32.45 -0.86
N ALA B 520 -11.69 33.61 -0.46
CA ALA B 520 -10.85 34.79 -0.32
C ALA B 520 -10.11 34.82 1.00
N GLU B 521 -10.72 34.30 2.07
CA GLU B 521 -10.12 34.31 3.40
C GLU B 521 -9.46 32.98 3.76
N LEU B 522 -9.15 32.15 2.76
CA LEU B 522 -8.54 30.85 3.01
C LEU B 522 -7.09 31.04 3.47
N ARG B 523 -6.77 30.49 4.64
CA ARG B 523 -5.42 30.55 5.19
C ARG B 523 -4.72 29.21 5.22
N TYR B 524 -5.41 28.12 4.89
CA TYR B 524 -4.83 26.78 4.93
C TYR B 524 -5.58 25.91 3.92
N LEU B 525 -4.84 25.28 3.02
CA LEU B 525 -5.43 24.40 2.01
C LEU B 525 -4.69 23.08 2.03
N ASP B 526 -5.40 22.00 2.36
CA ASP B 526 -4.84 20.66 2.39
C ASP B 526 -5.23 19.95 1.10
N PHE B 527 -4.27 19.78 0.20
CA PHE B 527 -4.48 19.13 -1.08
C PHE B 527 -3.67 17.84 -1.20
N SER B 528 -3.50 17.14 -0.09
CA SER B 528 -2.67 15.94 -0.08
C SER B 528 -3.42 14.76 -0.69
N ASN B 529 -2.64 13.74 -1.07
CA ASN B 529 -3.19 12.50 -1.63
C ASN B 529 -4.10 12.77 -2.82
N ASN B 530 -3.56 13.49 -3.80
CA ASN B 530 -4.28 13.80 -5.02
C ASN B 530 -3.30 13.65 -6.19
N ARG B 531 -3.71 14.14 -7.36
CA ARG B 531 -2.89 14.12 -8.56
C ARG B 531 -2.83 15.53 -9.13
N LEU B 532 -1.89 16.33 -8.61
CA LEU B 532 -1.76 17.73 -9.01
C LEU B 532 -0.85 17.84 -10.22
N ASP B 533 -1.27 18.66 -11.19
CA ASP B 533 -0.51 18.90 -12.41
C ASP B 533 -0.04 20.36 -12.38
N LEU B 534 1.21 20.57 -11.98
CA LEU B 534 1.77 21.92 -11.89
C LEU B 534 2.32 22.34 -13.26
N LEU B 535 1.38 22.62 -14.16
CA LEU B 535 1.73 23.06 -15.50
C LEU B 535 1.82 24.57 -15.63
N HIS B 536 1.14 25.32 -14.78
CA HIS B 536 1.16 26.77 -14.81
C HIS B 536 1.70 27.33 -13.51
N SER B 537 2.40 28.46 -13.60
CA SER B 537 2.88 29.15 -12.43
C SER B 537 1.78 29.93 -11.71
N THR B 538 0.59 30.02 -12.30
CA THR B 538 -0.53 30.74 -11.72
C THR B 538 -1.38 29.88 -10.80
N ALA B 539 -0.85 28.74 -10.34
CA ALA B 539 -1.59 27.89 -9.43
C ALA B 539 -1.72 28.53 -8.06
N PHE B 540 -2.93 28.49 -7.50
CA PHE B 540 -3.23 29.07 -6.19
C PHE B 540 -2.94 30.57 -6.14
N GLU B 541 -3.09 31.26 -7.27
CA GLU B 541 -2.83 32.69 -7.30
C GLU B 541 -3.96 33.50 -6.69
N GLU B 542 -5.19 32.99 -6.75
CA GLU B 542 -6.34 33.71 -6.20
C GLU B 542 -6.46 33.56 -4.69
N LEU B 543 -5.72 32.62 -4.09
CA LEU B 543 -5.69 32.47 -2.64
C LEU B 543 -4.74 33.53 -2.07
N ARG B 544 -5.25 34.75 -1.93
CA ARG B 544 -4.41 35.87 -1.53
C ARG B 544 -3.97 35.73 -0.09
N LYS B 545 -4.87 35.37 0.82
CA LYS B 545 -4.57 35.25 2.24
C LYS B 545 -4.07 33.86 2.62
N LEU B 546 -3.63 33.07 1.64
CA LEU B 546 -3.15 31.72 1.93
C LEU B 546 -1.83 31.78 2.69
N GLU B 547 -1.77 31.09 3.82
CA GLU B 547 -0.56 31.02 4.62
C GLU B 547 0.09 29.65 4.63
N VAL B 548 -0.69 28.58 4.63
CA VAL B 548 -0.17 27.22 4.60
C VAL B 548 -0.76 26.48 3.41
N LEU B 549 0.09 25.77 2.68
CA LEU B 549 -0.32 25.02 1.50
C LEU B 549 0.28 23.62 1.58
N ASP B 550 -0.56 22.60 1.51
CA ASP B 550 -0.15 21.21 1.58
C ASP B 550 -0.56 20.53 0.28
N ILE B 551 0.43 20.27 -0.59
CA ILE B 551 0.19 19.60 -1.86
C ILE B 551 0.94 18.28 -1.87
N SER B 552 1.08 17.67 -0.69
CA SER B 552 1.86 16.45 -0.55
C SER B 552 1.16 15.27 -1.22
N SER B 553 1.91 14.18 -1.39
CA SER B 553 1.39 12.91 -1.91
C SER B 553 0.70 13.10 -3.26
N ASN B 554 1.25 13.98 -4.10
CA ASN B 554 0.75 14.23 -5.44
C ASN B 554 1.75 13.75 -6.50
N SER B 555 2.39 12.61 -6.23
CA SER B 555 3.49 12.12 -7.07
C SER B 555 3.06 11.60 -8.42
N HIS B 556 1.74 11.52 -8.70
CA HIS B 556 1.28 10.93 -9.95
C HIS B 556 1.86 11.67 -11.16
N TYR B 557 1.55 12.96 -11.28
CA TYR B 557 2.04 13.73 -12.42
C TYR B 557 3.49 14.18 -12.26
N PHE B 558 4.00 14.23 -11.02
CA PHE B 558 5.39 14.61 -10.82
C PHE B 558 6.34 13.47 -11.15
N GLN B 559 5.87 12.22 -11.18
CA GLN B 559 6.72 11.12 -11.58
C GLN B 559 6.97 11.12 -13.08
N SER B 560 6.08 11.71 -13.86
CA SER B 560 6.26 11.77 -15.29
C SER B 560 7.43 12.68 -15.65
N GLU B 561 8.15 12.31 -16.70
CA GLU B 561 9.34 13.04 -17.15
C GLU B 561 9.05 13.72 -18.47
N GLY B 562 9.39 15.00 -18.56
CA GLY B 562 9.25 15.79 -19.77
C GLY B 562 8.20 16.89 -19.67
N ILE B 563 7.12 16.64 -18.95
CA ILE B 563 6.07 17.64 -18.80
C ILE B 563 6.56 18.78 -17.91
N THR B 564 5.93 19.94 -18.05
CA THR B 564 6.35 21.12 -17.31
C THR B 564 5.97 21.00 -15.84
N HIS B 565 6.86 21.47 -14.97
CA HIS B 565 6.65 21.48 -13.52
C HIS B 565 7.10 22.84 -13.01
N MET B 566 6.18 23.80 -12.96
CA MET B 566 6.48 25.17 -12.56
C MET B 566 6.51 25.22 -11.04
N LEU B 567 7.71 25.11 -10.47
CA LEU B 567 7.89 25.19 -9.03
C LEU B 567 7.92 26.61 -8.50
N ASN B 568 7.86 27.62 -9.37
CA ASN B 568 7.84 29.01 -8.97
C ASN B 568 6.42 29.54 -8.77
N PHE B 569 5.46 28.66 -8.50
CA PHE B 569 4.07 29.06 -8.30
C PHE B 569 3.86 29.81 -6.99
N THR B 570 4.86 29.83 -6.11
CA THR B 570 4.75 30.52 -4.83
C THR B 570 5.12 31.99 -4.92
N LYS B 571 5.43 32.49 -6.11
CA LYS B 571 5.78 33.91 -6.25
C LYS B 571 4.57 34.80 -6.06
N ASN B 572 3.39 34.34 -6.51
CA ASN B 572 2.16 35.11 -6.37
C ASN B 572 1.54 34.98 -4.98
N LEU B 573 2.07 34.12 -4.13
CA LEU B 573 1.59 33.97 -2.76
C LEU B 573 2.37 34.92 -1.86
N LYS B 574 1.72 35.99 -1.43
CA LYS B 574 2.40 37.07 -0.71
C LYS B 574 2.51 36.80 0.78
N VAL B 575 1.60 36.03 1.37
CA VAL B 575 1.62 35.77 2.80
C VAL B 575 1.75 34.28 3.11
N LEU B 576 2.23 33.49 2.15
CA LEU B 576 2.44 32.06 2.39
C LEU B 576 3.55 31.86 3.41
N GLN B 577 3.25 31.14 4.49
CA GLN B 577 4.20 30.91 5.56
C GLN B 577 4.76 29.49 5.60
N LYS B 578 3.97 28.50 5.18
CA LYS B 578 4.40 27.10 5.22
C LYS B 578 3.96 26.41 3.96
N LEU B 579 4.86 25.63 3.36
CA LEU B 579 4.57 24.89 2.14
C LEU B 579 5.01 23.45 2.33
N MET B 580 4.05 22.53 2.31
CA MET B 580 4.31 21.09 2.45
C MET B 580 4.05 20.43 1.11
N MET B 581 5.12 20.01 0.44
CA MET B 581 5.03 19.29 -0.82
C MET B 581 5.86 18.01 -0.76
N ASN B 582 5.84 17.36 0.39
CA ASN B 582 6.66 16.17 0.59
C ASN B 582 5.98 14.94 0.00
N ASP B 583 6.79 13.89 -0.21
CA ASP B 583 6.32 12.63 -0.79
C ASP B 583 5.68 12.86 -2.17
N ASN B 584 6.32 13.71 -2.97
CA ASN B 584 5.81 14.03 -4.30
C ASN B 584 6.67 13.47 -5.43
N ASP B 585 7.82 12.87 -5.12
CA ASP B 585 8.71 12.28 -6.14
C ASP B 585 9.04 13.29 -7.24
N ILE B 586 9.26 14.54 -6.84
CA ILE B 586 9.56 15.60 -7.79
C ILE B 586 10.90 15.30 -8.44
N SER B 587 10.88 15.02 -9.75
CA SER B 587 12.08 14.64 -10.48
C SER B 587 12.53 15.66 -11.51
N SER B 588 11.67 16.59 -11.91
CA SER B 588 12.04 17.61 -12.89
C SER B 588 11.26 18.88 -12.61
N SER B 589 11.74 19.99 -13.18
CA SER B 589 11.11 21.28 -12.99
C SER B 589 11.51 22.19 -14.14
N THR B 590 10.52 22.75 -14.84
CA THR B 590 10.82 23.69 -15.91
C THR B 590 11.40 24.99 -15.36
N SER B 591 10.78 25.55 -14.34
CA SER B 591 11.31 26.76 -13.70
C SER B 591 12.60 26.43 -12.96
N ARG B 592 13.54 27.38 -12.99
CA ARG B 592 14.86 27.12 -12.42
C ARG B 592 14.91 27.41 -10.93
N THR B 593 14.14 28.39 -10.45
CA THR B 593 14.22 28.81 -9.06
C THR B 593 12.82 28.90 -8.47
N MET B 594 12.78 28.98 -7.14
CA MET B 594 11.54 29.19 -6.38
C MET B 594 11.64 30.50 -5.63
N GLU B 595 10.62 31.34 -5.74
CA GLU B 595 10.64 32.69 -5.17
C GLU B 595 9.44 32.89 -4.26
N SER B 596 9.63 33.64 -3.18
CA SER B 596 8.57 33.93 -2.22
C SER B 596 9.01 35.06 -1.32
N GLU B 597 8.10 36.00 -1.08
CA GLU B 597 8.36 37.10 -0.16
C GLU B 597 8.19 36.73 1.30
N SER B 598 7.49 35.63 1.60
CA SER B 598 7.14 35.31 2.98
C SER B 598 7.33 33.86 3.38
N LEU B 599 7.69 32.95 2.46
CA LEU B 599 7.80 31.54 2.83
C LEU B 599 8.89 31.33 3.85
N ARG B 600 8.53 30.74 4.99
CA ARG B 600 9.47 30.48 6.07
C ARG B 600 9.70 28.99 6.32
N THR B 601 8.71 28.15 6.06
CA THR B 601 8.83 26.70 6.25
C THR B 601 8.56 26.00 4.93
N LEU B 602 9.41 25.03 4.60
CA LEU B 602 9.29 24.27 3.36
C LEU B 602 9.68 22.83 3.63
N GLU B 603 8.72 21.91 3.47
CA GLU B 603 8.96 20.49 3.64
C GLU B 603 9.08 19.84 2.26
N PHE B 604 10.29 19.39 1.93
CA PHE B 604 10.56 18.82 0.62
C PHE B 604 11.10 17.40 0.75
N ARG B 605 10.48 16.60 1.60
CA ARG B 605 10.95 15.25 1.86
C ARG B 605 10.28 14.24 0.93
N GLY B 606 10.90 13.08 0.80
CA GLY B 606 10.35 12.04 -0.05
C GLY B 606 10.27 12.40 -1.51
N ASN B 607 11.18 13.25 -1.98
CA ASN B 607 11.23 13.68 -3.37
C ASN B 607 12.54 13.20 -4.00
N HIS B 608 12.81 13.66 -5.21
CA HIS B 608 14.03 13.29 -5.93
C HIS B 608 14.84 14.56 -6.19
N LEU B 609 15.63 14.96 -5.20
CA LEU B 609 16.66 15.96 -5.40
C LEU B 609 17.97 15.36 -5.89
N ASP B 610 18.07 14.03 -5.87
CA ASP B 610 19.25 13.34 -6.38
C ASP B 610 19.32 13.42 -7.91
N VAL B 611 18.19 13.59 -8.58
CA VAL B 611 18.20 13.86 -10.01
C VAL B 611 18.32 15.35 -10.31
N LEU B 612 17.78 16.21 -9.45
CA LEU B 612 17.84 17.65 -9.70
C LEU B 612 19.24 18.20 -9.47
N TRP B 613 19.99 17.62 -8.53
CA TRP B 613 21.36 18.02 -8.25
C TRP B 613 22.36 17.00 -8.80
N ARG B 614 22.08 16.45 -9.98
CA ARG B 614 22.95 15.46 -10.59
C ARG B 614 24.30 16.07 -10.93
N ASP B 615 25.26 15.19 -11.25
CA ASP B 615 26.61 15.62 -11.58
C ASP B 615 26.61 16.44 -12.86
N GLY B 616 27.24 17.62 -12.80
CA GLY B 616 27.34 18.49 -13.95
C GLY B 616 26.11 19.33 -14.24
N ASP B 617 24.99 19.07 -13.57
CA ASP B 617 23.74 19.78 -13.83
C ASP B 617 23.66 20.96 -12.86
N ASN B 618 24.23 22.08 -13.27
CA ASN B 618 24.31 23.29 -12.46
C ASN B 618 23.07 24.17 -12.60
N ARG B 619 21.95 23.61 -13.07
CA ARG B 619 20.75 24.42 -13.26
C ARG B 619 19.99 24.60 -11.94
N TYR B 620 19.64 23.50 -11.28
CA TYR B 620 18.82 23.54 -10.09
C TYR B 620 19.63 23.62 -8.79
N LEU B 621 20.84 24.19 -8.85
CA LEU B 621 21.63 24.34 -7.63
C LEU B 621 21.01 25.39 -6.72
N GLN B 622 20.64 26.54 -7.26
CA GLN B 622 20.00 27.62 -6.51
C GLN B 622 18.48 27.51 -6.57
N LEU B 623 17.96 26.34 -6.20
CA LEU B 623 16.51 26.13 -6.26
C LEU B 623 15.79 26.86 -5.13
N PHE B 624 16.42 26.98 -3.97
CA PHE B 624 15.83 27.66 -2.82
C PHE B 624 16.56 28.94 -2.45
N LYS B 625 17.31 29.52 -3.39
CA LYS B 625 18.09 30.72 -3.08
C LYS B 625 17.20 31.96 -3.00
N ASN B 626 16.16 32.04 -3.82
CA ASN B 626 15.29 33.20 -3.83
C ASN B 626 14.29 33.21 -2.69
N LEU B 627 14.18 32.12 -1.93
CA LEU B 627 13.32 32.08 -0.75
C LEU B 627 14.03 32.83 0.36
N LEU B 628 13.78 34.13 0.44
CA LEU B 628 14.52 35.00 1.35
C LEU B 628 14.18 34.68 2.80
N LYS B 629 12.89 34.66 3.14
CA LYS B 629 12.45 34.45 4.51
C LYS B 629 12.45 33.00 4.94
N LEU B 630 13.00 32.10 4.12
CA LEU B 630 13.00 30.68 4.46
C LEU B 630 13.89 30.42 5.67
N GLU B 631 13.34 29.77 6.69
CA GLU B 631 14.08 29.45 7.90
C GLU B 631 14.00 27.98 8.28
N GLU B 632 13.09 27.20 7.70
CA GLU B 632 12.89 25.80 8.07
C GLU B 632 12.84 24.97 6.79
N LEU B 633 13.94 24.28 6.48
CA LEU B 633 14.04 23.42 5.31
C LEU B 633 14.04 21.97 5.74
N ASP B 634 13.28 21.14 5.03
CA ASP B 634 13.10 19.73 5.36
C ASP B 634 13.39 18.86 4.14
N ILE B 635 14.55 19.08 3.51
CA ILE B 635 14.92 18.30 2.33
C ILE B 635 15.54 16.99 2.78
N SER B 636 14.70 15.99 3.05
CA SER B 636 15.14 14.70 3.57
C SER B 636 14.54 13.60 2.72
N LYS B 637 15.04 12.38 2.94
CA LYS B 637 14.56 11.19 2.22
C LYS B 637 14.60 11.38 0.71
N ASN B 638 15.50 12.25 0.24
CA ASN B 638 15.58 12.61 -1.17
C ASN B 638 16.58 11.77 -1.94
N SER B 639 17.00 10.63 -1.40
CA SER B 639 17.96 9.73 -2.03
C SER B 639 19.27 10.42 -2.38
N LEU B 640 19.60 11.50 -1.65
CA LEU B 640 20.82 12.26 -1.93
C LEU B 640 22.03 11.46 -1.47
N SER B 641 22.80 10.94 -2.43
CA SER B 641 24.03 10.22 -2.10
C SER B 641 25.19 11.15 -1.80
N PHE B 642 25.16 12.38 -2.32
CA PHE B 642 26.22 13.34 -2.07
C PHE B 642 25.70 14.73 -2.45
N LEU B 643 26.14 15.73 -1.69
CA LEU B 643 25.78 17.11 -1.98
C LEU B 643 26.85 17.75 -2.86
N PRO B 644 26.54 18.14 -4.10
CA PRO B 644 27.57 18.75 -4.95
C PRO B 644 28.01 20.09 -4.40
N SER B 645 29.31 20.34 -4.47
CA SER B 645 29.89 21.56 -3.93
C SER B 645 29.36 22.78 -4.67
N GLY B 646 28.74 23.70 -3.94
CA GLY B 646 28.21 24.90 -4.53
C GLY B 646 26.72 25.07 -4.31
N VAL B 647 26.04 23.98 -3.96
CA VAL B 647 24.60 24.04 -3.71
C VAL B 647 24.30 24.86 -2.47
N PHE B 648 25.20 24.87 -1.49
CA PHE B 648 25.00 25.67 -0.28
C PHE B 648 25.08 27.15 -0.58
N ASP B 649 25.73 27.56 -1.67
CA ASP B 649 25.72 28.95 -2.09
C ASP B 649 24.37 29.37 -2.63
N GLY B 650 23.52 28.41 -3.01
CA GLY B 650 22.18 28.71 -3.47
C GLY B 650 21.14 28.44 -2.40
N MET B 651 21.53 28.58 -1.15
CA MET B 651 20.67 28.34 -0.01
C MET B 651 20.13 29.66 0.54
N PRO B 652 18.98 29.65 1.20
CA PRO B 652 18.46 30.88 1.77
C PRO B 652 19.38 31.42 2.83
N PRO B 653 19.62 32.74 2.84
CA PRO B 653 20.53 33.29 3.86
C PRO B 653 19.94 33.29 5.26
N ASN B 654 18.61 33.27 5.37
CA ASN B 654 17.92 33.30 6.66
C ASN B 654 17.57 31.91 7.17
N LEU B 655 18.22 30.86 6.63
CA LEU B 655 17.89 29.50 7.01
C LEU B 655 18.37 29.21 8.43
N LYS B 656 17.52 28.52 9.21
CA LYS B 656 17.87 28.16 10.58
C LYS B 656 17.69 26.67 10.82
N ASN B 657 16.72 26.05 10.16
CA ASN B 657 16.37 24.65 10.37
C ASN B 657 16.62 23.90 9.06
N LEU B 658 17.63 23.03 9.07
CA LEU B 658 17.95 22.17 7.93
C LEU B 658 17.82 20.71 8.33
N SER B 659 17.16 19.93 7.50
CA SER B 659 16.92 18.51 7.76
C SER B 659 17.39 17.70 6.56
N LEU B 660 18.31 16.77 6.80
CA LEU B 660 18.86 15.89 5.78
C LEU B 660 18.81 14.44 6.25
N ALA B 661 17.66 14.03 6.76
CA ALA B 661 17.50 12.72 7.37
C ALA B 661 17.08 11.67 6.36
N LYS B 662 17.52 10.43 6.58
CA LYS B 662 17.15 9.28 5.75
C LYS B 662 17.46 9.52 4.28
N ASN B 663 18.51 10.28 4.00
CA ASN B 663 18.88 10.59 2.63
C ASN B 663 19.84 9.55 2.04
N GLY B 664 20.97 9.34 2.70
CA GLY B 664 21.97 8.42 2.19
C GLY B 664 23.27 9.13 1.86
N LEU B 665 23.55 10.21 2.56
CA LEU B 665 24.76 11.00 2.33
C LEU B 665 26.01 10.18 2.59
N LYS B 666 26.76 9.85 1.53
CA LYS B 666 27.99 9.09 1.69
C LYS B 666 29.13 9.94 2.22
N SER B 667 29.19 11.22 1.82
CA SER B 667 30.24 12.12 2.27
C SER B 667 29.66 13.54 2.27
N PHE B 668 29.27 14.02 3.45
CA PHE B 668 28.70 15.35 3.61
C PHE B 668 29.80 16.30 4.06
N ILE B 669 30.13 17.28 3.21
CA ILE B 669 31.17 18.23 3.53
C ILE B 669 30.71 19.15 4.65
N TRP B 670 31.66 19.67 5.41
CA TRP B 670 31.37 20.52 6.56
C TRP B 670 31.89 21.95 6.43
N GLU B 671 32.94 22.17 5.64
CA GLU B 671 33.48 23.52 5.48
C GLU B 671 32.51 24.43 4.76
N LYS B 672 31.57 23.89 3.99
CA LYS B 672 30.58 24.69 3.29
C LYS B 672 29.49 25.24 4.20
N LEU B 673 29.51 24.89 5.49
CA LEU B 673 28.51 25.39 6.42
C LEU B 673 28.77 26.83 6.85
N ARG B 674 29.94 27.39 6.52
CA ARG B 674 30.19 28.80 6.83
C ARG B 674 29.28 29.71 6.03
N TYR B 675 28.81 29.25 4.86
CA TYR B 675 27.87 30.04 4.07
C TYR B 675 26.51 30.15 4.73
N LEU B 676 26.19 29.24 5.66
CA LEU B 676 24.94 29.28 6.41
C LEU B 676 25.25 29.86 7.80
N LYS B 677 25.25 31.18 7.89
CA LYS B 677 25.60 31.87 9.13
C LYS B 677 24.44 31.96 10.11
N ASN B 678 23.27 31.41 9.76
CA ASN B 678 22.13 31.39 10.65
C ASN B 678 21.64 29.98 10.95
N LEU B 679 22.35 28.95 10.48
CA LEU B 679 21.93 27.58 10.72
C LEU B 679 22.13 27.20 12.18
N GLU B 680 21.11 26.60 12.78
CA GLU B 680 21.14 26.22 14.19
C GLU B 680 20.70 24.79 14.48
N THR B 681 19.98 24.14 13.58
CA THR B 681 19.40 22.83 13.85
C THR B 681 19.68 21.88 12.68
N LEU B 682 20.96 21.78 12.30
CA LEU B 682 21.36 20.82 11.28
C LEU B 682 20.97 19.40 11.68
N ASP B 683 20.27 18.70 10.79
CA ASP B 683 19.74 17.37 11.08
C ASP B 683 20.32 16.39 10.05
N LEU B 684 21.20 15.51 10.53
CA LEU B 684 21.84 14.50 9.69
C LEU B 684 21.58 13.10 10.25
N SER B 685 20.39 12.89 10.79
CA SER B 685 20.04 11.61 11.38
C SER B 685 19.74 10.58 10.29
N HIS B 686 19.93 9.31 10.64
CA HIS B 686 19.63 8.18 9.76
C HIS B 686 20.36 8.30 8.42
N ASN B 687 21.61 8.73 8.47
CA ASN B 687 22.44 8.89 7.28
C ASN B 687 23.60 7.91 7.33
N GLN B 688 24.42 7.92 6.28
CA GLN B 688 25.55 7.02 6.13
C GLN B 688 26.86 7.81 6.06
N LEU B 689 26.97 8.86 6.86
CA LEU B 689 28.21 9.62 6.92
C LEU B 689 29.31 8.77 7.56
N THR B 690 30.56 9.18 7.32
CA THR B 690 31.71 8.45 7.82
C THR B 690 32.61 9.28 8.73
N THR B 691 32.84 10.55 8.40
CA THR B 691 33.79 11.39 9.12
C THR B 691 33.10 12.65 9.64
N VAL B 692 33.34 12.95 10.91
CA VAL B 692 32.82 14.16 11.55
C VAL B 692 33.69 15.33 11.17
N PRO B 693 33.25 16.59 11.32
CA PRO B 693 34.06 17.71 10.86
C PRO B 693 35.38 17.83 11.62
N GLU B 694 36.30 18.58 11.02
CA GLU B 694 37.62 18.78 11.64
C GLU B 694 37.50 19.58 12.93
N ARG B 695 36.95 20.79 12.84
CA ARG B 695 36.76 21.67 14.00
C ARG B 695 35.41 22.34 13.86
N LEU B 696 34.52 22.11 14.82
CA LEU B 696 33.20 22.71 14.76
C LEU B 696 33.23 24.22 14.87
N SER B 697 34.28 24.78 15.49
CA SER B 697 34.41 26.22 15.56
C SER B 697 34.64 26.83 14.18
N ASN B 698 35.52 26.23 13.38
CA ASN B 698 35.73 26.68 12.02
C ASN B 698 34.61 26.27 11.08
N CYS B 699 33.73 25.37 11.50
CA CYS B 699 32.64 24.92 10.65
C CYS B 699 31.48 25.92 10.66
N SER B 700 30.93 26.21 11.83
CA SER B 700 29.82 27.14 11.96
C SER B 700 29.92 27.89 13.28
N ARG B 701 29.35 29.09 13.30
CA ARG B 701 29.34 29.94 14.48
C ARG B 701 27.98 29.98 15.17
N SER B 702 26.93 29.48 14.52
CA SER B 702 25.59 29.49 15.10
C SER B 702 24.96 28.12 15.20
N LEU B 703 25.65 27.06 14.82
CA LEU B 703 25.10 25.72 14.90
C LEU B 703 25.09 25.23 16.35
N LYS B 704 23.92 24.81 16.82
CA LYS B 704 23.77 24.41 18.21
C LYS B 704 22.94 23.15 18.42
N ASN B 705 22.42 22.54 17.36
CA ASN B 705 21.53 21.39 17.48
C ASN B 705 21.94 20.29 16.51
N LEU B 706 23.24 19.95 16.52
CA LEU B 706 23.73 18.87 15.68
C LEU B 706 23.02 17.57 16.01
N ILE B 707 22.52 16.88 14.98
CA ILE B 707 21.80 15.63 15.12
C ILE B 707 22.42 14.64 14.15
N LEU B 708 23.08 13.61 14.68
CA LEU B 708 23.73 12.57 13.90
C LEU B 708 23.26 11.19 14.33
N LYS B 709 21.95 11.04 14.52
CA LYS B 709 21.39 9.76 14.95
C LYS B 709 21.51 8.71 13.85
N ASN B 710 21.73 7.46 14.26
CA ASN B 710 21.76 6.32 13.34
C ASN B 710 22.80 6.52 12.24
N ASN B 711 23.93 7.12 12.59
CA ASN B 711 25.02 7.34 11.65
C ASN B 711 26.02 6.19 11.73
N GLN B 712 27.07 6.28 10.92
CA GLN B 712 28.14 5.29 10.90
C GLN B 712 29.46 6.03 11.15
N ILE B 713 29.76 6.26 12.43
CA ILE B 713 30.97 6.95 12.84
C ILE B 713 31.73 6.04 13.79
N ARG B 714 33.02 5.82 13.50
CA ARG B 714 33.83 4.89 14.27
C ARG B 714 34.74 5.56 15.30
N SER B 715 35.05 6.83 15.13
CA SER B 715 35.90 7.55 16.07
C SER B 715 35.77 9.04 15.82
N LEU B 716 35.64 9.81 16.90
CA LEU B 716 35.61 11.25 16.80
C LEU B 716 37.02 11.80 16.62
N THR B 717 37.10 13.09 16.31
CA THR B 717 38.40 13.74 16.17
C THR B 717 38.93 14.12 17.55
N LYS B 718 40.05 14.85 17.56
CA LYS B 718 40.73 15.25 18.78
C LYS B 718 40.67 16.75 19.03
N TYR B 719 40.01 17.52 18.16
CA TYR B 719 39.62 18.90 18.45
C TYR B 719 38.23 19.17 17.92
N PHE B 720 37.30 18.26 18.15
CA PHE B 720 35.95 18.38 17.58
C PHE B 720 35.20 19.56 18.19
N LEU B 721 34.99 19.54 19.50
CA LEU B 721 34.24 20.59 20.20
C LEU B 721 35.14 21.69 20.73
N GLN B 722 36.29 21.94 20.09
CA GLN B 722 37.19 23.00 20.52
C GLN B 722 36.64 24.36 20.07
N ASP B 723 36.49 25.26 21.03
CA ASP B 723 36.06 26.65 20.81
C ASP B 723 34.65 26.77 20.24
N ALA B 724 33.85 25.70 20.28
CA ALA B 724 32.47 25.75 19.78
C ALA B 724 31.52 25.96 20.96
N PHE B 725 31.60 27.17 21.52
CA PHE B 725 30.88 27.47 22.76
C PHE B 725 29.37 27.57 22.53
N GLN B 726 28.96 28.00 21.34
CA GLN B 726 27.54 28.22 21.07
C GLN B 726 26.73 26.93 20.98
N LEU B 727 27.38 25.78 21.00
CA LEU B 727 26.66 24.51 20.91
C LEU B 727 25.81 24.28 22.15
N ARG B 728 24.60 23.75 21.95
CA ARG B 728 23.69 23.50 23.05
C ARG B 728 22.93 22.18 22.90
N TYR B 729 23.26 21.37 21.90
CA TYR B 729 22.51 20.14 21.63
C TYR B 729 23.30 19.26 20.67
N LEU B 730 23.54 18.00 21.05
CA LEU B 730 24.34 17.08 20.26
C LEU B 730 23.74 15.69 20.35
N ASP B 731 23.63 15.01 19.21
CA ASP B 731 23.11 13.66 19.15
C ASP B 731 24.12 12.76 18.46
N LEU B 732 24.45 11.64 19.10
CA LEU B 732 25.33 10.62 18.54
C LEU B 732 24.81 9.23 18.87
N SER B 733 23.50 9.02 18.74
CA SER B 733 22.88 7.75 19.06
C SER B 733 22.98 6.78 17.89
N SER B 734 22.99 5.49 18.22
CA SER B 734 23.07 4.40 17.23
C SER B 734 24.25 4.61 16.28
N ASN B 735 25.44 4.70 16.87
CA ASN B 735 26.69 4.89 16.13
C ASN B 735 27.58 3.67 16.30
N LYS B 736 28.78 3.76 15.72
CA LYS B 736 29.77 2.69 15.81
C LYS B 736 31.07 3.16 16.45
N ILE B 737 31.04 4.28 17.18
CA ILE B 737 32.27 4.83 17.74
C ILE B 737 32.86 3.87 18.78
N GLN B 738 34.17 4.00 18.99
CA GLN B 738 34.89 3.13 19.91
C GLN B 738 35.36 3.84 21.17
N MET B 739 35.95 5.04 21.03
CA MET B 739 36.47 5.77 22.17
C MET B 739 36.27 7.27 21.94
N ILE B 740 36.17 7.99 23.05
CA ILE B 740 36.10 9.46 23.04
C ILE B 740 37.03 9.97 24.12
N GLN B 741 38.04 10.75 23.74
CA GLN B 741 39.06 11.23 24.64
C GLN B 741 38.65 12.58 25.24
N LYS B 742 39.59 13.23 25.93
CA LYS B 742 39.32 14.47 26.64
C LYS B 742 39.68 15.71 25.82
N THR B 743 40.71 15.63 24.99
CA THR B 743 41.17 16.80 24.25
C THR B 743 40.10 17.37 23.32
N SER B 744 39.11 16.57 22.94
CA SER B 744 38.01 17.04 22.12
C SER B 744 36.76 17.34 22.92
N PHE B 745 36.70 16.92 24.18
CA PHE B 745 35.53 17.14 25.04
C PHE B 745 35.97 17.80 26.34
N PRO B 746 36.30 19.10 26.29
CA PRO B 746 36.65 19.81 27.52
C PRO B 746 35.41 20.33 28.24
N GLU B 747 35.59 20.65 29.52
CA GLU B 747 34.45 21.02 30.34
C GLU B 747 33.93 22.42 30.01
N ASN B 748 34.76 23.27 29.40
CA ASN B 748 34.31 24.58 28.95
C ASN B 748 33.17 24.49 27.95
N VAL B 749 33.09 23.39 27.21
CA VAL B 749 32.05 23.23 26.19
C VAL B 749 30.99 22.27 26.69
N LEU B 750 31.39 21.30 27.53
CA LEU B 750 30.44 20.33 28.06
C LEU B 750 29.54 20.94 29.14
N ASN B 751 29.96 22.03 29.78
CA ASN B 751 29.19 22.57 30.89
C ASN B 751 27.88 23.23 30.44
N ASN B 752 27.76 23.57 29.16
CA ASN B 752 26.59 24.29 28.67
C ASN B 752 25.61 23.45 27.87
N LEU B 753 26.02 22.25 27.42
CA LEU B 753 25.15 21.42 26.61
C LEU B 753 23.97 20.92 27.44
N LYS B 754 22.76 21.14 26.93
CA LYS B 754 21.56 20.73 27.65
C LYS B 754 21.29 19.24 27.49
N MET B 755 21.52 18.70 26.29
CA MET B 755 21.25 17.30 26.01
C MET B 755 22.40 16.72 25.21
N LEU B 756 22.67 15.44 25.44
CA LEU B 756 23.77 14.75 24.78
C LEU B 756 23.49 13.26 24.80
N LEU B 757 23.22 12.67 23.63
CA LEU B 757 22.76 11.30 23.52
C LEU B 757 23.88 10.46 22.89
N LEU B 758 24.39 9.50 23.66
CA LEU B 758 25.48 8.63 23.26
C LEU B 758 25.17 7.18 23.60
N HIS B 759 23.98 6.71 23.23
CA HIS B 759 23.53 5.37 23.54
C HIS B 759 23.47 4.52 22.28
N HIS B 760 23.34 3.20 22.50
CA HIS B 760 23.17 2.22 21.43
C HIS B 760 24.35 2.21 20.46
N ASN B 761 25.56 2.34 20.97
CA ASN B 761 26.78 2.35 20.17
C ASN B 761 27.72 1.23 20.63
N ARG B 762 28.94 1.26 20.12
CA ARG B 762 29.90 0.17 20.27
C ARG B 762 31.10 0.57 21.14
N PHE B 763 30.83 1.25 22.26
CA PHE B 763 31.88 1.66 23.17
C PHE B 763 32.72 0.47 23.64
N LEU B 764 34.02 0.53 23.38
CA LEU B 764 34.97 -0.45 23.91
C LEU B 764 35.51 0.08 25.23
N CYS B 765 35.15 -0.58 26.34
CA CYS B 765 35.46 -0.09 27.68
C CYS B 765 36.70 -0.79 28.23
N THR B 766 37.85 -0.42 27.68
CA THR B 766 39.14 -0.90 28.16
C THR B 766 39.86 0.26 28.84
N CYS B 767 41.10 0.04 29.29
CA CYS B 767 41.87 1.07 29.98
C CYS B 767 42.38 2.16 29.04
N ASP B 768 41.87 2.20 27.81
CA ASP B 768 42.29 3.19 26.82
C ASP B 768 41.68 4.56 27.05
N ALA B 769 40.52 4.64 27.72
CA ALA B 769 39.82 5.91 27.92
C ALA B 769 39.41 6.10 29.38
N VAL B 770 40.39 5.95 30.29
CA VAL B 770 40.08 6.03 31.71
C VAL B 770 39.42 7.36 32.06
N TRP B 771 39.84 8.45 31.42
CA TRP B 771 39.23 9.74 31.67
C TRP B 771 37.74 9.70 31.35
N PHE B 772 37.37 9.07 30.24
CA PHE B 772 35.97 8.87 29.90
C PHE B 772 35.22 8.26 31.07
N VAL B 773 35.82 7.25 31.72
CA VAL B 773 35.25 6.70 32.95
C VAL B 773 35.04 7.82 33.97
N TRP B 774 36.14 8.49 34.34
CA TRP B 774 36.05 9.62 35.27
C TRP B 774 35.16 10.73 34.73
N TRP B 775 34.84 10.71 33.44
CA TRP B 775 33.95 11.71 32.88
C TRP B 775 32.50 11.23 32.80
N VAL B 776 32.27 9.92 32.76
CA VAL B 776 30.90 9.45 32.55
C VAL B 776 30.14 9.37 33.87
N GLN B 777 30.81 9.05 34.98
CA GLN B 777 30.15 8.87 36.27
C GLN B 777 30.47 9.99 37.25
N HIS B 778 31.12 11.06 36.80
CA HIS B 778 31.43 12.19 37.66
C HIS B 778 31.05 13.52 37.04
N THR B 779 30.28 13.53 35.95
CA THR B 779 29.83 14.74 35.30
C THR B 779 28.31 14.74 35.21
N GLU B 780 27.72 15.92 35.38
CA GLU B 780 26.28 16.09 35.39
C GLU B 780 25.72 16.47 34.02
N VAL B 781 26.41 16.10 32.94
CA VAL B 781 25.85 16.29 31.61
C VAL B 781 24.72 15.30 31.40
N THR B 782 23.63 15.78 30.80
CA THR B 782 22.41 14.98 30.68
C THR B 782 22.60 13.93 29.59
N ILE B 783 22.73 12.67 30.00
CA ILE B 783 22.83 11.54 29.07
C ILE B 783 21.72 10.56 29.37
N PRO B 784 20.66 10.50 28.57
CA PRO B 784 19.57 9.56 28.85
C PRO B 784 19.98 8.13 28.54
N TYR B 785 19.34 7.20 29.25
CA TYR B 785 19.61 5.77 29.12
C TYR B 785 21.10 5.47 29.33
N LEU B 786 21.68 6.14 30.33
CA LEU B 786 23.11 6.06 30.59
C LEU B 786 23.51 4.75 31.28
N ALA B 787 22.55 3.93 31.71
CA ALA B 787 22.84 2.73 32.46
C ALA B 787 22.28 1.44 31.87
N THR B 788 21.47 1.52 30.82
CA THR B 788 20.84 0.32 30.25
C THR B 788 21.07 0.16 28.76
N ASP B 789 21.11 1.25 28.00
CA ASP B 789 21.24 1.17 26.55
C ASP B 789 22.68 1.32 26.07
N VAL B 790 23.44 2.26 26.62
CA VAL B 790 24.84 2.42 26.26
C VAL B 790 25.64 1.41 27.09
N THR B 791 26.07 0.33 26.44
CA THR B 791 26.77 -0.76 27.09
C THR B 791 28.20 -0.84 26.59
N CYS B 792 28.92 -1.84 27.10
CA CYS B 792 30.31 -2.09 26.71
C CYS B 792 30.37 -3.42 25.99
N VAL B 793 30.87 -3.40 24.75
CA VAL B 793 30.95 -4.63 23.95
C VAL B 793 32.22 -5.42 24.22
N GLY B 794 33.08 -4.95 25.11
CA GLY B 794 34.29 -5.68 25.46
C GLY B 794 35.03 -5.02 26.61
N PRO B 795 36.22 -5.55 26.94
CA PRO B 795 36.79 -6.74 26.31
C PRO B 795 36.54 -8.03 27.11
N GLY B 796 36.03 -9.06 26.44
CA GLY B 796 35.84 -10.34 27.07
C GLY B 796 34.83 -10.34 28.20
N ALA B 797 35.33 -10.43 29.44
CA ALA B 797 34.44 -10.46 30.61
C ALA B 797 33.75 -9.13 30.85
N HIS B 798 34.15 -8.06 30.17
CA HIS B 798 33.55 -6.74 30.34
C HIS B 798 32.48 -6.46 29.29
N LYS B 799 31.81 -7.50 28.80
CA LYS B 799 30.78 -7.34 27.78
C LYS B 799 29.43 -7.05 28.44
N GLY B 800 28.67 -6.16 27.80
CA GLY B 800 27.36 -5.80 28.30
C GLY B 800 27.35 -4.94 29.55
N GLN B 801 28.51 -4.47 30.01
CA GLN B 801 28.55 -3.65 31.20
C GLN B 801 28.16 -2.21 30.89
N SER B 802 27.46 -1.60 31.85
CA SER B 802 27.13 -0.19 31.75
C SER B 802 28.35 0.67 32.06
N VAL B 803 28.49 1.78 31.31
CA VAL B 803 29.62 2.67 31.53
C VAL B 803 29.50 3.42 32.83
N ILE B 804 28.29 3.49 33.41
CA ILE B 804 28.10 4.26 34.63
C ILE B 804 28.67 3.51 35.84
N SER B 805 28.74 2.18 35.78
CA SER B 805 29.26 1.37 36.86
C SER B 805 30.66 0.83 36.57
N LEU B 806 31.48 1.59 35.86
CA LEU B 806 32.80 1.13 35.45
C LEU B 806 33.82 1.45 36.54
N ASP B 807 34.61 0.45 36.92
CA ASP B 807 35.69 0.62 37.91
C ASP B 807 36.79 -0.36 37.57
N LEU B 808 37.81 0.10 36.84
CA LEU B 808 38.99 -0.72 36.53
C LEU B 808 40.10 -0.35 37.51
N TYR B 809 40.21 -1.13 38.58
CA TYR B 809 41.23 -0.89 39.58
C TYR B 809 42.62 -1.28 39.10
N THR B 810 42.72 -2.18 38.12
CA THR B 810 43.99 -2.66 37.61
C THR B 810 44.56 -1.77 36.51
N CYS B 811 44.18 -0.50 36.46
CA CYS B 811 44.70 0.41 35.45
C CYS B 811 45.98 1.12 35.91
N GLU B 812 46.00 1.65 37.13
CA GLU B 812 47.15 2.38 37.66
C GLU B 812 47.58 1.84 39.02
N LEU B 813 47.72 0.52 39.12
CA LEU B 813 48.27 -0.07 40.34
C LEU B 813 49.76 0.25 40.47
#